data_7Y7P
#
_entry.id   7Y7P
#
_cell.length_a   101.949
_cell.length_b   120.201
_cell.length_c   114.857
_cell.angle_alpha   90.000
_cell.angle_beta   109.620
_cell.angle_gamma   90.000
#
_symmetry.space_group_name_H-M   'P 1 21 1'
#
loop_
_entity.id
_entity.type
_entity.pdbx_description
1 polymer 'RNA-dependent RNA polymerase'
2 polymer "RNA (5'-R(*GP*AP*A*CP*UP*AP*UP*GP*GP*UP*CP*GP*GP*A)-3')"
3 polymer "RNA (5'-R(*UP*CP*CP*GP*AP*CP*C)-3')"
4 non-polymer 'CALCIUM ION'
5 non-polymer "5'-O-[(S)-hydroxy{[(S)-hydroxy(phosphonooxy)phosphoryl]amino}phosphoryl]adenosine"
6 non-polymer DI(HYDROXYETHYL)ETHER
7 non-polymer GLYCEROL
8 water water
#
loop_
_entity_poly.entity_id
_entity_poly.type
_entity_poly.pdbx_seq_one_letter_code
_entity_poly.pdbx_strand_id
1 'polypeptide(L)'
;ARSEESARSQVQVHAPVVAARLRNIWPKFPKWLHEAPLAVAWEVTRLFMHCKVDLEDESLGLKYDPSWSTARDVTDIWKT
LYRLDAFRGKPFPEKPPNDVFVTAMTGNFESKGSAVVLSAVLDYNPDNSPTAPLYLVKLKPLMFEQGCRLTRRFGPDRFF
EILIPSPTSTSPSVPPVVSKQPGAVEEVIQWLTMGQHSLVGRQWRAFFAKDAGYRKPLREFQLRAEDPKPIIKERVHFFA
ETGITFRPDVFKTRSVVPAEEPVEQRTEFKVSQMLDWLLQLDNNTWQPHLKLFSRIQLGLSKTYAIMTLEPHQIRHHKTD
LLSPSGTGEVMNDGVGRMSRSVAKRIRDVLGLGDVPSAVQGRFGSAKGMWVIDVDDTGDEDWIETYPSQRKWECDFVDKH
QRTLEVRSVASELKSAGLNLQLLPVLEDRARDKVKMRQAIGDRLINDLQRQFSEQKHALNRPVEFRQWVYESYSSRATRV
SHGRVPFLAGLPDSQEETLNFLMNSGFDPKKQKYLQDIAWDLQKRKCDTLKSKLNIRVGRSAYIYMIADFWGVLEENEVH
VGFSSKFRDEEESFTLLSDCDVLVARSPAHFPSDIQRVRAVFKPELHSLKDVIIFSTKGDVPLAKKLSGGDYDGDMAWVC
WDPEIVDGFVNAEMPLEPDLSRYLKKDKTTFKQLMASHGTGSAAKEQTTYDMIQKSFHFALQPNFLGMCTNYKERLCYIN
NSVSNKPAIILSSLVGNLVDQSKQGIVFNEASWAQLRRELLGGALSLPDPMYKSDSWLGRGEPTHIIDYLKFSIARPAID
KELEAFHNAMKAAKDTEDGAHFWDPDLASYYTFFKEISDKSRSSALLFTTLKNRIGEVEKEYGRLVKNKEMRDSKDPYPV
RVNQVYEKWCAITPEAMDKSGANYDSKVIRLLELSFLADREMNTWALLRASTAFKLYYHKSPKFVWQMAGRQLAYIKAQM
TSRPGEGAPALMTAFMYAGLMPDKKFTKQYVARLEGDGSEYPDPEVYEVLGDDDFDGIGFTGNGDY
;
A,B
2 'polyribonucleotide' GAACUAUGGUCGGA C,E
3 'polyribonucleotide' UCCGACC D,J
#
# COMPACT_ATOMS: atom_id res chain seq x y z
N HIS A 14 -0.63 -36.57 -51.94
CA HIS A 14 0.09 -35.33 -52.35
C HIS A 14 -0.73 -34.62 -53.43
N ALA A 15 -0.85 -33.29 -53.34
CA ALA A 15 -1.57 -32.53 -54.39
C ALA A 15 -0.58 -31.59 -55.07
N PRO A 16 -0.38 -31.68 -56.40
CA PRO A 16 0.64 -30.88 -57.07
C PRO A 16 0.43 -29.37 -57.06
N VAL A 17 -0.79 -28.91 -57.26
CA VAL A 17 -1.00 -27.43 -57.36
C VAL A 17 -0.63 -26.79 -56.03
N VAL A 18 -1.04 -27.41 -54.92
CA VAL A 18 -0.73 -26.87 -53.56
C VAL A 18 0.78 -26.88 -53.38
N ALA A 19 1.43 -27.97 -53.76
CA ALA A 19 2.89 -28.10 -53.56
C ALA A 19 3.65 -27.03 -54.35
N ALA A 20 3.19 -26.73 -55.56
CA ALA A 20 3.94 -25.78 -56.40
C ALA A 20 3.97 -24.42 -55.71
N ARG A 21 2.84 -24.01 -55.12
CA ARG A 21 2.78 -22.67 -54.50
C ARG A 21 3.66 -22.67 -53.25
N LEU A 22 3.83 -23.83 -52.62
CA LEU A 22 4.63 -23.95 -51.37
C LEU A 22 6.14 -24.00 -51.63
N ARG A 23 6.58 -24.15 -52.87
CA ARG A 23 8.04 -24.37 -53.10
C ARG A 23 8.87 -23.22 -52.52
N ASN A 24 8.45 -21.98 -52.72
CA ASN A 24 9.27 -20.84 -52.24
C ASN A 24 8.40 -19.82 -51.53
N ILE A 25 7.95 -20.12 -50.31
CA ILE A 25 7.14 -19.14 -49.52
C ILE A 25 8.04 -18.37 -48.56
N TRP A 26 9.18 -18.95 -48.17
CA TRP A 26 10.05 -18.30 -47.16
C TRP A 26 10.95 -17.25 -47.82
N PRO A 27 11.30 -16.12 -47.17
CA PRO A 27 12.24 -15.16 -47.73
C PRO A 27 13.63 -15.78 -47.94
N LYS A 28 14.26 -15.47 -49.07
CA LYS A 28 15.58 -16.05 -49.40
C LYS A 28 16.70 -15.29 -48.68
N PHE A 29 17.82 -15.96 -48.44
CA PHE A 29 18.97 -15.30 -47.78
C PHE A 29 20.06 -15.05 -48.82
N PRO A 30 20.42 -13.78 -49.06
CA PRO A 30 21.45 -13.44 -50.04
C PRO A 30 22.89 -13.72 -49.58
N LYS A 31 23.83 -13.84 -50.52
CA LYS A 31 25.25 -14.08 -50.19
C LYS A 31 25.83 -12.91 -49.38
N TRP A 32 25.44 -11.68 -49.71
CA TRP A 32 26.01 -10.50 -49.02
C TRP A 32 25.66 -10.54 -47.53
N LEU A 33 24.46 -11.01 -47.20
CA LEU A 33 23.99 -11.02 -45.79
C LEU A 33 24.57 -12.23 -45.05
N HIS A 34 25.29 -13.10 -45.75
CA HIS A 34 25.77 -14.35 -45.10
C HIS A 34 26.67 -14.00 -43.92
N GLU A 35 27.44 -12.92 -44.03
CA GLU A 35 28.41 -12.55 -42.97
C GLU A 35 27.66 -11.90 -41.82
N ALA A 36 26.44 -11.45 -42.06
CA ALA A 36 25.72 -10.69 -41.02
C ALA A 36 25.36 -11.55 -39.82
N PRO A 37 25.39 -11.01 -38.59
CA PRO A 37 24.94 -11.74 -37.42
C PRO A 37 23.45 -12.01 -37.57
N LEU A 38 22.93 -13.04 -36.90
CA LEU A 38 21.51 -13.43 -37.13
C LEU A 38 20.58 -12.25 -36.82
N ALA A 39 20.88 -11.49 -35.78
CA ALA A 39 19.94 -10.42 -35.39
C ALA A 39 19.82 -9.39 -36.52
N VAL A 40 20.95 -8.96 -37.07
CA VAL A 40 20.93 -7.96 -38.15
C VAL A 40 20.26 -8.60 -39.37
N ALA A 41 20.56 -9.87 -39.61
CA ALA A 41 19.99 -10.55 -40.79
C ALA A 41 18.47 -10.59 -40.63
N TRP A 42 18.00 -10.88 -39.43
CA TRP A 42 16.53 -10.97 -39.20
C TRP A 42 15.90 -9.59 -39.41
N GLU A 43 16.56 -8.54 -38.93
CA GLU A 43 15.96 -7.20 -39.00
C GLU A 43 16.09 -6.64 -40.42
N VAL A 44 17.23 -6.87 -41.07
CA VAL A 44 17.40 -6.27 -42.43
C VAL A 44 16.36 -6.89 -43.36
N THR A 45 16.14 -8.20 -43.22
CA THR A 45 15.19 -8.88 -44.13
C THR A 45 13.82 -8.25 -43.89
N ARG A 46 13.51 -7.93 -42.64
CA ARG A 46 12.16 -7.38 -42.32
C ARG A 46 11.93 -6.07 -43.08
N LEU A 47 12.88 -5.14 -43.03
CA LEU A 47 12.70 -3.81 -43.68
C LEU A 47 12.53 -4.01 -45.17
N PHE A 48 13.31 -4.91 -45.75
CA PHE A 48 13.26 -5.10 -47.22
C PHE A 48 11.85 -5.55 -47.56
N MET A 49 11.31 -6.46 -46.75
CA MET A 49 9.96 -7.00 -47.01
C MET A 49 8.92 -5.89 -46.82
N HIS A 50 9.06 -5.08 -45.76
CA HIS A 50 8.13 -4.00 -45.51
C HIS A 50 8.14 -2.96 -46.64
N CYS A 51 9.28 -2.80 -47.32
CA CYS A 51 9.43 -1.80 -48.36
C CYS A 51 9.29 -2.37 -49.77
N LYS A 52 8.96 -3.65 -49.87
CA LYS A 52 8.73 -4.34 -51.17
C LYS A 52 10.05 -4.66 -51.89
N VAL A 53 11.18 -4.12 -51.42
CA VAL A 53 12.47 -4.34 -52.13
C VAL A 53 12.85 -5.81 -52.03
N ASP A 54 13.39 -6.37 -53.10
CA ASP A 54 13.84 -7.79 -53.11
C ASP A 54 15.25 -7.87 -52.50
N LEU A 55 15.48 -8.83 -51.62
CA LEU A 55 16.80 -9.01 -50.98
C LEU A 55 17.83 -9.39 -52.04
N GLU A 56 17.43 -10.20 -53.02
CA GLU A 56 18.38 -10.69 -54.04
C GLU A 56 18.47 -9.70 -55.21
N ASP A 57 17.74 -8.58 -55.14
CA ASP A 57 17.72 -7.63 -56.28
C ASP A 57 19.14 -7.16 -56.56
N GLU A 58 19.57 -7.18 -57.83
CA GLU A 58 20.97 -6.81 -58.18
C GLU A 58 21.02 -5.37 -58.69
N SER A 59 19.88 -4.68 -58.71
CA SER A 59 19.84 -3.29 -59.21
C SER A 59 20.71 -2.40 -58.33
N LEU A 60 20.64 -2.59 -57.02
CA LEU A 60 21.48 -1.78 -56.09
C LEU A 60 22.54 -2.68 -55.45
N LEU A 62 24.12 -4.85 -53.69
CA LEU A 62 24.03 -4.54 -52.24
C LEU A 62 25.26 -5.11 -51.53
N LYS A 63 25.88 -4.32 -50.64
CA LYS A 63 27.12 -4.77 -49.96
C LYS A 63 26.93 -4.67 -48.45
N TYR A 64 27.50 -5.62 -47.69
CA TYR A 64 27.39 -5.60 -46.22
C TYR A 64 28.08 -4.36 -45.66
N ASP A 65 27.47 -3.73 -44.66
CA ASP A 65 28.05 -2.51 -44.04
C ASP A 65 28.67 -2.93 -42.71
N PRO A 66 29.96 -2.67 -42.46
CA PRO A 66 30.61 -3.09 -41.22
C PRO A 66 29.95 -2.43 -40.01
N SER A 67 29.29 -1.30 -40.22
CA SER A 67 28.60 -0.58 -39.11
C SER A 67 27.54 -1.50 -38.50
N TRP A 68 26.88 -2.30 -39.33
CA TRP A 68 25.80 -3.21 -38.85
C TRP A 68 26.40 -4.20 -37.84
N SER A 69 27.61 -4.64 -38.08
CA SER A 69 28.23 -5.66 -37.19
C SER A 69 28.32 -5.10 -35.78
N THR A 70 28.47 -3.81 -35.64
CA THR A 70 28.65 -3.22 -34.30
C THR A 70 27.60 -2.12 -34.11
N ALA A 71 26.32 -2.49 -33.99
CA ALA A 71 25.23 -1.51 -33.85
C ALA A 71 24.40 -1.81 -32.60
N ARG A 72 24.15 -0.79 -31.79
CA ARG A 72 23.29 -0.96 -30.59
C ARG A 72 21.90 -0.42 -30.90
N ASP A 73 21.69 0.15 -32.08
CA ASP A 73 20.33 0.62 -32.46
C ASP A 73 19.99 0.11 -33.85
N VAL A 74 18.80 -0.49 -34.01
CA VAL A 74 18.35 -0.99 -35.33
C VAL A 74 18.19 0.19 -36.27
N THR A 75 17.83 1.36 -35.74
CA THR A 75 17.57 2.55 -36.60
C THR A 75 18.83 2.83 -37.41
N ASP A 76 20.01 2.68 -36.80
CA ASP A 76 21.28 2.96 -37.51
C ASP A 76 21.41 2.03 -38.72
N ILE A 77 21.12 0.74 -38.52
CA ILE A 77 21.20 -0.24 -39.65
C ILE A 77 20.16 0.13 -40.70
N TRP A 78 18.92 0.38 -40.28
CA TRP A 78 17.85 0.64 -41.25
C TRP A 78 18.11 1.95 -41.99
N LYS A 79 18.72 2.92 -41.32
CA LYS A 79 19.00 4.24 -41.94
C LYS A 79 19.95 4.07 -43.12
N THR A 80 20.98 3.22 -42.98
CA THR A 80 21.98 3.09 -44.06
C THR A 80 21.27 2.57 -45.31
N LEU A 81 20.36 1.62 -45.15
CA LEU A 81 19.57 1.09 -46.29
C LEU A 81 18.66 2.18 -46.85
N TYR A 82 18.09 3.03 -45.98
CA TYR A 82 17.11 4.06 -46.44
C TYR A 82 17.78 5.06 -47.37
N ARG A 83 19.11 5.13 -47.32
CA ARG A 83 19.84 6.06 -48.21
C ARG A 83 19.49 5.67 -49.65
N LEU A 84 19.44 4.37 -49.94
CA LEU A 84 18.97 3.97 -51.29
C LEU A 84 17.52 4.42 -51.41
N ASP A 85 17.14 5.01 -52.54
CA ASP A 85 15.77 5.58 -52.71
C ASP A 85 14.72 4.49 -52.62
N ALA A 86 15.06 3.28 -53.03
CA ALA A 86 14.07 2.18 -53.06
C ALA A 86 13.26 2.17 -51.76
N PHE A 87 13.92 2.27 -50.61
CA PHE A 87 13.22 2.18 -49.31
C PHE A 87 12.81 3.57 -48.81
N ARG A 88 13.24 4.64 -49.46
CA ARG A 88 13.01 6.00 -48.91
C ARG A 88 11.53 6.34 -48.77
N GLY A 89 10.69 5.96 -49.73
CA GLY A 89 9.28 6.38 -49.67
C GLY A 89 8.46 5.85 -48.50
N LYS A 90 8.59 4.56 -48.16
CA LYS A 90 7.72 3.96 -47.12
C LYS A 90 8.14 4.37 -45.70
N PRO A 91 7.21 4.50 -44.74
CA PRO A 91 7.56 4.80 -43.35
C PRO A 91 8.20 3.59 -42.68
N PHE A 92 8.98 3.81 -41.62
CA PHE A 92 9.71 2.69 -40.96
C PHE A 92 8.75 1.73 -40.29
N PRO A 93 9.00 0.41 -40.33
CA PRO A 93 8.18 -0.57 -39.63
C PRO A 93 8.49 -0.67 -38.13
N GLU A 94 7.63 -1.35 -37.37
CA GLU A 94 7.88 -1.55 -35.92
C GLU A 94 9.32 -2.03 -35.75
N LYS A 95 10.06 -1.39 -34.83
CA LYS A 95 11.49 -1.71 -34.67
C LYS A 95 11.73 -2.50 -33.37
N PRO A 96 12.73 -3.40 -33.33
CA PRO A 96 13.03 -4.10 -32.10
C PRO A 96 13.52 -3.09 -31.05
N PRO A 97 13.12 -3.19 -29.75
CA PRO A 97 13.65 -2.31 -28.73
C PRO A 97 15.18 -2.44 -28.70
N ASN A 98 15.88 -1.34 -28.39
CA ASN A 98 17.36 -1.34 -28.44
C ASN A 98 17.92 -2.40 -27.48
N ASP A 99 17.32 -2.56 -26.30
CA ASP A 99 17.89 -3.50 -25.30
C ASP A 99 17.88 -4.92 -25.86
N VAL A 100 16.79 -5.31 -26.53
CA VAL A 100 16.69 -6.68 -27.10
C VAL A 100 17.78 -6.81 -28.16
N PHE A 101 17.94 -5.79 -29.00
CA PHE A 101 18.91 -5.89 -30.11
C PHE A 101 20.30 -6.07 -29.52
N VAL A 102 20.61 -5.32 -28.45
CA VAL A 102 21.98 -5.40 -27.88
C VAL A 102 22.20 -6.83 -27.41
N THR A 103 21.20 -7.42 -26.76
CA THR A 103 21.37 -8.79 -26.19
C THR A 103 21.58 -9.78 -27.33
N ALA A 104 20.87 -9.60 -28.43
CA ALA A 104 21.00 -10.55 -29.55
C ALA A 104 22.43 -10.50 -30.10
N MET A 105 22.96 -9.30 -30.31
CA MET A 105 24.35 -9.14 -30.83
C MET A 105 25.44 -9.50 -29.82
N THR A 106 25.30 -9.10 -28.56
CA THR A 106 26.41 -9.29 -27.59
C THR A 106 26.05 -10.19 -26.40
N GLY A 107 24.78 -10.47 -26.16
CA GLY A 107 24.39 -11.24 -24.95
C GLY A 107 24.04 -12.69 -25.18
N ASN A 108 24.23 -13.20 -26.40
CA ASN A 108 23.96 -14.63 -26.71
C ASN A 108 22.47 -14.92 -26.61
N PHE A 109 21.60 -13.96 -26.96
CA PHE A 109 20.16 -14.17 -27.03
C PHE A 109 19.50 -14.40 -25.67
N GLU A 110 20.23 -14.18 -24.57
CA GLU A 110 19.69 -14.37 -23.23
C GLU A 110 20.11 -13.22 -22.33
N SER A 111 19.20 -12.80 -21.45
CA SER A 111 19.47 -11.68 -20.55
C SER A 111 18.60 -11.85 -19.31
N LYS A 112 19.22 -12.08 -18.16
CA LYS A 112 18.52 -12.20 -16.89
C LYS A 112 17.33 -13.15 -17.00
N GLY A 113 17.56 -14.30 -17.65
CA GLY A 113 16.49 -15.30 -17.79
C GLY A 113 15.65 -15.10 -19.05
N SER A 114 15.54 -13.87 -19.52
CA SER A 114 14.76 -13.56 -20.75
C SER A 114 15.50 -14.04 -21.99
N ALA A 115 14.75 -14.42 -23.02
CA ALA A 115 15.35 -14.91 -24.28
C ALA A 115 14.78 -14.15 -25.47
N VAL A 116 15.65 -13.74 -26.40
CA VAL A 116 15.13 -13.08 -27.63
C VAL A 116 14.49 -14.15 -28.50
N VAL A 117 13.31 -13.86 -29.02
CA VAL A 117 12.55 -14.90 -29.75
C VAL A 117 12.39 -14.48 -31.21
N LEU A 118 12.74 -15.37 -32.13
CA LEU A 118 12.52 -15.10 -33.57
C LEU A 118 11.12 -15.63 -33.90
N SER A 119 10.17 -14.73 -34.19
CA SER A 119 8.75 -15.16 -34.40
C SER A 119 8.21 -14.66 -35.74
N ALA A 120 7.25 -15.37 -36.31
CA ALA A 120 6.63 -14.94 -37.58
C ALA A 120 5.12 -15.21 -37.58
N VAL A 121 4.36 -14.46 -38.37
CA VAL A 121 2.90 -14.75 -38.52
C VAL A 121 2.68 -14.95 -40.02
N LEU A 122 1.98 -16.01 -40.39
CA LEU A 122 1.80 -16.33 -41.83
C LEU A 122 0.32 -16.22 -42.17
N ASP A 123 -0.02 -15.64 -43.31
CA ASP A 123 -1.43 -15.57 -43.76
C ASP A 123 -1.49 -16.00 -45.22
N TYR A 124 -2.65 -16.45 -45.70
CA TYR A 124 -2.79 -16.96 -47.09
C TYR A 124 -2.59 -15.81 -48.08
N ASN A 125 -1.88 -16.06 -49.19
CA ASN A 125 -1.72 -15.03 -50.24
C ASN A 125 -3.07 -14.82 -50.92
N PRO A 126 -3.57 -13.58 -51.07
CA PRO A 126 -4.80 -13.34 -51.81
C PRO A 126 -4.61 -13.79 -53.27
N ASP A 127 -3.41 -13.55 -53.82
CA ASP A 127 -3.13 -13.92 -55.23
C ASP A 127 -3.37 -15.42 -55.37
N ASN A 128 -4.06 -15.81 -56.44
CA ASN A 128 -4.37 -17.25 -56.65
C ASN A 128 -3.46 -17.80 -57.74
N SER A 129 -2.45 -17.04 -58.15
CA SER A 129 -1.57 -17.47 -59.26
C SER A 129 -0.89 -18.79 -58.89
N PRO A 130 -0.77 -19.74 -59.84
CA PRO A 130 -0.14 -21.02 -59.56
C PRO A 130 1.34 -20.86 -59.16
N THR A 131 2.05 -19.92 -59.78
CA THR A 131 3.46 -19.67 -59.40
C THR A 131 3.51 -19.16 -57.95
N PRO A 133 3.22 -17.40 -54.01
CA PRO A 133 3.41 -18.18 -52.80
C PRO A 133 2.06 -18.41 -52.10
N LEU A 134 1.79 -19.63 -51.65
CA LEU A 134 0.48 -19.94 -51.02
C LEU A 134 0.33 -19.10 -49.76
N TYR A 135 1.44 -18.93 -49.02
CA TYR A 135 1.37 -18.21 -47.74
C TYR A 135 2.19 -16.92 -47.81
N LEU A 136 1.67 -15.82 -47.27
CA LEU A 136 2.43 -14.55 -47.19
C LEU A 136 3.02 -14.47 -45.79
N VAL A 137 4.30 -14.13 -45.65
CA VAL A 137 4.94 -14.20 -44.30
C VAL A 137 5.41 -12.84 -43.78
N LYS A 138 5.08 -12.51 -42.54
CA LYS A 138 5.63 -11.29 -41.90
C LYS A 138 6.54 -11.77 -40.77
N LEU A 139 7.82 -11.41 -40.81
CA LEU A 139 8.72 -11.77 -39.69
C LEU A 139 8.47 -10.76 -38.58
N LYS A 140 8.13 -11.24 -37.38
CA LYS A 140 7.85 -10.32 -36.26
C LYS A 140 9.18 -9.72 -35.83
N PRO A 141 9.24 -8.50 -35.22
CA PRO A 141 10.52 -7.98 -34.77
C PRO A 141 11.13 -8.83 -33.65
N LEU A 142 12.43 -8.68 -33.42
CA LEU A 142 13.08 -9.40 -32.31
C LEU A 142 12.40 -8.97 -31.00
N MET A 143 12.05 -9.93 -30.16
CA MET A 143 11.34 -9.61 -28.90
C MET A 143 11.93 -10.43 -27.76
N PHE A 144 11.75 -9.97 -26.52
CA PHE A 144 12.25 -10.70 -25.34
C PHE A 144 11.10 -11.51 -24.75
N GLU A 145 11.33 -12.77 -24.42
CA GLU A 145 10.27 -13.58 -23.74
C GLU A 145 10.96 -14.46 -22.70
N GLN A 146 10.27 -14.77 -21.61
CA GLN A 146 10.84 -15.62 -20.55
C GLN A 146 11.36 -16.88 -21.20
N GLY A 147 12.48 -17.39 -20.71
CA GLY A 147 13.08 -18.57 -21.33
C GLY A 147 12.47 -19.86 -20.84
N CYS A 148 12.87 -20.96 -21.45
CA CYS A 148 12.39 -22.28 -21.08
C CYS A 148 13.59 -23.23 -20.99
N ARG A 149 13.31 -24.50 -20.67
CA ARG A 149 14.39 -25.47 -20.54
C ARG A 149 15.14 -25.62 -21.86
N LEU A 150 14.42 -25.74 -22.97
CA LEU A 150 15.07 -26.00 -24.25
C LEU A 150 15.91 -24.81 -24.71
N THR A 151 15.41 -23.59 -24.52
CA THR A 151 16.21 -22.41 -24.87
C THR A 151 17.43 -22.27 -23.98
N ARG A 152 17.32 -22.68 -22.72
CA ARG A 152 18.45 -22.63 -21.80
C ARG A 152 19.48 -23.73 -22.07
N ARG A 153 19.09 -24.78 -22.78
CA ARG A 153 19.96 -25.94 -23.01
C ARG A 153 20.59 -25.94 -24.39
N PHE A 154 19.87 -25.47 -25.42
CA PHE A 154 20.35 -25.53 -26.79
C PHE A 154 20.52 -24.17 -27.44
N GLY A 155 20.07 -23.09 -26.80
CA GLY A 155 20.26 -21.76 -27.32
C GLY A 155 19.00 -21.13 -27.86
N PRO A 156 18.62 -19.97 -27.30
CA PRO A 156 17.42 -19.28 -27.79
C PRO A 156 17.49 -18.94 -29.26
N ASP A 157 18.68 -18.95 -29.87
CA ASP A 157 18.83 -18.64 -31.28
C ASP A 157 18.43 -19.79 -32.19
N ARG A 158 18.29 -21.00 -31.65
CA ARG A 158 18.00 -22.18 -32.45
C ARG A 158 16.50 -22.51 -32.46
N PHE A 159 15.64 -21.53 -32.26
CA PHE A 159 14.21 -21.77 -32.15
C PHE A 159 13.46 -20.70 -32.91
N PHE A 160 12.32 -21.10 -33.49
CA PHE A 160 11.56 -20.25 -34.40
C PHE A 160 10.08 -20.63 -34.28
N GLU A 161 9.24 -19.63 -34.04
CA GLU A 161 7.80 -19.83 -33.88
C GLU A 161 7.05 -19.17 -35.03
N ILE A 162 6.05 -19.87 -35.56
CA ILE A 162 5.21 -19.33 -36.62
C ILE A 162 3.75 -19.56 -36.26
N LEU A 163 2.90 -18.67 -36.74
CA LEU A 163 1.45 -18.80 -36.64
C LEU A 163 0.92 -19.02 -38.05
N ILE A 164 0.71 -20.28 -38.41
CA ILE A 164 0.29 -20.64 -39.76
C ILE A 164 -1.22 -20.89 -39.77
N PRO A 165 -1.93 -20.50 -40.83
CA PRO A 165 -3.36 -20.83 -40.91
C PRO A 165 -3.54 -22.34 -41.06
N SER A 166 -4.47 -22.89 -40.29
CA SER A 166 -4.63 -24.34 -40.24
C SER A 166 -5.14 -24.86 -41.57
N PRO A 167 -4.50 -25.87 -42.16
CA PRO A 167 -5.04 -26.46 -43.39
C PRO A 167 -6.48 -26.95 -43.26
N THR A 168 -6.86 -27.48 -42.10
CA THR A 168 -8.18 -28.07 -41.91
C THR A 168 -9.22 -27.05 -41.48
N SER A 169 -9.19 -25.83 -42.05
CA SER A 169 -10.16 -24.80 -41.71
C SER A 169 -11.39 -24.93 -42.58
N THR A 170 -12.56 -24.90 -41.95
CA THR A 170 -13.85 -24.95 -42.65
C THR A 170 -14.41 -23.56 -42.88
N SER A 171 -13.55 -22.63 -43.27
CA SER A 171 -13.99 -21.23 -43.46
C SER A 171 -14.08 -20.92 -44.95
N PRO A 172 -15.05 -20.08 -45.39
CA PRO A 172 -15.12 -19.68 -46.78
C PRO A 172 -13.83 -18.93 -47.15
N SER A 173 -13.20 -18.29 -46.18
CA SER A 173 -11.99 -17.47 -46.44
C SER A 173 -10.87 -18.35 -47.01
N VAL A 174 -10.89 -19.64 -46.73
CA VAL A 174 -9.75 -20.49 -47.18
C VAL A 174 -9.67 -20.44 -48.70
N PRO A 175 -8.46 -20.32 -49.31
CA PRO A 175 -8.36 -20.32 -50.75
C PRO A 175 -8.87 -21.62 -51.38
N PRO A 176 -9.38 -21.58 -52.63
CA PRO A 176 -9.90 -22.75 -53.30
C PRO A 176 -8.81 -23.80 -53.51
N VAL A 177 -7.57 -23.39 -53.71
CA VAL A 177 -6.52 -24.39 -54.05
C VAL A 177 -6.47 -25.42 -52.93
N VAL A 178 -6.47 -24.98 -51.67
CA VAL A 178 -6.51 -25.97 -50.56
C VAL A 178 -7.87 -26.66 -50.53
N SER A 179 -8.97 -25.91 -50.65
CA SER A 179 -10.33 -26.53 -50.53
C SER A 179 -10.69 -27.44 -51.70
N LYS A 180 -10.45 -27.00 -52.93
CA LYS A 180 -10.85 -27.78 -54.13
C LYS A 180 -10.03 -29.07 -54.23
N GLN A 181 -8.74 -28.99 -53.94
CA GLN A 181 -7.89 -30.20 -54.14
C GLN A 181 -7.82 -30.95 -52.83
N PRO A 182 -8.38 -32.17 -52.73
CA PRO A 182 -8.24 -32.98 -51.54
C PRO A 182 -6.79 -33.46 -51.49
N GLY A 183 -6.27 -33.78 -50.31
CA GLY A 183 -4.85 -34.16 -50.21
C GLY A 183 -4.01 -32.93 -49.98
N ALA A 184 -4.63 -31.76 -50.08
CA ALA A 184 -3.92 -30.49 -49.82
C ALA A 184 -3.46 -30.46 -48.36
N VAL A 185 -4.30 -30.97 -47.46
CA VAL A 185 -3.94 -30.97 -46.02
C VAL A 185 -2.65 -31.77 -45.86
N GLU A 186 -2.55 -32.94 -46.50
CA GLU A 186 -1.36 -33.81 -46.33
C GLU A 186 -0.13 -33.10 -46.89
N GLU A 187 -0.28 -32.38 -48.00
CA GLU A 187 0.89 -31.75 -48.63
C GLU A 187 1.49 -30.69 -47.70
N VAL A 188 0.65 -29.87 -47.08
CA VAL A 188 1.14 -28.80 -46.17
C VAL A 188 1.80 -29.45 -44.94
N ILE A 189 1.19 -30.49 -44.41
CA ILE A 189 1.76 -31.19 -43.23
C ILE A 189 3.10 -31.76 -43.65
N GLN A 190 3.16 -32.38 -44.83
CA GLN A 190 4.45 -32.89 -45.35
C GLN A 190 5.42 -31.72 -45.47
N TRP A 191 4.95 -30.58 -45.98
CA TRP A 191 5.86 -29.43 -46.20
C TRP A 191 6.47 -29.02 -44.86
N LEU A 192 5.68 -29.00 -43.79
CA LEU A 192 6.18 -28.55 -42.47
C LEU A 192 7.03 -29.62 -41.82
N THR A 193 6.67 -30.89 -41.95
CA THR A 193 7.36 -31.95 -41.18
C THR A 193 8.36 -32.82 -41.94
N MET A 194 8.36 -32.81 -43.26
CA MET A 194 9.23 -33.79 -43.98
C MET A 194 10.70 -33.33 -44.02
N GLY A 195 10.94 -32.03 -44.23
CA GLY A 195 12.33 -31.58 -44.41
C GLY A 195 12.61 -30.22 -43.81
N GLN A 196 13.84 -29.75 -43.93
CA GLN A 196 14.24 -28.47 -43.31
C GLN A 196 13.74 -27.26 -44.11
N HIS A 197 13.58 -26.13 -43.43
CA HIS A 197 13.20 -24.88 -44.06
C HIS A 197 14.33 -23.87 -43.89
N SER A 198 14.74 -23.25 -45.00
CA SER A 198 15.86 -22.31 -44.99
C SER A 198 15.37 -20.91 -44.63
N LEU A 199 16.08 -20.25 -43.72
CA LEU A 199 15.73 -18.91 -43.29
C LEU A 199 16.89 -18.28 -42.54
N VAL A 200 17.22 -17.03 -42.89
CA VAL A 200 18.30 -16.28 -42.26
C VAL A 200 19.53 -17.15 -42.05
N GLY A 201 19.83 -18.00 -43.02
CA GLY A 201 21.02 -18.82 -42.98
C GLY A 201 20.96 -20.04 -42.09
N ARG A 202 19.78 -20.44 -41.63
CA ARG A 202 19.63 -21.60 -40.77
C ARG A 202 18.58 -22.54 -41.34
N GLN A 203 18.83 -23.83 -41.21
CA GLN A 203 17.89 -24.86 -41.65
C GLN A 203 17.04 -25.27 -40.45
N TRP A 204 15.76 -24.93 -40.49
CA TRP A 204 14.85 -25.18 -39.38
C TRP A 204 14.01 -26.42 -39.65
N ARG A 205 13.91 -27.28 -38.64
CA ARG A 205 13.06 -28.46 -38.70
C ARG A 205 11.98 -28.34 -37.63
N ALA A 206 10.77 -28.78 -37.96
CA ALA A 206 9.65 -28.67 -37.05
C ALA A 206 9.66 -29.80 -36.03
N PHE A 207 9.22 -29.48 -34.80
CA PHE A 207 9.17 -30.49 -33.74
C PHE A 207 7.98 -30.38 -32.82
N PHE A 208 7.14 -29.35 -32.93
CA PHE A 208 5.97 -29.23 -32.07
C PHE A 208 4.96 -28.32 -32.74
N ALA A 209 3.70 -28.46 -32.33
CA ALA A 209 2.63 -27.63 -32.83
C ALA A 209 1.47 -27.66 -31.85
N LYS A 210 0.85 -26.50 -31.63
CA LYS A 210 -0.28 -26.35 -30.72
C LYS A 210 -1.26 -25.36 -31.32
N ASP A 211 -2.51 -25.47 -30.90
CA ASP A 211 -3.55 -24.59 -31.41
C ASP A 211 -3.37 -23.19 -30.86
N ALA A 212 -3.37 -22.21 -31.76
CA ALA A 212 -3.24 -20.79 -31.34
C ALA A 212 -4.62 -20.15 -31.35
N GLY A 213 -5.64 -20.87 -31.80
CA GLY A 213 -7.02 -20.36 -31.79
C GLY A 213 -7.37 -19.59 -33.05
N TYR A 214 -8.62 -19.12 -33.14
CA TYR A 214 -9.07 -18.35 -34.32
C TYR A 214 -8.38 -16.99 -34.26
N ARG A 215 -7.77 -16.57 -35.35
CA ARG A 215 -6.97 -15.32 -35.29
C ARG A 215 -7.34 -14.40 -36.42
N LYS A 216 -7.09 -13.10 -36.24
CA LYS A 216 -7.38 -12.11 -37.29
C LYS A 216 -6.29 -12.17 -38.33
N PRO A 217 -6.62 -12.36 -39.62
CA PRO A 217 -5.62 -12.35 -40.67
C PRO A 217 -4.98 -10.95 -40.70
N LEU A 218 -3.69 -10.88 -41.00
CA LEU A 218 -2.99 -9.59 -40.95
C LEU A 218 -3.61 -8.61 -41.95
N ARG A 219 -3.91 -7.40 -41.48
CA ARG A 219 -4.50 -6.35 -42.35
C ARG A 219 -3.48 -5.93 -43.40
N GLU A 220 -2.20 -5.91 -43.04
CA GLU A 220 -1.17 -5.42 -43.98
C GLU A 220 -1.22 -6.29 -45.22
N PHE A 221 -1.41 -7.58 -45.05
CA PHE A 221 -1.43 -8.51 -46.20
C PHE A 221 -2.78 -8.46 -46.90
N GLN A 222 -3.87 -8.32 -46.15
CA GLN A 222 -5.21 -8.38 -46.74
C GLN A 222 -5.79 -7.00 -46.99
N PRO A 228 -9.86 -10.43 -43.72
CA PRO A 228 -10.55 -9.74 -42.63
C PRO A 228 -11.47 -10.68 -41.86
N LYS A 229 -11.45 -11.96 -42.20
CA LYS A 229 -12.32 -12.95 -41.53
C LYS A 229 -11.46 -13.86 -40.65
N PRO A 230 -11.81 -14.09 -39.37
CA PRO A 230 -10.97 -14.87 -38.48
C PRO A 230 -10.75 -16.27 -39.03
N ILE A 231 -9.50 -16.75 -38.99
CA ILE A 231 -9.16 -18.11 -39.48
C ILE A 231 -8.41 -18.84 -38.37
N ILE A 232 -8.72 -20.11 -38.14
CA ILE A 232 -7.98 -20.90 -37.11
C ILE A 232 -6.53 -21.03 -37.54
N LYS A 233 -5.61 -20.73 -36.63
CA LYS A 233 -4.18 -20.82 -36.89
C LYS A 233 -3.53 -21.79 -35.92
N GLU A 234 -2.32 -22.20 -36.24
CA GLU A 234 -1.56 -23.15 -35.44
C GLU A 234 -0.16 -22.59 -35.21
N ARG A 235 0.31 -22.68 -33.97
CA ARG A 235 1.68 -22.32 -33.64
C ARG A 235 2.56 -23.55 -33.87
N VAL A 236 3.49 -23.43 -34.82
CA VAL A 236 4.44 -24.49 -35.12
C VAL A 236 5.82 -24.03 -34.68
N HIS A 237 6.51 -24.87 -33.92
CA HIS A 237 7.83 -24.54 -33.40
C HIS A 237 8.89 -25.26 -34.23
N PHE A 238 9.96 -24.53 -34.54
CA PHE A 238 11.06 -25.06 -35.34
C PHE A 238 12.36 -25.01 -34.55
N PHE A 239 13.27 -25.93 -34.90
CA PHE A 239 14.58 -26.00 -34.27
C PHE A 239 15.64 -25.96 -35.37
N ALA A 240 16.65 -25.12 -35.18
CA ALA A 240 17.73 -24.98 -36.16
C ALA A 240 18.63 -26.20 -36.09
N GLU A 241 18.43 -27.15 -37.00
CA GLU A 241 19.28 -28.34 -37.04
C GLU A 241 20.66 -28.01 -37.56
N THR A 242 20.76 -27.14 -38.56
CA THR A 242 22.05 -26.74 -39.10
C THR A 242 21.92 -25.35 -39.70
N GLY A 243 23.08 -24.74 -39.97
CA GLY A 243 23.14 -23.42 -40.57
C GLY A 243 24.48 -23.23 -41.22
N ILE A 244 24.65 -22.05 -41.83
CA ILE A 244 25.89 -21.75 -42.54
C ILE A 244 27.06 -21.72 -41.56
N THR A 245 26.89 -21.06 -40.42
CA THR A 245 27.94 -20.97 -39.41
C THR A 245 28.05 -22.22 -38.55
N PHE A 246 27.14 -23.17 -38.68
CA PHE A 246 27.13 -24.33 -37.81
C PHE A 246 28.31 -25.24 -38.11
N ARG A 247 28.76 -25.97 -37.09
CA ARG A 247 29.97 -26.79 -37.16
C ARG A 247 29.62 -28.26 -37.04
N PRO A 248 30.15 -29.12 -37.91
CA PRO A 248 29.87 -30.55 -37.79
C PRO A 248 30.63 -31.16 -36.61
N ASP A 249 30.10 -32.29 -36.14
CA ASP A 249 30.73 -33.06 -35.07
C ASP A 249 29.85 -34.23 -34.65
N GLU A 261 28.54 -23.66 -28.35
CA GLU A 261 28.33 -22.76 -27.17
C GLU A 261 28.03 -21.32 -27.63
N PRO A 262 28.86 -20.67 -28.48
CA PRO A 262 28.51 -19.34 -28.99
C PRO A 262 27.38 -19.44 -30.03
N VAL A 263 26.52 -18.42 -30.10
CA VAL A 263 25.37 -18.43 -31.04
C VAL A 263 25.91 -18.49 -32.47
N GLU A 264 27.00 -17.77 -32.74
CA GLU A 264 27.59 -17.73 -34.11
C GLU A 264 28.33 -19.02 -34.43
N GLN A 265 28.63 -19.87 -33.44
CA GLN A 265 29.28 -21.17 -33.76
C GLN A 265 28.57 -22.32 -33.05
N ARG A 266 27.35 -22.66 -33.48
CA ARG A 266 26.61 -23.81 -32.89
C ARG A 266 27.04 -25.11 -33.58
N THR A 267 26.81 -26.25 -32.94
CA THR A 267 27.17 -27.55 -33.55
C THR A 267 25.89 -28.21 -34.09
N GLU A 268 25.98 -28.84 -35.25
CA GLU A 268 24.81 -29.48 -35.84
C GLU A 268 24.18 -30.45 -34.86
N PHE A 269 22.85 -30.47 -34.84
CA PHE A 269 22.09 -31.32 -33.94
C PHE A 269 20.71 -31.54 -34.54
N LYS A 270 20.27 -32.79 -34.57
CA LYS A 270 19.00 -33.16 -35.19
C LYS A 270 17.85 -33.03 -34.19
N VAL A 271 16.68 -32.68 -34.71
CA VAL A 271 15.49 -32.58 -33.88
C VAL A 271 15.27 -33.89 -33.12
N SER A 272 15.53 -35.02 -33.78
CA SER A 272 15.39 -36.31 -33.11
C SER A 272 16.30 -36.40 -31.88
N GLN A 273 17.35 -35.60 -31.86
CA GLN A 273 18.31 -35.68 -30.74
C GLN A 273 17.87 -34.77 -29.58
N MET A 274 17.37 -33.57 -29.88
CA MET A 274 16.89 -32.63 -28.83
C MET A 274 15.73 -33.30 -28.12
N LEU A 275 14.84 -33.92 -28.88
CA LEU A 275 13.67 -34.59 -28.30
C LEU A 275 14.12 -35.78 -27.45
N ASP A 276 15.14 -36.50 -27.89
CA ASP A 276 15.67 -37.64 -27.10
C ASP A 276 16.23 -37.13 -25.78
N TRP A 277 16.90 -36.00 -25.80
CA TRP A 277 17.47 -35.42 -24.57
C TRP A 277 16.33 -35.07 -23.61
N LEU A 278 15.23 -34.55 -24.12
CA LEU A 278 14.13 -34.11 -23.24
C LEU A 278 13.31 -35.30 -22.78
N LEU A 279 12.76 -36.07 -23.71
CA LEU A 279 11.82 -37.15 -23.34
C LEU A 279 12.51 -38.47 -22.96
N GLN A 280 13.80 -38.61 -23.20
CA GLN A 280 14.48 -39.90 -22.93
C GLN A 280 13.65 -41.01 -23.56
N LEU A 281 13.51 -41.00 -24.88
CA LEU A 281 12.57 -41.92 -25.59
C LEU A 281 12.86 -43.40 -25.32
N ASP A 282 14.12 -43.81 -25.22
CA ASP A 282 14.44 -45.24 -25.04
C ASP A 282 13.65 -45.82 -23.86
N ASN A 283 13.62 -45.14 -22.73
CA ASN A 283 12.92 -45.63 -21.55
C ASN A 283 11.45 -45.20 -21.53
N ASN A 284 10.92 -44.69 -22.64
CA ASN A 284 9.55 -44.21 -22.67
C ASN A 284 8.83 -44.63 -23.95
N THR A 285 9.27 -45.73 -24.59
CA THR A 285 8.59 -46.23 -25.77
C THR A 285 7.22 -46.80 -25.45
N TRP A 286 6.93 -47.07 -24.18
CA TRP A 286 5.67 -47.65 -23.76
C TRP A 286 4.53 -46.63 -23.72
N GLN A 287 4.83 -45.33 -23.78
CA GLN A 287 3.79 -44.32 -23.75
C GLN A 287 3.13 -44.19 -25.12
N PRO A 288 1.83 -43.91 -25.17
CA PRO A 288 1.22 -43.53 -26.44
C PRO A 288 1.92 -42.31 -27.02
N HIS A 289 2.31 -42.41 -28.30
CA HIS A 289 3.21 -41.41 -28.86
C HIS A 289 2.58 -40.02 -28.89
N LEU A 290 1.25 -39.94 -29.01
CA LEU A 290 0.60 -38.62 -29.00
C LEU A 290 0.76 -37.95 -27.64
N LYS A 291 0.77 -38.71 -26.54
CA LYS A 291 0.98 -38.10 -25.21
C LYS A 291 2.45 -37.69 -25.02
N LEU A 292 3.37 -38.49 -25.54
CA LEU A 292 4.81 -38.17 -25.45
C LEU A 292 5.07 -36.89 -26.23
N PHE A 293 4.42 -36.72 -27.37
CA PHE A 293 4.53 -35.46 -28.15
C PHE A 293 3.99 -34.32 -27.29
N SER A 294 2.94 -34.59 -26.53
CA SER A 294 2.31 -33.55 -25.68
C SER A 294 3.33 -33.03 -24.67
N ARG A 295 4.19 -33.91 -24.16
CA ARG A 295 5.15 -33.51 -23.12
C ARG A 295 6.24 -32.58 -23.67
N ILE A 296 6.30 -32.34 -24.98
CA ILE A 296 7.27 -31.39 -25.49
C ILE A 296 7.01 -29.99 -24.97
N GLN A 297 5.77 -29.69 -24.57
CA GLN A 297 5.46 -28.38 -24.02
C GLN A 297 6.17 -28.14 -22.70
N LEU A 298 6.48 -29.21 -21.96
CA LEU A 298 7.16 -29.04 -20.67
C LEU A 298 8.56 -28.48 -20.85
N GLY A 299 9.19 -28.74 -22.00
CA GLY A 299 10.45 -28.09 -22.32
C GLY A 299 10.32 -26.71 -22.89
N LEU A 300 9.11 -26.33 -23.32
CA LEU A 300 8.84 -25.00 -23.85
C LEU A 300 8.13 -24.11 -22.85
N SER A 301 7.72 -24.64 -21.70
CA SER A 301 7.09 -23.81 -20.67
C SER A 301 8.02 -22.68 -20.26
N LYS A 302 7.50 -21.46 -20.28
CA LYS A 302 8.27 -20.29 -19.87
C LYS A 302 8.40 -20.29 -18.36
N THR A 303 9.62 -20.43 -17.87
CA THR A 303 9.88 -20.60 -16.44
C THR A 303 11.19 -19.91 -16.07
N TYR A 304 11.28 -19.52 -14.79
CA TYR A 304 12.52 -19.00 -14.23
C TYR A 304 13.33 -20.15 -13.66
N ALA A 305 14.61 -20.20 -14.01
CA ALA A 305 15.52 -21.18 -13.41
C ALA A 305 15.98 -20.68 -12.05
N ILE A 306 15.80 -21.52 -11.02
CA ILE A 306 16.10 -21.12 -9.66
C ILE A 306 17.44 -21.71 -9.22
N MET A 307 17.56 -23.03 -9.28
CA MET A 307 18.71 -23.72 -8.71
C MET A 307 18.83 -25.11 -9.30
N THR A 308 20.02 -25.70 -9.17
CA THR A 308 20.30 -27.05 -9.64
C THR A 308 20.60 -27.92 -8.42
N LEU A 309 19.68 -28.84 -8.12
CA LEU A 309 19.86 -29.74 -7.00
C LEU A 309 20.81 -30.87 -7.38
N GLU A 310 21.57 -31.35 -6.39
CA GLU A 310 22.45 -32.48 -6.60
C GLU A 310 21.66 -33.78 -6.51
N PRO A 311 22.16 -34.84 -7.14
CA PRO A 311 21.43 -36.13 -7.11
C PRO A 311 21.09 -36.58 -5.70
N HIS A 312 22.02 -36.46 -4.75
CA HIS A 312 21.76 -36.89 -3.39
C HIS A 312 20.74 -36.00 -2.67
N GLN A 313 20.24 -34.95 -3.33
CA GLN A 313 19.27 -34.04 -2.73
C GLN A 313 17.86 -34.26 -3.28
N ILE A 314 17.65 -35.28 -4.09
CA ILE A 314 16.36 -35.54 -4.74
C ILE A 314 15.80 -36.85 -4.22
N ARG A 315 14.57 -36.80 -3.70
CA ARG A 315 13.89 -37.96 -3.14
C ARG A 315 12.76 -38.35 -4.09
N HIS A 316 13.06 -39.29 -5.00
CA HIS A 316 12.09 -39.77 -5.98
C HIS A 316 11.21 -40.83 -5.34
N HIS A 317 10.01 -40.44 -4.95
CA HIS A 317 9.07 -41.42 -4.40
C HIS A 317 8.57 -42.34 -5.50
N LYS A 318 8.40 -43.61 -5.18
CA LYS A 318 7.94 -44.60 -6.13
C LYS A 318 6.45 -44.88 -6.04
N THR A 319 5.81 -44.49 -4.94
CA THR A 319 4.38 -44.66 -4.76
C THR A 319 3.77 -43.34 -4.31
N ASP A 320 2.66 -42.97 -4.93
CA ASP A 320 1.98 -41.70 -4.57
C ASP A 320 1.25 -41.88 -3.24
N LEU A 321 0.79 -40.79 -2.63
CA LEU A 321 -0.03 -40.93 -1.41
C LEU A 321 -1.35 -41.56 -1.85
N LEU A 322 -1.80 -42.59 -1.14
CA LEU A 322 -3.00 -43.32 -1.59
C LEU A 322 -4.11 -43.25 -0.53
N SER A 323 -5.35 -43.49 -0.94
CA SER A 323 -6.49 -43.36 0.00
C SER A 323 -6.30 -44.29 1.18
N PRO A 324 -6.57 -43.83 2.42
CA PRO A 324 -6.49 -44.71 3.58
C PRO A 324 -7.60 -45.76 3.44
N SER A 325 -8.66 -45.43 2.70
CA SER A 325 -9.80 -46.36 2.49
C SER A 325 -9.37 -47.63 1.79
N GLY A 326 -8.48 -47.53 0.79
CA GLY A 326 -8.02 -48.71 0.05
C GLY A 326 -8.52 -48.67 -1.37
N THR A 327 -9.22 -47.60 -1.74
CA THR A 327 -9.72 -47.45 -3.09
C THR A 327 -8.62 -47.33 -4.13
N GLY A 328 -7.36 -47.19 -3.69
CA GLY A 328 -6.27 -46.97 -4.61
C GLY A 328 -6.22 -45.60 -5.25
N GLU A 329 -7.14 -44.71 -4.88
CA GLU A 329 -7.13 -43.37 -5.46
C GLU A 329 -5.94 -42.58 -4.95
N VAL A 330 -5.29 -41.84 -5.86
CA VAL A 330 -4.17 -40.98 -5.49
C VAL A 330 -4.71 -39.72 -4.83
N MET A 331 -4.06 -39.31 -3.74
CA MET A 331 -4.51 -38.18 -2.95
C MET A 331 -3.58 -36.97 -3.01
N ASN A 332 -2.49 -37.05 -3.77
CA ASN A 332 -1.51 -35.97 -3.86
C ASN A 332 -1.10 -35.73 -5.30
N ASP A 333 -2.05 -35.85 -6.23
CA ASP A 333 -1.76 -35.75 -7.65
C ASP A 333 -1.05 -34.45 -8.03
N GLY A 334 0.24 -34.55 -8.35
CA GLY A 334 0.98 -33.42 -8.88
C GLY A 334 1.60 -32.49 -7.85
N VAL A 335 1.50 -32.79 -6.56
CA VAL A 335 2.03 -31.94 -5.51
C VAL A 335 3.05 -32.72 -4.70
N GLY A 336 4.20 -32.09 -4.44
CA GLY A 336 5.22 -32.70 -3.61
C GLY A 336 5.83 -31.69 -2.66
N ARG A 337 6.64 -32.19 -1.74
CA ARG A 337 7.26 -31.37 -0.71
C ARG A 337 8.61 -30.85 -1.17
N MET A 338 9.03 -29.74 -0.55
CA MET A 338 10.32 -29.15 -0.81
C MET A 338 10.84 -28.54 0.49
N SER A 339 12.16 -28.40 0.58
CA SER A 339 12.77 -27.90 1.80
C SER A 339 12.55 -26.39 1.93
N ARG A 340 12.67 -25.90 3.17
CA ARG A 340 12.64 -24.47 3.40
C ARG A 340 13.79 -23.78 2.67
N SER A 341 14.96 -24.41 2.66
CA SER A 341 16.11 -23.81 1.99
C SER A 341 15.84 -23.61 0.50
N VAL A 342 15.16 -24.58 -0.13
CA VAL A 342 14.80 -24.42 -1.53
C VAL A 342 13.85 -23.24 -1.70
N ALA A 343 12.85 -23.15 -0.83
CA ALA A 343 11.92 -22.01 -0.90
C ALA A 343 12.65 -20.69 -0.74
N LYS A 344 13.62 -20.63 0.18
CA LYS A 344 14.35 -19.39 0.40
C LYS A 344 15.10 -18.96 -0.86
N ARG A 345 15.72 -19.93 -1.55
CA ARG A 345 16.44 -19.59 -2.78
C ARG A 345 15.49 -19.05 -3.84
N ILE A 346 14.27 -19.61 -3.91
CA ILE A 346 13.27 -19.06 -4.82
C ILE A 346 13.03 -17.59 -4.52
N ARG A 347 12.81 -17.28 -3.25
CA ARG A 347 12.58 -15.87 -2.86
C ARG A 347 13.78 -15.03 -3.25
N ASP A 348 14.98 -15.53 -2.96
CA ASP A 348 16.20 -14.74 -3.23
C ASP A 348 16.41 -14.52 -4.73
N VAL A 349 16.21 -15.55 -5.54
CA VAL A 349 16.43 -15.44 -7.01
C VAL A 349 15.38 -14.52 -7.63
N LEU A 350 14.13 -14.62 -7.18
CA LEU A 350 13.05 -13.82 -7.80
C LEU A 350 12.79 -12.51 -7.03
N GLY A 351 13.50 -12.27 -5.93
CA GLY A 351 13.30 -11.04 -5.13
C GLY A 351 11.88 -10.96 -4.62
N LEU A 352 11.33 -12.08 -4.17
CA LEU A 352 9.91 -12.12 -3.75
C LEU A 352 9.65 -11.24 -2.52
N GLY A 353 10.55 -11.21 -1.56
CA GLY A 353 10.37 -10.40 -0.34
C GLY A 353 9.71 -11.18 0.77
N ASP A 354 9.16 -12.34 0.45
CA ASP A 354 8.61 -13.25 1.48
C ASP A 354 8.82 -14.65 0.96
N VAL A 355 8.98 -15.64 1.83
CA VAL A 355 9.29 -17.01 1.35
C VAL A 355 8.00 -17.64 0.84
N PRO A 356 7.97 -18.13 -0.41
CA PRO A 356 6.74 -18.68 -0.99
C PRO A 356 6.30 -20.02 -0.38
N SER A 357 5.06 -20.12 0.12
CA SER A 357 4.64 -21.39 0.71
C SER A 357 4.57 -22.50 -0.33
N ALA A 358 4.19 -22.16 -1.56
CA ALA A 358 4.07 -23.14 -2.63
C ALA A 358 4.43 -22.49 -3.95
N VAL A 359 4.86 -23.31 -4.90
CA VAL A 359 5.31 -22.85 -6.20
C VAL A 359 4.82 -23.81 -7.27
N GLN A 360 4.59 -23.27 -8.46
CA GLN A 360 4.25 -24.05 -9.64
C GLN A 360 5.46 -24.09 -10.56
N GLY A 361 5.99 -25.29 -10.79
CA GLY A 361 7.19 -25.41 -11.57
C GLY A 361 7.34 -26.78 -12.21
N ARG A 362 8.48 -26.98 -12.85
CA ARG A 362 8.84 -28.24 -13.48
C ARG A 362 10.22 -28.65 -13.02
N PHE A 363 10.40 -29.95 -12.77
CA PHE A 363 11.68 -30.49 -12.32
C PHE A 363 11.93 -31.78 -13.10
N GLY A 364 12.71 -31.68 -14.17
CA GLY A 364 12.93 -32.83 -15.03
C GLY A 364 11.61 -33.30 -15.61
N SER A 365 11.28 -34.57 -15.37
CA SER A 365 10.00 -35.12 -15.80
C SER A 365 8.85 -34.68 -14.93
N ALA A 366 9.12 -34.01 -13.82
CA ALA A 366 8.10 -33.67 -12.84
C ALA A 366 7.41 -32.35 -13.21
N LYS A 367 6.08 -32.37 -13.21
CA LYS A 367 5.27 -31.18 -13.41
C LYS A 367 4.27 -31.05 -12.27
N GLY A 368 4.09 -29.85 -11.76
CA GLY A 368 3.09 -29.63 -10.73
C GLY A 368 3.47 -28.61 -9.67
N MET A 369 3.05 -28.87 -8.44
CA MET A 369 3.23 -27.97 -7.31
C MET A 369 4.25 -28.54 -6.33
N TRP A 370 4.97 -27.63 -5.66
CA TRP A 370 5.87 -27.99 -4.57
C TRP A 370 5.61 -27.07 -3.39
N VAL A 371 5.42 -27.66 -2.22
CA VAL A 371 5.05 -26.94 -1.01
C VAL A 371 6.11 -27.19 0.06
N ILE A 372 6.29 -26.21 0.93
CA ILE A 372 7.30 -26.31 1.99
C ILE A 372 6.91 -27.42 2.96
N ASP A 373 7.89 -28.22 3.36
CA ASP A 373 7.70 -29.18 4.43
C ASP A 373 7.66 -28.44 5.76
N VAL A 374 6.50 -28.48 6.43
CA VAL A 374 6.36 -27.80 7.72
C VAL A 374 7.21 -28.44 8.81
N ASP A 375 7.83 -29.58 8.53
CA ASP A 375 8.60 -30.32 9.52
C ASP A 375 10.11 -30.20 9.33
N ASP A 376 10.57 -29.45 8.32
CA ASP A 376 11.99 -29.34 8.04
C ASP A 376 12.63 -28.34 9.00
N THR A 377 13.55 -28.80 9.84
CA THR A 377 14.26 -27.95 10.78
C THR A 377 15.71 -27.70 10.38
N GLY A 378 16.22 -28.37 9.34
CA GLY A 378 17.58 -28.18 8.90
C GLY A 378 17.68 -27.15 7.79
N ASP A 379 18.92 -26.93 7.35
CA ASP A 379 19.21 -26.02 6.25
C ASP A 379 19.76 -26.77 5.03
N GLU A 380 19.39 -28.04 4.89
CA GLU A 380 19.84 -28.86 3.78
C GLU A 380 18.84 -28.81 2.64
N ASP A 381 19.35 -28.61 1.43
CA ASP A 381 18.47 -28.53 0.26
C ASP A 381 17.95 -29.90 -0.11
N TRP A 382 16.65 -30.00 -0.37
CA TRP A 382 16.09 -31.26 -0.85
C TRP A 382 14.72 -30.99 -1.48
N ILE A 383 14.40 -31.80 -2.48
CA ILE A 383 13.11 -31.78 -3.16
C ILE A 383 12.67 -33.22 -3.35
N GLU A 384 11.37 -33.42 -3.47
CA GLU A 384 10.83 -34.76 -3.69
C GLU A 384 9.90 -34.75 -4.89
N THR A 385 9.91 -35.85 -5.65
CA THR A 385 9.02 -36.04 -6.77
C THR A 385 8.11 -37.23 -6.50
N TYR A 386 6.96 -37.23 -7.17
CA TYR A 386 5.99 -38.31 -7.02
C TYR A 386 5.61 -38.84 -8.38
N PRO A 387 5.18 -40.10 -8.46
CA PRO A 387 4.75 -40.65 -9.76
C PRO A 387 3.75 -39.74 -10.46
N SER A 388 2.74 -39.27 -9.75
CA SER A 388 1.75 -38.39 -10.36
C SER A 388 2.38 -37.15 -11.00
N GLN A 389 3.58 -36.78 -10.58
CA GLN A 389 4.27 -35.60 -11.11
C GLN A 389 5.10 -35.93 -12.34
N ARG A 390 5.82 -37.05 -12.32
CA ARG A 390 6.78 -37.38 -13.38
C ARG A 390 6.03 -37.83 -14.63
N LYS A 391 6.11 -37.03 -15.69
CA LYS A 391 5.37 -37.31 -16.91
C LYS A 391 6.08 -38.27 -17.85
N TRP A 392 7.39 -38.50 -17.64
CA TRP A 392 8.10 -39.56 -18.34
C TRP A 392 9.17 -40.10 -17.41
N GLU A 393 9.78 -41.21 -17.82
CA GLU A 393 10.86 -41.81 -17.04
C GLU A 393 12.14 -41.05 -17.32
N CYS A 394 12.67 -40.38 -16.31
CA CYS A 394 13.84 -39.54 -16.43
C CYS A 394 14.92 -40.03 -15.48
N ASP A 395 16.18 -39.87 -15.90
CA ASP A 395 17.29 -40.30 -15.05
C ASP A 395 17.80 -39.17 -14.15
N PHE A 396 17.47 -37.92 -14.45
CA PHE A 396 17.85 -36.78 -13.63
C PHE A 396 19.37 -36.73 -13.45
N VAL A 397 20.07 -36.73 -14.58
CA VAL A 397 21.52 -36.69 -14.60
C VAL A 397 22.02 -35.34 -15.11
N ASP A 398 21.57 -34.93 -16.29
CA ASP A 398 21.94 -33.62 -16.79
C ASP A 398 21.51 -32.54 -15.80
N LYS A 399 22.31 -31.47 -15.73
CA LYS A 399 21.98 -30.37 -14.83
C LYS A 399 20.62 -29.77 -15.17
N HIS A 400 20.29 -29.69 -16.46
CA HIS A 400 19.02 -29.11 -16.87
C HIS A 400 17.84 -30.02 -16.54
N GLN A 401 18.07 -31.31 -16.35
CA GLN A 401 17.04 -32.22 -15.87
C GLN A 401 16.96 -32.25 -14.34
N ARG A 402 17.87 -31.56 -13.66
CA ARG A 402 17.84 -31.44 -12.20
C ARG A 402 17.67 -30.00 -11.76
N THR A 403 17.15 -29.14 -12.63
CA THR A 403 16.98 -27.73 -12.34
C THR A 403 15.52 -27.43 -12.03
N LEU A 404 15.28 -26.75 -10.90
CA LEU A 404 13.94 -26.34 -10.52
C LEU A 404 13.56 -25.11 -11.33
N GLU A 405 12.65 -25.29 -12.28
CA GLU A 405 12.11 -24.19 -13.07
C GLU A 405 10.77 -23.78 -12.46
N VAL A 406 10.64 -22.51 -12.11
CA VAL A 406 9.46 -21.99 -11.43
C VAL A 406 8.68 -21.15 -12.42
N ARG A 407 7.40 -21.48 -12.60
CA ARG A 407 6.53 -20.71 -13.47
C ARG A 407 5.63 -19.74 -12.72
N SER A 408 5.33 -20.01 -11.45
CA SER A 408 4.48 -19.13 -10.66
C SER A 408 4.67 -19.44 -9.19
N VAL A 409 4.34 -18.45 -8.35
CA VAL A 409 4.50 -18.60 -6.88
C VAL A 409 3.16 -18.25 -6.23
N ALA A 410 2.82 -18.87 -5.10
CA ALA A 410 1.60 -18.47 -4.38
C ALA A 410 1.79 -17.04 -3.95
N SER A 411 0.81 -16.19 -4.21
CA SER A 411 1.02 -14.75 -3.96
C SER A 411 -0.20 -14.15 -3.29
N GLU A 412 -0.15 -12.83 -3.04
CA GLU A 412 -1.25 -12.16 -2.32
C GLU A 412 -2.56 -12.44 -3.03
N LEU A 413 -3.58 -12.78 -2.25
CA LEU A 413 -4.86 -13.17 -2.85
C LEU A 413 -5.73 -11.95 -3.15
N LYS A 414 -6.48 -12.00 -4.25
CA LYS A 414 -7.39 -10.91 -4.64
C LYS A 414 -8.82 -11.46 -4.66
N SER A 415 -9.81 -10.59 -4.50
CA SER A 415 -11.23 -11.02 -4.45
C SER A 415 -11.68 -11.53 -5.81
N ALA A 416 -12.49 -12.59 -5.80
CA ALA A 416 -13.00 -13.15 -7.05
C ALA A 416 -14.46 -12.77 -7.22
N GLY A 417 -15.03 -13.14 -8.38
CA GLY A 417 -16.42 -12.92 -8.64
C GLY A 417 -17.11 -14.20 -9.09
N LEU A 418 -18.39 -14.06 -9.42
CA LEU A 418 -19.13 -15.14 -10.02
C LEU A 418 -18.99 -15.09 -11.54
N ASN A 419 -19.26 -16.22 -12.18
CA ASN A 419 -19.26 -16.32 -13.63
C ASN A 419 -20.47 -17.11 -14.08
N LEU A 420 -20.79 -17.00 -15.36
CA LEU A 420 -22.00 -17.61 -15.88
C LEU A 420 -22.04 -19.11 -15.68
N GLN A 421 -20.89 -19.76 -15.51
CA GLN A 421 -20.86 -21.21 -15.39
C GLN A 421 -21.27 -21.69 -14.00
N LEU A 422 -20.98 -20.91 -12.96
CA LEU A 422 -21.31 -21.30 -11.60
C LEU A 422 -22.77 -21.07 -11.25
N LEU A 423 -23.44 -20.14 -11.94
CA LEU A 423 -24.81 -19.78 -11.58
C LEU A 423 -25.77 -20.94 -11.74
N PRO A 424 -25.91 -21.57 -12.91
CA PRO A 424 -26.82 -22.72 -13.02
C PRO A 424 -26.54 -23.81 -11.99
N VAL A 425 -25.27 -24.08 -11.71
CA VAL A 425 -24.93 -25.17 -10.77
C VAL A 425 -25.33 -24.73 -9.38
N LEU A 426 -25.14 -23.45 -9.08
CA LEU A 426 -25.53 -22.89 -7.76
C LEU A 426 -27.04 -22.99 -7.59
N GLU A 427 -27.80 -22.67 -8.65
CA GLU A 427 -29.27 -22.81 -8.61
C GLU A 427 -29.65 -24.28 -8.42
N ASP A 428 -28.98 -25.20 -9.12
CA ASP A 428 -29.37 -26.63 -9.05
C ASP A 428 -29.15 -27.17 -7.64
N ARG A 429 -28.05 -26.77 -6.98
CA ARG A 429 -27.75 -27.38 -5.66
C ARG A 429 -28.30 -26.49 -4.55
N ALA A 430 -29.05 -25.47 -4.90
CA ALA A 430 -29.71 -24.62 -3.87
C ALA A 430 -30.78 -25.42 -3.14
N ARG A 431 -30.94 -25.20 -1.85
CA ARG A 431 -32.07 -25.84 -1.12
C ARG A 431 -33.31 -25.05 -1.54
N ASP A 432 -33.17 -23.74 -1.61
CA ASP A 432 -34.28 -22.87 -2.10
C ASP A 432 -33.77 -22.07 -3.29
N LYS A 433 -34.22 -22.42 -4.50
CA LYS A 433 -33.76 -21.73 -5.72
C LYS A 433 -34.21 -20.28 -5.67
N VAL A 434 -35.45 -20.04 -5.27
CA VAL A 434 -35.99 -18.64 -5.30
C VAL A 434 -35.19 -17.77 -4.32
N LYS A 435 -34.92 -18.28 -3.13
CA LYS A 435 -34.19 -17.47 -2.13
C LYS A 435 -32.87 -17.01 -2.75
N MET A 436 -32.05 -17.96 -3.22
CA MET A 436 -30.71 -17.59 -3.72
C MET A 436 -30.82 -16.68 -4.95
N ARG A 437 -31.86 -16.84 -5.76
CA ARG A 437 -31.88 -16.01 -6.99
C ARG A 437 -31.92 -14.54 -6.57
N GLN A 438 -32.79 -14.23 -5.60
CA GLN A 438 -32.88 -12.84 -5.08
C GLN A 438 -31.61 -12.52 -4.29
N ALA A 439 -31.13 -13.47 -3.49
CA ALA A 439 -29.95 -13.23 -2.64
C ALA A 439 -28.76 -12.81 -3.50
N ILE A 440 -28.48 -13.57 -4.55
CA ILE A 440 -27.34 -13.26 -5.45
C ILE A 440 -27.63 -11.91 -6.11
N GLY A 441 -28.87 -11.69 -6.50
CA GLY A 441 -29.24 -10.43 -7.15
C GLY A 441 -29.00 -9.28 -6.21
N ASP A 442 -29.17 -9.52 -4.90
CA ASP A 442 -28.92 -8.48 -3.93
C ASP A 442 -27.46 -8.04 -3.98
N ARG A 443 -26.53 -9.00 -3.92
CA ARG A 443 -25.11 -8.68 -4.06
C ARG A 443 -24.86 -7.79 -5.26
N LEU A 444 -25.58 -8.03 -6.36
CA LEU A 444 -25.37 -7.25 -7.57
C LEU A 444 -25.84 -5.81 -7.40
N ILE A 445 -27.07 -5.63 -6.92
CA ILE A 445 -27.61 -4.27 -6.80
C ILE A 445 -26.85 -3.49 -5.73
N ASN A 446 -26.52 -4.16 -4.64
CA ASN A 446 -25.82 -3.49 -3.52
C ASN A 446 -24.43 -3.06 -4.00
N ASP A 447 -23.71 -3.95 -4.69
CA ASP A 447 -22.36 -3.62 -5.18
C ASP A 447 -22.46 -2.47 -6.18
N LEU A 448 -23.46 -2.49 -7.05
CA LEU A 448 -23.56 -1.43 -8.08
C LEU A 448 -23.77 -0.08 -7.40
N GLN A 449 -24.65 -0.01 -6.40
CA GLN A 449 -24.97 1.28 -5.76
C GLN A 449 -23.73 1.75 -4.99
N ARG A 450 -23.06 0.83 -4.33
CA ARG A 450 -21.83 1.18 -3.62
C ARG A 450 -20.75 1.62 -4.59
N GLN A 451 -20.58 0.88 -5.68
CA GLN A 451 -19.57 1.28 -6.70
C GLN A 451 -19.81 2.74 -7.08
N PHE A 452 -21.04 3.05 -7.47
CA PHE A 452 -21.37 4.42 -7.92
C PHE A 452 -21.24 5.43 -6.78
N SER A 453 -21.65 5.07 -5.58
CA SER A 453 -21.66 6.07 -4.48
C SER A 453 -20.24 6.58 -4.23
N GLU A 454 -19.26 5.69 -4.21
CA GLU A 454 -17.88 6.12 -3.88
C GLU A 454 -17.40 7.09 -4.95
N GLN A 455 -17.65 6.77 -6.22
CA GLN A 455 -17.19 7.64 -7.33
C GLN A 455 -17.91 8.98 -7.23
N LYS A 456 -19.21 8.96 -6.93
CA LYS A 456 -19.97 10.23 -6.92
C LYS A 456 -19.38 11.14 -5.84
N HIS A 457 -19.17 10.61 -4.63
CA HIS A 457 -18.66 11.45 -3.52
C HIS A 457 -17.26 11.95 -3.83
N ALA A 458 -16.41 11.09 -4.38
CA ALA A 458 -15.02 11.46 -4.70
C ALA A 458 -14.97 12.55 -5.75
N LEU A 459 -15.86 12.51 -6.74
CA LEU A 459 -15.82 13.48 -7.86
C LEU A 459 -15.97 14.87 -7.26
N ASN A 460 -16.54 14.96 -6.07
CA ASN A 460 -16.80 16.29 -5.47
C ASN A 460 -15.47 17.01 -5.18
N ARG A 461 -14.47 16.30 -4.66
CA ARG A 461 -13.16 16.91 -4.35
C ARG A 461 -12.08 16.25 -5.21
N PRO A 462 -11.23 17.01 -5.92
CA PRO A 462 -10.24 16.42 -6.81
C PRO A 462 -9.24 15.48 -6.12
N VAL A 463 -8.79 15.85 -4.92
CA VAL A 463 -7.85 15.00 -4.13
C VAL A 463 -8.47 13.62 -4.01
N GLU A 464 -9.76 13.56 -3.71
CA GLU A 464 -10.46 12.26 -3.51
C GLU A 464 -10.58 11.54 -4.86
N PHE A 465 -10.92 12.25 -5.93
CA PHE A 465 -11.11 11.58 -7.23
C PHE A 465 -9.79 10.98 -7.72
N ARG A 466 -8.68 11.71 -7.55
CA ARG A 466 -7.36 11.17 -7.94
C ARG A 466 -7.12 9.86 -7.19
N GLN A 467 -7.34 9.86 -5.88
CA GLN A 467 -7.07 8.67 -5.05
C GLN A 467 -7.98 7.53 -5.52
N TRP A 468 -9.23 7.85 -5.83
CA TRP A 468 -10.17 6.82 -6.35
C TRP A 468 -9.67 6.29 -7.69
N VAL A 469 -9.22 7.17 -8.57
CA VAL A 469 -8.80 6.72 -9.94
C VAL A 469 -7.60 5.78 -9.80
N TYR A 470 -6.67 6.11 -8.91
CA TYR A 470 -5.47 5.26 -8.70
C TYR A 470 -5.94 3.89 -8.19
N GLU A 471 -6.89 3.90 -7.26
CA GLU A 471 -7.44 2.65 -6.69
C GLU A 471 -8.17 1.88 -7.80
N SER A 472 -8.85 2.58 -8.69
CA SER A 472 -9.63 1.93 -9.77
C SER A 472 -8.72 1.12 -10.70
N TYR A 473 -7.56 1.66 -11.06
CA TYR A 473 -6.60 0.92 -11.94
C TYR A 473 -5.17 1.26 -11.52
N SER A 475 -1.41 1.51 -12.92
CA SER A 475 -0.60 1.46 -14.18
C SER A 475 0.89 1.31 -13.83
N ARG A 476 1.20 0.78 -12.65
CA ARG A 476 2.62 0.69 -12.21
C ARG A 476 3.46 -0.05 -13.23
N ALA A 477 2.99 -1.18 -13.73
CA ALA A 477 3.83 -1.99 -14.62
C ALA A 477 4.17 -1.24 -15.91
N THR A 478 3.21 -0.55 -16.53
CA THR A 478 3.55 0.25 -17.73
C THR A 478 4.54 1.34 -17.33
N ARG A 479 4.34 1.95 -16.16
CA ARG A 479 5.21 3.06 -15.73
C ARG A 479 6.63 2.55 -15.55
N VAL A 480 6.79 1.36 -14.95
CA VAL A 480 8.14 0.74 -14.78
C VAL A 480 8.71 0.41 -16.15
N SER A 481 7.86 -0.12 -17.04
CA SER A 481 8.34 -0.53 -18.38
C SER A 481 8.83 0.67 -19.20
N HIS A 482 8.08 1.76 -19.20
CA HIS A 482 8.45 2.89 -20.09
C HIS A 482 9.30 3.90 -19.34
N GLY A 483 9.32 3.80 -18.01
CA GLY A 483 10.13 4.75 -17.21
C GLY A 483 9.51 6.12 -17.27
N ARG A 484 8.25 6.20 -17.68
CA ARG A 484 7.52 7.47 -17.81
C ARG A 484 6.05 7.11 -17.92
N VAL A 485 5.16 8.09 -17.81
CA VAL A 485 3.73 7.77 -18.10
C VAL A 485 3.62 7.76 -19.61
N PRO A 486 3.19 6.64 -20.23
CA PRO A 486 3.18 6.55 -21.68
C PRO A 486 2.21 7.60 -22.24
N PHE A 487 2.60 8.25 -23.34
CA PHE A 487 1.77 9.34 -23.85
C PHE A 487 1.37 9.11 -25.30
N LEU A 488 0.08 9.24 -25.61
CA LEU A 488 -0.36 9.20 -27.02
C LEU A 488 -0.58 10.65 -27.39
N ALA A 489 0.26 11.19 -28.27
CA ALA A 489 0.18 12.62 -28.61
C ALA A 489 0.33 13.47 -27.35
N GLY A 490 -0.56 14.43 -27.12
CA GLY A 490 -0.36 15.37 -25.99
C GLY A 490 -1.11 15.00 -24.73
N LEU A 491 -1.61 13.78 -24.64
CA LEU A 491 -2.24 13.38 -23.36
C LEU A 491 -1.77 11.98 -23.00
N PRO A 492 -1.84 11.57 -21.72
CA PRO A 492 -1.46 10.23 -21.33
C PRO A 492 -2.33 9.19 -22.05
N ASP A 493 -1.74 8.06 -22.43
CA ASP A 493 -2.48 7.02 -23.19
C ASP A 493 -3.69 6.58 -22.38
N SER A 494 -3.46 6.18 -21.13
CA SER A 494 -4.55 5.64 -20.28
C SER A 494 -5.50 6.77 -19.90
N GLN A 495 -6.80 6.48 -19.88
CA GLN A 495 -7.81 7.51 -19.55
C GLN A 495 -7.71 7.80 -18.05
N GLU A 496 -7.36 6.79 -17.27
CA GLU A 496 -7.19 6.98 -15.81
C GLU A 496 -5.98 7.89 -15.60
N GLU A 497 -4.93 7.68 -16.37
CA GLU A 497 -3.70 8.50 -16.22
C GLU A 497 -3.96 9.90 -16.78
N THR A 498 -4.79 10.00 -17.82
CA THR A 498 -5.11 11.32 -18.41
C THR A 498 -5.82 12.16 -17.36
N LEU A 499 -6.78 11.58 -16.66
CA LEU A 499 -7.57 12.31 -15.64
C LEU A 499 -6.66 12.75 -14.51
N ASN A 500 -5.81 11.84 -14.04
CA ASN A 500 -4.93 12.16 -12.88
C ASN A 500 -3.95 13.26 -13.28
N PHE A 501 -3.40 13.20 -14.50
CA PHE A 501 -2.39 14.20 -14.94
C PHE A 501 -3.06 15.56 -14.97
N LEU A 502 -4.26 15.63 -15.52
CA LEU A 502 -4.96 16.94 -15.65
C LEU A 502 -5.36 17.46 -14.27
N MET A 503 -5.85 16.61 -13.39
CA MET A 503 -6.20 17.03 -12.00
C MET A 503 -4.93 17.45 -11.26
N ASN A 504 -3.82 16.76 -11.49
CA ASN A 504 -2.53 17.09 -10.84
C ASN A 504 -2.09 18.49 -11.25
N SER A 505 -2.56 18.99 -12.40
CA SER A 505 -2.26 20.34 -12.83
C SER A 505 -3.33 21.34 -12.41
N GLY A 506 -4.34 20.90 -11.67
CA GLY A 506 -5.34 21.79 -11.12
C GLY A 506 -6.72 21.73 -11.74
N PHE A 507 -7.00 20.73 -12.58
CA PHE A 507 -8.28 20.63 -13.27
C PHE A 507 -9.31 19.93 -12.40
N ASP A 508 -10.49 20.55 -12.27
CA ASP A 508 -11.60 20.02 -11.48
C ASP A 508 -12.50 19.16 -12.35
N PRO A 509 -12.83 17.94 -11.94
CA PRO A 509 -13.73 17.12 -12.76
C PRO A 509 -15.15 17.68 -12.81
N LYS A 510 -15.58 18.39 -11.76
CA LYS A 510 -16.89 19.01 -11.75
C LYS A 510 -16.92 20.34 -12.51
N LYS A 511 -15.78 20.84 -12.95
CA LYS A 511 -15.71 22.12 -13.62
C LYS A 511 -15.25 22.02 -15.08
N GLN A 512 -14.73 20.88 -15.51
CA GLN A 512 -14.24 20.69 -16.87
C GLN A 512 -14.95 19.50 -17.49
N LYS A 513 -15.72 19.75 -18.55
CA LYS A 513 -16.50 18.68 -19.16
C LYS A 513 -15.62 17.58 -19.73
N TYR A 514 -14.45 17.94 -20.28
CA TYR A 514 -13.57 16.92 -20.86
C TYR A 514 -13.22 15.86 -19.82
N LEU A 515 -12.88 16.28 -18.61
CA LEU A 515 -12.63 15.33 -17.54
C LEU A 515 -13.89 14.54 -17.20
N GLN A 516 -15.02 15.23 -17.11
CA GLN A 516 -16.29 14.56 -16.82
C GLN A 516 -16.58 13.49 -17.87
N ASP A 517 -16.42 13.84 -19.15
CA ASP A 517 -16.71 12.89 -20.22
C ASP A 517 -15.88 11.61 -20.07
N ILE A 518 -14.64 11.73 -19.59
CA ILE A 518 -13.80 10.55 -19.44
C ILE A 518 -14.35 9.62 -18.36
N ALA A 519 -14.76 10.19 -17.22
CA ALA A 519 -15.31 9.36 -16.15
C ALA A 519 -16.62 8.72 -16.59
N TRP A 520 -17.44 9.44 -17.35
CA TRP A 520 -18.67 8.87 -17.89
C TRP A 520 -18.37 7.69 -18.80
N ASP A 521 -17.51 7.92 -19.79
CA ASP A 521 -17.14 6.83 -20.73
C ASP A 521 -16.59 5.67 -19.91
N LEU A 522 -15.77 5.97 -18.90
CA LEU A 522 -15.12 4.89 -18.11
C LEU A 522 -16.19 4.03 -17.44
N GLN A 523 -17.08 4.64 -16.66
CA GLN A 523 -18.10 3.86 -15.92
C GLN A 523 -19.03 3.17 -16.90
N LYS A 524 -19.36 3.85 -18.01
CA LYS A 524 -20.33 3.25 -18.94
C LYS A 524 -19.77 1.92 -19.43
N ARG A 525 -18.49 1.92 -19.80
CA ARG A 525 -17.85 0.69 -20.30
C ARG A 525 -17.79 -0.34 -19.18
N LYS A 526 -17.48 0.08 -17.95
CA LYS A 526 -17.37 -0.87 -16.82
C LYS A 526 -18.73 -1.50 -16.58
N CYS A 527 -19.79 -0.69 -16.65
CA CYS A 527 -21.18 -1.22 -16.53
C CYS A 527 -21.49 -2.08 -17.76
N ASP A 528 -21.07 -1.62 -18.94
CA ASP A 528 -21.33 -2.38 -20.19
C ASP A 528 -20.74 -3.77 -20.04
N THR A 529 -19.54 -3.86 -19.46
CA THR A 529 -18.87 -5.17 -19.31
C THR A 529 -19.65 -6.00 -18.30
N LEU A 530 -20.29 -5.35 -17.34
CA LEU A 530 -21.13 -6.08 -16.39
C LEU A 530 -22.42 -6.55 -17.07
N LYS A 531 -22.98 -5.73 -17.95
CA LYS A 531 -24.12 -6.17 -18.75
C LYS A 531 -23.75 -7.33 -19.64
N SER A 532 -22.63 -7.20 -20.37
CA SER A 532 -22.21 -8.25 -21.29
C SER A 532 -21.81 -9.52 -20.54
N LYS A 533 -21.14 -9.37 -19.41
CA LYS A 533 -20.74 -10.50 -18.59
C LYS A 533 -21.17 -10.25 -17.15
N LEU A 534 -21.87 -11.23 -16.58
CA LEU A 534 -22.37 -11.11 -15.20
C LEU A 534 -21.27 -11.54 -14.23
N ASN A 535 -20.22 -10.72 -14.17
CA ASN A 535 -19.12 -10.96 -13.23
C ASN A 535 -19.49 -10.34 -11.88
N ILE A 536 -20.51 -10.92 -11.27
CA ILE A 536 -20.96 -10.46 -9.96
C ILE A 536 -19.86 -10.67 -8.95
N ARG A 537 -19.38 -9.58 -8.35
CA ARG A 537 -18.27 -9.65 -7.42
C ARG A 537 -18.73 -10.18 -6.07
N VAL A 538 -17.97 -11.14 -5.53
CA VAL A 538 -18.24 -11.65 -4.16
C VAL A 538 -16.98 -11.38 -3.37
N GLY A 539 -17.04 -10.49 -2.39
CA GLY A 539 -15.82 -10.09 -1.66
C GLY A 539 -15.20 -11.23 -0.91
N ARG A 540 -16.03 -12.06 -0.28
CA ARG A 540 -15.49 -13.22 0.46
C ARG A 540 -15.32 -14.37 -0.51
N SER A 541 -14.59 -14.14 -1.60
CA SER A 541 -14.28 -15.20 -2.58
C SER A 541 -12.87 -14.94 -3.13
N ALA A 542 -12.15 -16.00 -3.52
CA ALA A 542 -10.80 -15.84 -4.10
C ALA A 542 -10.38 -17.07 -4.91
N TYR A 543 -9.37 -16.91 -5.77
CA TYR A 543 -8.80 -18.06 -6.50
C TYR A 543 -7.49 -18.43 -5.82
N ILE A 544 -7.39 -19.65 -5.28
CA ILE A 544 -6.25 -20.05 -4.48
C ILE A 544 -5.69 -21.36 -5.02
N TYR A 545 -4.37 -21.46 -5.05
CA TYR A 545 -3.71 -22.70 -5.46
C TYR A 545 -4.11 -23.85 -4.54
N MET A 546 -4.35 -25.00 -5.13
CA MET A 546 -4.80 -26.18 -4.38
C MET A 546 -3.62 -27.05 -4.00
N ILE A 547 -3.51 -27.37 -2.71
CA ILE A 547 -2.43 -28.20 -2.18
C ILE A 547 -3.05 -29.34 -1.38
N ALA A 548 -2.27 -30.39 -1.20
CA ALA A 548 -2.70 -31.58 -0.46
C ALA A 548 -2.02 -31.62 0.90
N ASP A 549 -2.67 -32.30 1.84
CA ASP A 549 -2.22 -32.37 3.23
C ASP A 549 -1.37 -33.63 3.39
N PHE A 550 -0.07 -33.48 3.24
CA PHE A 550 0.86 -34.63 3.38
C PHE A 550 0.94 -35.06 4.84
N TRP A 551 0.54 -34.19 5.76
CA TRP A 551 0.73 -34.45 7.20
C TRP A 551 -0.50 -35.09 7.84
N GLY A 552 -1.57 -35.28 7.09
CA GLY A 552 -2.76 -36.01 7.58
C GLY A 552 -3.44 -35.36 8.77
N VAL A 553 -3.34 -34.04 8.89
CA VAL A 553 -3.92 -33.34 10.06
C VAL A 553 -5.35 -32.92 9.72
N LEU A 554 -5.72 -32.99 8.45
CA LEU A 554 -7.06 -32.54 8.02
C LEU A 554 -7.92 -33.77 7.76
N GLU A 555 -9.05 -33.86 8.26
CA GLU A 555 -10.07 -34.93 8.06
C GLU A 555 -10.82 -34.68 6.76
N GLU A 556 -11.56 -35.68 6.28
CA GLU A 556 -12.26 -35.54 4.99
C GLU A 556 -13.28 -34.42 5.12
N ASN A 557 -13.45 -33.63 4.05
CA ASN A 557 -14.42 -32.52 4.06
C ASN A 557 -13.93 -31.40 4.98
N GLU A 558 -12.63 -31.37 5.28
CA GLU A 558 -12.04 -30.27 6.08
C GLU A 558 -10.93 -29.60 5.25
N VAL A 559 -10.94 -28.27 5.15
CA VAL A 559 -9.93 -27.54 4.34
C VAL A 559 -9.19 -26.54 5.24
N HIS A 560 -7.95 -26.18 4.89
CA HIS A 560 -7.18 -25.17 5.65
C HIS A 560 -6.85 -24.01 4.72
N VAL A 561 -7.25 -22.79 5.09
CA VAL A 561 -6.89 -21.60 4.28
C VAL A 561 -6.16 -20.61 5.17
N GLY A 562 -4.99 -20.14 4.73
CA GLY A 562 -4.23 -19.13 5.48
C GLY A 562 -3.87 -18.00 4.54
N PHE A 563 -3.81 -16.78 5.07
CA PHE A 563 -3.54 -15.60 4.22
C PHE A 563 -2.22 -14.95 4.65
N SER A 564 -1.40 -14.54 3.69
CA SER A 564 -0.10 -13.88 3.99
C SER A 564 -0.36 -12.58 4.73
N SER A 565 -1.41 -11.87 4.35
CA SER A 565 -1.73 -10.56 4.96
C SER A 565 -3.23 -10.47 5.11
N LYS A 566 -3.71 -9.36 5.67
CA LYS A 566 -5.16 -9.20 5.91
C LYS A 566 -5.91 -9.25 4.59
N PHE A 567 -6.95 -10.08 4.51
CA PHE A 567 -7.84 -10.11 3.33
C PHE A 567 -9.03 -9.23 3.71
N ARG A 568 -9.29 -8.17 2.96
CA ARG A 568 -10.32 -7.21 3.41
C ARG A 568 -11.61 -7.23 2.60
N ASP A 569 -12.73 -7.56 3.25
CA ASP A 569 -14.05 -7.39 2.61
C ASP A 569 -14.52 -6.05 3.17
N GLU A 570 -15.47 -5.38 2.53
CA GLU A 570 -15.80 -4.02 3.02
C GLU A 570 -16.26 -4.12 4.47
N GLU A 571 -17.14 -5.07 4.76
CA GLU A 571 -17.68 -5.19 6.14
C GLU A 571 -16.62 -5.68 7.13
N GLU A 572 -15.82 -6.69 6.76
CA GLU A 572 -14.88 -7.30 7.74
C GLU A 572 -13.60 -7.76 7.05
N SER A 573 -12.58 -8.12 7.83
CA SER A 573 -11.29 -8.57 7.25
C SER A 573 -10.84 -9.90 7.86
N PHE A 574 -10.06 -10.69 7.10
CA PHE A 574 -9.68 -12.05 7.55
C PHE A 574 -8.18 -12.31 7.39
N THR A 575 -7.59 -13.09 8.29
CA THR A 575 -6.17 -13.50 8.16
C THR A 575 -6.16 -15.02 7.98
N LEU A 576 -7.28 -15.66 8.30
CA LEU A 576 -7.40 -17.13 8.19
C LEU A 576 -8.89 -17.44 8.10
N LEU A 577 -9.26 -18.67 7.71
CA LEU A 577 -10.69 -19.05 7.73
C LEU A 577 -10.85 -20.21 8.73
N SER A 578 -11.69 -20.03 9.76
CA SER A 578 -11.93 -21.10 10.76
C SER A 578 -13.40 -21.09 11.20
N ASP A 579 -13.91 -22.27 11.54
CA ASP A 579 -15.31 -22.40 12.01
C ASP A 579 -16.30 -21.85 10.98
N CYS A 580 -16.05 -22.10 9.69
CA CYS A 580 -16.99 -21.66 8.64
C CYS A 580 -17.12 -22.73 7.57
N ASP A 581 -18.23 -22.71 6.83
CA ASP A 581 -18.39 -23.64 5.68
C ASP A 581 -17.98 -22.85 4.44
N VAL A 582 -17.27 -23.49 3.52
CA VAL A 582 -16.79 -22.80 2.30
C VAL A 582 -17.22 -23.58 1.07
N LEU A 583 -17.38 -22.89 -0.06
CA LEU A 583 -17.74 -23.56 -1.32
C LEU A 583 -16.48 -23.62 -2.17
N VAL A 584 -16.05 -24.81 -2.56
CA VAL A 584 -14.84 -24.96 -3.43
C VAL A 584 -15.31 -25.37 -4.82
N ALA A 585 -14.85 -24.67 -5.84
CA ALA A 585 -15.25 -24.98 -7.21
C ALA A 585 -14.09 -24.68 -8.14
N ARG A 586 -14.13 -25.24 -9.34
CA ARG A 586 -13.06 -25.00 -10.31
C ARG A 586 -13.71 -24.76 -11.67
N SER A 587 -13.03 -24.06 -12.57
CA SER A 587 -13.54 -23.88 -13.95
C SER A 587 -12.72 -24.79 -14.85
N PRO A 588 -13.30 -25.45 -15.89
CA PRO A 588 -14.72 -25.33 -16.22
C PRO A 588 -15.62 -26.11 -15.26
N ALA A 589 -16.77 -25.52 -14.91
CA ALA A 589 -17.74 -26.23 -14.04
C ALA A 589 -19.00 -26.56 -14.84
N HIS A 590 -19.33 -27.84 -14.95
CA HIS A 590 -20.53 -28.26 -15.71
C HIS A 590 -21.39 -29.19 -14.83
N PHE A 591 -20.78 -30.16 -14.16
CA PHE A 591 -21.53 -31.14 -13.35
C PHE A 591 -22.04 -30.52 -12.06
N PRO A 592 -23.13 -31.04 -11.47
CA PRO A 592 -23.61 -30.56 -10.17
C PRO A 592 -22.56 -30.76 -9.08
N SER A 593 -21.76 -31.82 -9.19
CA SER A 593 -20.71 -32.14 -8.18
C SER A 593 -19.53 -31.17 -8.30
N ASP A 594 -19.46 -30.39 -9.37
CA ASP A 594 -18.26 -29.53 -9.61
C ASP A 594 -18.09 -28.51 -8.49
N ILE A 595 -19.18 -28.01 -7.92
CA ILE A 595 -19.07 -27.13 -6.72
C ILE A 595 -19.35 -28.02 -5.51
N GLN A 596 -18.49 -27.97 -4.51
CA GLN A 596 -18.65 -28.80 -3.30
C GLN A 596 -18.57 -27.91 -2.06
N ARG A 597 -19.28 -28.26 -0.99
CA ARG A 597 -19.29 -27.45 0.25
C ARG A 597 -18.46 -28.17 1.30
N VAL A 598 -17.52 -27.47 1.90
CA VAL A 598 -16.59 -28.12 2.87
C VAL A 598 -16.45 -27.20 4.09
N ARG A 599 -15.96 -27.75 5.19
CA ARG A 599 -15.79 -26.95 6.42
C ARG A 599 -14.34 -26.46 6.49
N ALA A 600 -14.16 -25.17 6.75
CA ALA A 600 -12.80 -24.65 6.93
C ALA A 600 -12.36 -24.87 8.37
N VAL A 601 -11.22 -25.53 8.55
CA VAL A 601 -10.67 -25.70 9.92
C VAL A 601 -9.23 -25.20 9.85
N PHE A 602 -8.82 -24.38 10.82
CA PHE A 602 -7.43 -23.90 10.81
C PHE A 602 -6.61 -24.81 11.71
N LYS A 603 -5.58 -25.42 11.14
CA LYS A 603 -4.71 -26.32 11.92
C LYS A 603 -3.41 -25.58 12.18
N PRO A 604 -3.06 -25.29 13.44
CA PRO A 604 -1.85 -24.53 13.74
C PRO A 604 -0.61 -25.23 13.15
N GLU A 605 -0.72 -26.52 12.85
CA GLU A 605 0.38 -27.28 12.23
C GLU A 605 0.69 -26.73 10.84
N LEU A 606 -0.33 -26.27 10.10
CA LEU A 606 -0.14 -25.80 8.71
C LEU A 606 -0.15 -24.27 8.64
N HIS A 607 0.11 -23.59 9.75
CA HIS A 607 0.08 -22.10 9.81
C HIS A 607 1.09 -21.46 8.85
N SER A 608 2.25 -22.07 8.70
CA SER A 608 3.31 -21.53 7.83
C SER A 608 2.83 -21.51 6.38
N LEU A 609 2.01 -22.49 6.00
CA LEU A 609 1.58 -22.57 4.59
C LEU A 609 0.50 -21.53 4.39
N LYS A 610 0.82 -20.44 3.69
CA LYS A 610 -0.13 -19.33 3.55
C LYS A 610 -0.40 -19.05 2.07
N ASP A 611 -1.55 -18.43 1.75
CA ASP A 611 -1.92 -18.12 0.34
C ASP A 611 -2.11 -19.41 -0.44
N VAL A 612 -2.49 -20.50 0.23
CA VAL A 612 -2.75 -21.81 -0.44
C VAL A 612 -3.99 -22.44 0.21
N ILE A 613 -4.72 -23.29 -0.52
CA ILE A 613 -5.85 -24.04 0.09
C ILE A 613 -5.45 -25.52 0.20
N ILE A 614 -5.50 -26.07 1.40
CA ILE A 614 -5.00 -27.47 1.58
C ILE A 614 -6.19 -28.41 1.71
N PHE A 615 -6.32 -29.34 0.77
CA PHE A 615 -7.39 -30.36 0.82
C PHE A 615 -6.85 -31.56 1.58
N SER A 616 -7.73 -32.43 2.07
CA SER A 616 -7.31 -33.57 2.90
C SER A 616 -6.79 -34.75 2.10
N THR A 617 -5.92 -35.54 2.69
CA THR A 617 -5.40 -36.76 2.04
C THR A 617 -6.18 -37.96 2.57
N LYS A 618 -7.21 -37.71 3.38
CA LYS A 618 -8.09 -38.78 3.89
C LYS A 618 -9.34 -38.82 3.01
N GLY A 619 -10.05 -39.94 3.01
CA GLY A 619 -11.25 -40.07 2.17
C GLY A 619 -11.04 -41.01 1.00
N ASP A 620 -12.13 -41.52 0.43
CA ASP A 620 -12.05 -42.44 -0.74
C ASP A 620 -11.53 -41.73 -1.98
N VAL A 621 -12.02 -40.53 -2.26
CA VAL A 621 -11.64 -39.83 -3.52
C VAL A 621 -11.06 -38.48 -3.14
N PRO A 622 -9.97 -37.99 -3.79
CA PRO A 622 -9.47 -36.64 -3.51
C PRO A 622 -10.53 -35.58 -3.85
N LEU A 623 -10.66 -34.57 -3.01
CA LEU A 623 -11.69 -33.50 -3.21
C LEU A 623 -11.42 -32.81 -4.53
N ALA A 624 -10.15 -32.72 -4.91
CA ALA A 624 -9.77 -32.04 -6.16
C ALA A 624 -10.42 -32.74 -7.35
N LYS A 625 -10.49 -34.07 -7.33
CA LYS A 625 -11.12 -34.84 -8.44
C LYS A 625 -12.59 -34.46 -8.55
N LYS A 626 -13.26 -34.25 -7.42
CA LYS A 626 -14.69 -33.86 -7.42
C LYS A 626 -14.81 -32.54 -8.16
N LEU A 627 -13.77 -31.71 -8.08
CA LEU A 627 -13.77 -30.38 -8.74
C LEU A 627 -13.34 -30.49 -10.20
N SER A 628 -14.19 -30.98 -11.09
CA SER A 628 -13.89 -31.09 -12.54
C SER A 628 -12.63 -31.89 -12.84
N GLY A 629 -12.41 -33.00 -12.13
CA GLY A 629 -11.19 -33.81 -12.33
C GLY A 629 -9.93 -33.04 -12.04
N GLY A 630 -9.96 -32.25 -10.97
CA GLY A 630 -8.82 -31.39 -10.63
C GLY A 630 -7.69 -32.08 -9.95
N ASP A 631 -6.54 -31.41 -9.88
CA ASP A 631 -5.34 -31.98 -9.25
C ASP A 631 -4.64 -30.90 -8.43
N TYR A 632 -3.46 -31.23 -7.91
CA TYR A 632 -2.65 -30.26 -7.13
C TYR A 632 -1.40 -29.94 -7.95
N ASP A 633 -1.53 -29.82 -9.27
CA ASP A 633 -0.39 -29.59 -10.21
C ASP A 633 -0.32 -28.16 -10.73
N GLY A 634 -1.02 -27.21 -10.11
CA GLY A 634 -1.10 -25.84 -10.62
C GLY A 634 -2.53 -25.39 -10.65
N ASP A 635 -3.43 -26.29 -10.30
CA ASP A 635 -4.87 -25.98 -10.28
C ASP A 635 -5.19 -24.93 -9.22
N MET A 636 -6.18 -24.08 -9.51
CA MET A 636 -6.62 -23.04 -8.55
C MET A 636 -8.12 -23.23 -8.33
N ALA A 637 -8.59 -23.02 -7.11
CA ALA A 637 -10.00 -23.26 -6.78
C ALA A 637 -10.69 -21.95 -6.45
N TRP A 638 -12.00 -21.89 -6.73
CA TRP A 638 -12.80 -20.72 -6.35
C TRP A 638 -13.28 -21.01 -4.93
N VAL A 639 -12.79 -20.24 -3.98
CA VAL A 639 -13.23 -20.44 -2.57
C VAL A 639 -14.17 -19.30 -2.23
N CYS A 640 -15.40 -19.61 -1.83
CA CYS A 640 -16.35 -18.57 -1.39
C CYS A 640 -16.69 -18.83 0.06
N TRP A 641 -16.51 -17.82 0.91
CA TRP A 641 -16.89 -17.97 2.33
C TRP A 641 -18.04 -17.01 2.62
N ASP A 642 -18.64 -16.45 1.57
CA ASP A 642 -19.80 -15.58 1.75
C ASP A 642 -20.97 -16.41 2.27
N PRO A 643 -21.49 -16.14 3.47
CA PRO A 643 -22.53 -17.01 4.02
C PRO A 643 -23.81 -17.06 3.21
N GLU A 644 -24.28 -15.92 2.68
CA GLU A 644 -25.53 -15.91 1.93
C GLU A 644 -25.46 -16.70 0.65
N ILE A 645 -24.26 -17.09 0.22
CA ILE A 645 -24.09 -17.97 -0.92
C ILE A 645 -23.76 -19.41 -0.51
N VAL A 646 -23.15 -19.62 0.65
CA VAL A 646 -22.70 -20.95 1.04
C VAL A 646 -23.82 -21.76 1.64
N ASP A 647 -24.56 -21.18 2.59
CA ASP A 647 -25.53 -21.93 3.38
C ASP A 647 -26.75 -22.38 2.58
N GLY A 648 -27.04 -21.72 1.45
CA GLY A 648 -28.11 -22.18 0.61
C GLY A 648 -27.74 -23.29 -0.34
N PHE A 649 -26.59 -23.91 -0.15
CA PHE A 649 -26.03 -24.88 -1.07
C PHE A 649 -25.96 -26.25 -0.42
N VAL A 650 -26.32 -27.29 -1.18
CA VAL A 650 -26.27 -28.67 -0.72
C VAL A 650 -25.47 -29.49 -1.71
N ASN A 651 -24.68 -30.42 -1.18
CA ASN A 651 -23.69 -31.13 -1.98
C ASN A 651 -24.31 -32.25 -2.80
N ALA A 652 -23.67 -32.54 -3.93
CA ALA A 652 -24.09 -33.61 -4.83
C ALA A 652 -22.98 -34.65 -4.94
N GLU A 653 -23.36 -35.91 -5.00
CA GLU A 653 -22.40 -36.98 -5.20
C GLU A 653 -21.99 -37.05 -6.67
N MET A 654 -20.75 -37.46 -6.91
CA MET A 654 -20.21 -37.43 -8.25
C MET A 654 -21.08 -38.26 -9.20
N PRO A 655 -21.25 -37.81 -10.44
CA PRO A 655 -22.24 -38.44 -11.31
C PRO A 655 -21.70 -39.67 -12.02
N LEU A 656 -22.62 -40.56 -12.37
CA LEU A 656 -22.31 -41.71 -13.22
C LEU A 656 -22.10 -41.22 -14.65
N GLU A 657 -20.85 -41.19 -15.10
CA GLU A 657 -20.60 -40.61 -16.40
C GLU A 657 -20.82 -41.64 -17.51
N PRO A 658 -21.44 -41.23 -18.61
CA PRO A 658 -21.73 -42.19 -19.69
C PRO A 658 -20.46 -42.69 -20.36
N ASP A 659 -20.62 -43.80 -21.09
CA ASP A 659 -19.50 -44.35 -21.88
C ASP A 659 -19.68 -43.82 -23.31
N LEU A 660 -18.79 -42.96 -23.77
CA LEU A 660 -18.94 -42.31 -25.09
C LEU A 660 -17.91 -42.92 -26.04
N SER A 661 -17.54 -44.17 -25.80
CA SER A 661 -16.49 -44.86 -26.60
C SER A 661 -16.83 -44.82 -28.09
N ARG A 662 -18.09 -45.01 -28.45
CA ARG A 662 -18.41 -45.06 -29.89
C ARG A 662 -18.09 -43.70 -30.52
N TYR A 663 -18.53 -42.63 -29.87
CA TYR A 663 -18.31 -41.27 -30.41
C TYR A 663 -16.85 -40.84 -30.28
N LEU A 664 -16.23 -41.13 -29.15
CA LEU A 664 -14.84 -40.67 -28.91
C LEU A 664 -13.90 -41.85 -29.06
N LYS A 665 -13.03 -41.81 -30.06
CA LYS A 665 -12.11 -42.94 -30.32
C LYS A 665 -10.70 -42.49 -29.97
N LYS A 666 -9.99 -43.26 -29.16
CA LYS A 666 -8.66 -42.82 -28.68
C LYS A 666 -7.53 -43.59 -29.36
N ASP A 667 -6.61 -42.89 -30.02
CA ASP A 667 -5.41 -43.54 -30.61
C ASP A 667 -4.43 -43.79 -29.47
N LYS A 668 -4.11 -45.06 -29.22
CA LYS A 668 -3.23 -45.40 -28.09
C LYS A 668 -1.96 -46.02 -28.67
N THR A 669 -1.68 -45.72 -29.94
CA THR A 669 -0.47 -46.24 -30.60
C THR A 669 0.77 -45.84 -29.78
N THR A 670 1.57 -46.82 -29.37
CA THR A 670 2.79 -46.56 -28.57
C THR A 670 3.95 -46.21 -29.50
N PHE A 671 5.01 -45.63 -28.95
CA PHE A 671 6.23 -45.31 -29.73
C PHE A 671 6.79 -46.64 -30.24
N LYS A 672 6.72 -47.67 -29.41
CA LYS A 672 7.26 -48.99 -29.78
C LYS A 672 6.50 -49.52 -31.00
N GLN A 673 5.20 -49.31 -31.03
CA GLN A 673 4.36 -49.78 -32.15
C GLN A 673 4.79 -49.07 -33.42
N LEU A 674 5.05 -47.78 -33.34
CA LEU A 674 5.54 -47.02 -34.52
C LEU A 674 6.92 -47.54 -34.91
N MET A 675 7.75 -47.87 -33.93
CA MET A 675 9.14 -48.31 -34.18
C MET A 675 9.18 -49.65 -34.90
N ALA A 676 8.20 -50.51 -34.66
CA ALA A 676 8.21 -51.86 -35.26
C ALA A 676 8.23 -51.76 -36.77
N SER A 677 7.52 -50.78 -37.32
CA SER A 677 7.48 -50.60 -38.79
C SER A 677 8.89 -50.35 -39.30
N HIS A 678 9.70 -49.62 -38.54
CA HIS A 678 11.05 -49.25 -39.02
C HIS A 678 12.09 -50.30 -38.60
N GLY A 679 11.95 -50.91 -37.43
CA GLY A 679 12.96 -51.89 -36.98
C GLY A 679 13.47 -51.62 -35.58
N THR A 680 14.77 -51.89 -35.33
CA THR A 680 15.41 -51.64 -34.01
C THR A 680 16.71 -50.87 -34.25
N GLY A 681 17.11 -50.04 -33.29
CA GLY A 681 18.39 -49.31 -33.40
C GLY A 681 18.23 -47.81 -33.44
N SER A 682 19.33 -47.09 -33.56
CA SER A 682 19.29 -45.61 -33.53
C SER A 682 18.49 -45.06 -34.71
N ALA A 683 18.70 -45.59 -35.90
CA ALA A 683 18.00 -45.11 -37.12
C ALA A 683 16.51 -45.35 -36.98
N ALA A 684 16.12 -46.49 -36.42
CA ALA A 684 14.70 -46.79 -36.22
C ALA A 684 14.08 -45.78 -35.26
N LYS A 685 14.77 -45.44 -34.17
CA LYS A 685 14.25 -44.43 -33.23
C LYS A 685 14.17 -43.09 -33.95
N GLU A 686 15.17 -42.75 -34.75
CA GLU A 686 15.17 -41.43 -35.41
C GLU A 686 13.97 -41.34 -36.36
N GLN A 687 13.73 -42.39 -37.13
CA GLN A 687 12.58 -42.41 -38.07
C GLN A 687 11.30 -42.37 -37.26
N THR A 688 11.24 -43.12 -36.16
CA THR A 688 10.04 -43.16 -35.30
C THR A 688 9.78 -41.79 -34.68
N THR A 689 10.82 -41.09 -34.27
CA THR A 689 10.65 -39.76 -33.66
C THR A 689 10.04 -38.80 -34.68
N TYR A 690 10.54 -38.83 -35.91
CA TYR A 690 9.99 -37.97 -36.99
C TYR A 690 8.56 -38.40 -37.33
N ASP A 691 8.32 -39.70 -37.31
CA ASP A 691 6.96 -40.23 -37.58
C ASP A 691 6.01 -39.74 -36.49
N MET A 692 6.47 -39.71 -35.25
CA MET A 692 5.63 -39.20 -34.13
C MET A 692 5.30 -37.73 -34.40
N ILE A 693 6.27 -36.96 -34.88
CA ILE A 693 5.99 -35.54 -35.19
C ILE A 693 4.95 -35.47 -36.30
N GLN A 694 5.11 -36.27 -37.36
CA GLN A 694 4.19 -36.19 -38.52
C GLN A 694 2.79 -36.64 -38.09
N LYS A 695 2.70 -37.76 -37.39
CA LYS A 695 1.39 -38.30 -36.99
C LYS A 695 0.72 -37.35 -36.01
N SER A 696 1.47 -36.84 -35.04
CA SER A 696 0.93 -35.93 -34.01
C SER A 696 0.50 -34.60 -34.61
N PHE A 697 1.24 -34.10 -35.60
CA PHE A 697 0.88 -32.83 -36.27
C PHE A 697 -0.47 -32.99 -36.94
N HIS A 698 -0.73 -34.13 -37.57
CA HIS A 698 -2.05 -34.37 -38.19
C HIS A 698 -3.12 -34.36 -37.10
N PHE A 699 -2.86 -35.02 -35.98
CA PHE A 699 -3.86 -35.10 -34.87
C PHE A 699 -4.09 -33.69 -34.34
N ALA A 700 -3.02 -32.90 -34.24
CA ALA A 700 -3.14 -31.53 -33.71
C ALA A 700 -3.96 -30.65 -34.66
N LEU A 701 -3.72 -30.78 -35.96
CA LEU A 701 -4.40 -29.90 -36.94
C LEU A 701 -5.86 -30.31 -37.10
N GLN A 702 -6.22 -31.48 -36.59
CA GLN A 702 -7.62 -31.95 -36.68
C GLN A 702 -8.54 -30.98 -35.93
N PRO A 703 -9.75 -30.72 -36.43
CA PRO A 703 -10.67 -29.76 -35.81
C PRO A 703 -11.12 -30.13 -34.39
N ASN A 704 -11.25 -29.15 -33.51
CA ASN A 704 -11.65 -29.40 -32.11
C ASN A 704 -13.07 -28.87 -31.93
N PHE A 705 -13.92 -29.63 -31.27
CA PHE A 705 -15.34 -29.24 -31.13
C PHE A 705 -15.63 -28.82 -29.68
N LEU A 706 -14.60 -28.54 -28.87
CA LEU A 706 -14.86 -28.24 -27.44
C LEU A 706 -15.75 -27.01 -27.35
N GLY A 707 -15.44 -25.99 -28.13
CA GLY A 707 -16.28 -24.78 -28.11
C GLY A 707 -17.70 -25.05 -28.58
N MET A 708 -17.83 -25.76 -29.70
CA MET A 708 -19.17 -26.00 -30.27
C MET A 708 -19.97 -26.84 -29.28
N CYS A 709 -19.34 -27.85 -28.72
CA CYS A 709 -20.06 -28.77 -27.80
C CYS A 709 -20.46 -28.05 -26.51
N THR A 710 -19.56 -27.21 -25.96
CA THR A 710 -19.86 -26.46 -24.72
C THR A 710 -20.98 -25.45 -25.00
N ASN A 711 -20.92 -24.81 -26.16
CA ASN A 711 -21.95 -23.81 -26.52
C ASN A 711 -23.28 -24.54 -26.64
N TYR A 712 -23.27 -25.74 -27.21
CA TYR A 712 -24.50 -26.54 -27.37
C TYR A 712 -25.07 -26.86 -26.00
N LYS A 713 -24.20 -27.22 -25.05
CA LYS A 713 -24.67 -27.60 -23.70
C LYS A 713 -25.37 -26.39 -23.10
N GLU A 714 -24.81 -25.21 -23.33
CA GLU A 714 -25.41 -23.99 -22.77
C GLU A 714 -26.79 -23.81 -23.38
N ARG A 715 -26.90 -23.97 -24.70
CA ARG A 715 -28.20 -23.76 -25.37
C ARG A 715 -29.20 -24.80 -24.88
N LEU A 716 -28.79 -26.07 -24.80
CA LEU A 716 -29.74 -27.14 -24.40
C LEU A 716 -30.16 -26.92 -22.97
N CYS A 717 -29.21 -26.65 -22.09
CA CYS A 717 -29.52 -26.50 -20.65
C CYS A 717 -30.39 -25.27 -20.46
N TYR A 718 -30.17 -24.23 -21.26
CA TYR A 718 -31.04 -23.02 -21.18
C TYR A 718 -32.47 -23.40 -21.58
N ILE A 719 -32.61 -24.13 -22.68
CA ILE A 719 -33.97 -24.50 -23.19
C ILE A 719 -34.67 -25.37 -22.16
N ASN A 720 -33.94 -26.31 -21.58
CA ASN A 720 -34.56 -27.24 -20.62
C ASN A 720 -34.51 -26.65 -19.22
N ASN A 721 -33.75 -25.57 -19.03
CA ASN A 721 -33.57 -24.99 -17.67
C ASN A 721 -33.08 -26.10 -16.74
N SER A 722 -32.20 -26.98 -17.22
CA SER A 722 -31.63 -28.04 -16.35
C SER A 722 -30.14 -28.27 -16.63
N VAL A 723 -29.34 -28.31 -15.57
CA VAL A 723 -27.90 -28.65 -15.71
C VAL A 723 -27.72 -29.99 -15.01
N SER A 724 -28.84 -30.60 -14.58
CA SER A 724 -28.78 -31.89 -13.85
C SER A 724 -29.45 -33.01 -14.64
N ASN A 725 -30.05 -32.71 -15.79
CA ASN A 725 -30.80 -33.73 -16.57
C ASN A 725 -29.83 -34.67 -17.26
N LYS A 726 -30.30 -35.83 -17.70
CA LYS A 726 -29.40 -36.83 -18.32
C LYS A 726 -28.71 -36.22 -19.54
N PRO A 727 -29.37 -35.45 -20.44
CA PRO A 727 -28.66 -34.84 -21.54
C PRO A 727 -27.53 -33.90 -21.06
N ALA A 728 -27.78 -33.14 -20.00
CA ALA A 728 -26.74 -32.24 -19.46
C ALA A 728 -25.53 -33.04 -18.99
N ILE A 729 -25.77 -34.12 -18.23
CA ILE A 729 -24.64 -34.90 -17.66
C ILE A 729 -23.83 -35.51 -18.81
N ILE A 730 -24.51 -35.99 -19.86
CA ILE A 730 -23.80 -36.60 -21.01
C ILE A 730 -22.92 -35.53 -21.66
N LEU A 731 -23.49 -34.35 -21.86
CA LEU A 731 -22.75 -33.25 -22.52
C LEU A 731 -21.61 -32.78 -21.61
N SER A 732 -21.83 -32.77 -20.30
CA SER A 732 -20.76 -32.38 -19.36
C SER A 732 -19.59 -33.36 -19.48
N SER A 733 -19.86 -34.65 -19.62
CA SER A 733 -18.78 -35.65 -19.81
C SER A 733 -18.07 -35.45 -21.15
N LEU A 734 -18.82 -35.17 -22.22
CA LEU A 734 -18.20 -35.05 -23.55
C LEU A 734 -17.24 -33.88 -23.54
N VAL A 735 -17.68 -32.75 -22.97
CA VAL A 735 -16.84 -31.53 -22.93
C VAL A 735 -15.64 -31.82 -22.02
N GLY A 736 -15.84 -32.61 -20.97
CA GLY A 736 -14.73 -33.01 -20.09
C GLY A 736 -13.71 -33.85 -20.81
N ASN A 737 -14.17 -34.75 -21.67
CA ASN A 737 -13.24 -35.58 -22.48
C ASN A 737 -12.55 -34.75 -23.55
N LEU A 738 -13.28 -33.83 -24.22
CA LEU A 738 -12.72 -33.06 -25.35
C LEU A 738 -11.58 -32.12 -24.93
N VAL A 739 -11.64 -31.55 -23.73
CA VAL A 739 -10.59 -30.61 -23.24
C VAL A 739 -9.28 -31.38 -23.09
N ASP A 740 -9.35 -32.67 -22.78
CA ASP A 740 -8.15 -33.51 -22.57
C ASP A 740 -7.82 -34.26 -23.85
N GLN A 741 -8.30 -33.80 -24.99
CA GLN A 741 -8.13 -34.55 -26.27
C GLN A 741 -6.66 -34.74 -26.63
N SER A 742 -5.84 -33.70 -26.52
CA SER A 742 -4.43 -33.82 -26.99
C SER A 742 -3.67 -34.85 -26.16
N LYS A 743 -3.81 -34.81 -24.85
CA LYS A 743 -3.13 -35.78 -23.96
C LYS A 743 -3.76 -37.17 -24.07
N GLN A 744 -5.09 -37.25 -24.22
CA GLN A 744 -5.77 -38.57 -24.22
C GLN A 744 -5.94 -39.10 -25.64
N GLY A 745 -5.44 -38.40 -26.65
CA GLY A 745 -5.49 -38.91 -28.03
C GLY A 745 -6.88 -39.18 -28.56
N ILE A 746 -7.82 -38.26 -28.32
CA ILE A 746 -9.24 -38.46 -28.73
C ILE A 746 -9.44 -37.97 -30.16
N VAL A 747 -10.02 -38.83 -31.01
CA VAL A 747 -10.36 -38.43 -32.41
C VAL A 747 -11.86 -38.19 -32.42
N PHE A 748 -12.27 -36.97 -32.76
CA PHE A 748 -13.71 -36.63 -32.83
C PHE A 748 -13.92 -35.91 -34.14
N ASN A 749 -14.90 -36.34 -34.91
CA ASN A 749 -15.15 -35.73 -36.23
C ASN A 749 -16.55 -35.13 -36.18
N GLU A 750 -16.88 -34.31 -37.18
CA GLU A 750 -18.19 -33.65 -37.20
C GLU A 750 -19.24 -34.77 -37.20
N ALA A 751 -18.93 -35.86 -37.90
CA ALA A 751 -19.89 -36.98 -37.99
C ALA A 751 -20.17 -37.56 -36.62
N SER A 752 -19.14 -37.76 -35.81
CA SER A 752 -19.35 -38.40 -34.48
C SER A 752 -20.23 -37.48 -33.62
N TRP A 753 -20.03 -36.17 -33.74
CA TRP A 753 -20.85 -35.19 -32.98
C TRP A 753 -22.31 -35.26 -33.41
N ALA A 754 -22.56 -35.33 -34.72
CA ALA A 754 -23.93 -35.46 -35.23
C ALA A 754 -24.49 -36.81 -34.79
N GLN A 755 -23.67 -37.85 -34.88
CA GLN A 755 -24.11 -39.20 -34.47
C GLN A 755 -24.45 -39.13 -32.99
N LEU A 756 -23.61 -38.45 -32.21
CA LEU A 756 -23.91 -38.35 -30.79
C LEU A 756 -25.15 -37.50 -30.54
N ARG A 757 -25.31 -36.44 -31.33
CA ARG A 757 -26.44 -35.53 -31.13
C ARG A 757 -27.77 -36.18 -31.45
N ARG A 758 -27.80 -37.09 -32.43
CA ARG A 758 -29.05 -37.70 -32.85
C ARG A 758 -29.40 -38.95 -32.06
N GLU A 759 -28.42 -39.63 -31.46
CA GLU A 759 -28.68 -40.85 -30.71
C GLU A 759 -28.88 -40.55 -29.21
N LEU A 760 -27.79 -40.22 -28.52
CA LEU A 760 -27.90 -39.97 -27.08
C LEU A 760 -28.71 -38.72 -26.80
N LEU A 761 -28.55 -37.68 -27.61
CA LEU A 761 -29.35 -36.48 -27.48
C LEU A 761 -30.59 -36.57 -28.36
N GLY A 762 -31.59 -35.75 -28.02
CA GLY A 762 -32.90 -35.88 -28.61
C GLY A 762 -33.07 -35.38 -30.04
N GLY A 763 -32.26 -35.90 -30.96
CA GLY A 763 -32.41 -35.58 -32.37
C GLY A 763 -32.55 -34.12 -32.70
N ALA A 764 -31.92 -33.25 -31.91
CA ALA A 764 -31.85 -31.83 -32.17
C ALA A 764 -30.39 -31.48 -32.46
N LEU A 765 -30.14 -30.85 -33.61
CA LEU A 765 -28.79 -30.54 -34.04
C LEU A 765 -28.45 -29.07 -33.90
N SER A 766 -29.27 -28.17 -34.44
CA SER A 766 -29.07 -26.74 -34.30
C SER A 766 -30.04 -26.20 -33.27
N LEU A 767 -29.52 -25.69 -32.15
CA LEU A 767 -30.38 -25.21 -31.04
C LEU A 767 -30.35 -23.69 -30.98
N PRO A 768 -31.41 -23.03 -30.45
CA PRO A 768 -31.49 -21.56 -30.42
C PRO A 768 -30.51 -20.86 -29.47
N ASP A 769 -29.95 -19.73 -29.90
CA ASP A 769 -29.04 -18.95 -29.03
C ASP A 769 -29.85 -18.42 -27.84
N PRO A 770 -29.27 -18.36 -26.63
CA PRO A 770 -29.99 -17.90 -25.45
C PRO A 770 -30.31 -16.41 -25.45
N MET A 771 -31.32 -16.01 -24.66
CA MET A 771 -31.74 -14.59 -24.60
C MET A 771 -30.64 -13.69 -24.03
N TYR A 772 -29.85 -14.20 -23.07
CA TYR A 772 -28.83 -13.37 -22.41
C TYR A 772 -27.79 -12.87 -23.41
N LYS A 773 -27.52 -13.66 -24.45
CA LYS A 773 -26.47 -13.28 -25.41
C LYS A 773 -26.91 -12.00 -26.11
N SER A 774 -28.02 -11.43 -25.67
CA SER A 774 -28.57 -10.24 -26.38
C SER A 774 -28.58 -9.03 -25.46
N ASP A 775 -28.28 -7.84 -26.00
CA ASP A 775 -28.19 -6.61 -25.18
C ASP A 775 -29.56 -6.30 -24.55
N SER A 776 -30.64 -6.44 -25.31
CA SER A 776 -31.99 -6.05 -24.81
C SER A 776 -32.90 -7.28 -24.79
N TRP A 777 -33.86 -7.31 -23.86
CA TRP A 777 -34.71 -8.51 -23.74
C TRP A 777 -35.54 -8.65 -25.02
N LEU A 778 -35.44 -9.80 -25.68
CA LEU A 778 -36.25 -10.06 -26.90
C LEU A 778 -37.17 -11.23 -26.59
N GLY A 779 -37.24 -11.64 -25.33
CA GLY A 779 -38.09 -12.77 -24.90
C GLY A 779 -39.54 -12.38 -24.72
N ARG A 780 -40.41 -13.36 -24.54
CA ARG A 780 -41.85 -13.08 -24.30
C ARG A 780 -42.14 -13.27 -22.81
N GLY A 781 -42.54 -12.20 -22.12
CA GLY A 781 -42.90 -12.31 -20.69
C GLY A 781 -41.73 -11.99 -19.78
N GLU A 782 -41.87 -12.27 -18.49
CA GLU A 782 -40.81 -11.95 -17.51
C GLU A 782 -39.67 -12.96 -17.67
N PRO A 783 -38.42 -12.61 -17.35
CA PRO A 783 -37.29 -13.53 -17.54
C PRO A 783 -37.44 -14.83 -16.73
N THR A 784 -37.09 -15.96 -17.33
CA THR A 784 -37.28 -17.27 -16.65
C THR A 784 -35.96 -17.84 -16.12
N HIS A 785 -34.87 -17.66 -16.87
CA HIS A 785 -33.56 -18.24 -16.47
C HIS A 785 -32.94 -17.45 -15.32
N ILE A 786 -32.08 -18.09 -14.53
CA ILE A 786 -31.39 -17.35 -13.43
C ILE A 786 -30.55 -16.24 -14.06
N ILE A 787 -29.79 -16.56 -15.10
CA ILE A 787 -28.91 -15.50 -15.66
C ILE A 787 -29.79 -14.43 -16.29
N ASP A 788 -30.90 -14.83 -16.90
CA ASP A 788 -31.82 -13.87 -17.55
C ASP A 788 -32.41 -12.92 -16.50
N TYR A 789 -32.78 -13.45 -15.33
CA TYR A 789 -33.35 -12.63 -14.24
C TYR A 789 -32.30 -11.60 -13.82
N LEU A 790 -31.04 -12.03 -13.72
CA LEU A 790 -29.97 -11.12 -13.26
C LEU A 790 -29.63 -10.08 -14.33
N LYS A 791 -29.48 -10.51 -15.57
CA LYS A 791 -29.07 -9.58 -16.67
C LYS A 791 -30.15 -8.57 -17.02
N PHE A 792 -31.40 -9.00 -17.15
CA PHE A 792 -32.46 -8.10 -17.68
C PHE A 792 -33.41 -7.60 -16.60
N SER A 793 -33.44 -8.25 -15.45
CA SER A 793 -34.41 -7.85 -14.40
C SER A 793 -33.70 -7.28 -13.16
N ILE A 794 -32.40 -7.54 -13.00
CA ILE A 794 -31.70 -7.07 -11.77
C ILE A 794 -30.56 -6.12 -12.14
N ALA A 795 -29.97 -6.29 -13.32
CA ALA A 795 -28.78 -5.47 -13.64
C ALA A 795 -29.15 -4.30 -14.53
N ARG A 796 -29.79 -4.56 -15.67
CA ARG A 796 -30.07 -3.46 -16.62
C ARG A 796 -30.97 -2.42 -15.95
N PRO A 797 -32.05 -2.76 -15.21
CA PRO A 797 -32.85 -1.71 -14.61
C PRO A 797 -32.00 -0.86 -13.66
N ALA A 798 -31.17 -1.52 -12.85
CA ALA A 798 -30.36 -0.78 -11.85
C ALA A 798 -29.30 0.04 -12.59
N ILE A 799 -28.66 -0.54 -13.60
CA ILE A 799 -27.58 0.16 -14.28
C ILE A 799 -28.12 1.42 -14.96
N ASP A 800 -29.25 1.30 -15.66
CA ASP A 800 -29.83 2.46 -16.34
C ASP A 800 -30.17 3.57 -15.37
N LYS A 801 -30.46 3.19 -14.11
CA LYS A 801 -30.87 4.19 -13.10
C LYS A 801 -29.65 4.83 -12.44
N GLU A 802 -28.68 4.02 -12.02
CA GLU A 802 -27.51 4.57 -11.28
C GLU A 802 -26.77 5.53 -12.18
N LEU A 803 -26.75 5.26 -13.48
CA LEU A 803 -26.11 6.18 -14.44
C LEU A 803 -26.82 7.53 -14.37
N GLU A 804 -28.15 7.54 -14.38
CA GLU A 804 -28.90 8.83 -14.38
C GLU A 804 -28.62 9.59 -13.09
N ALA A 805 -28.59 8.89 -11.95
CA ALA A 805 -28.31 9.55 -10.67
C ALA A 805 -26.90 10.14 -10.69
N PHE A 806 -25.92 9.37 -11.20
CA PHE A 806 -24.52 9.83 -11.27
C PHE A 806 -24.45 11.02 -12.24
N HIS A 807 -25.19 10.95 -13.35
CA HIS A 807 -25.22 12.06 -14.32
C HIS A 807 -25.80 13.30 -13.65
N ASN A 808 -26.88 13.14 -12.89
CA ASN A 808 -27.53 14.29 -12.23
C ASN A 808 -26.55 14.89 -11.22
N ALA A 809 -25.84 14.02 -10.50
CA ALA A 809 -24.84 14.49 -9.51
C ALA A 809 -23.72 15.24 -10.24
N MET A 810 -23.29 14.73 -11.39
CA MET A 810 -22.23 15.39 -12.19
C MET A 810 -22.69 16.79 -12.58
N ALA A 820 -20.45 22.86 -15.24
CA ALA A 820 -19.45 22.00 -15.87
C ALA A 820 -19.35 22.31 -17.37
N HIS A 821 -18.38 23.14 -17.73
CA HIS A 821 -18.23 23.63 -19.09
C HIS A 821 -16.94 23.07 -19.70
N PHE A 822 -16.68 23.48 -20.94
CA PHE A 822 -15.35 23.35 -21.53
C PHE A 822 -14.53 24.61 -21.33
N TRP A 823 -15.16 25.77 -21.55
CA TRP A 823 -14.46 27.04 -21.48
C TRP A 823 -13.70 27.18 -20.17
N ASP A 824 -12.51 27.78 -20.25
CA ASP A 824 -11.69 28.09 -19.09
C ASP A 824 -10.98 29.42 -19.34
N PRO A 825 -11.37 30.48 -18.65
CA PRO A 825 -10.75 31.79 -18.89
C PRO A 825 -9.25 31.78 -18.69
N ASP A 826 -8.75 30.76 -17.99
CA ASP A 826 -7.31 30.64 -17.77
C ASP A 826 -6.62 29.90 -18.92
N LEU A 827 -7.27 28.89 -19.48
CA LEU A 827 -6.67 28.12 -20.57
C LEU A 827 -6.55 28.92 -21.86
N ALA A 828 -6.95 30.19 -21.85
CA ALA A 828 -6.86 31.03 -23.04
C ALA A 828 -6.12 32.34 -22.75
N SER A 829 -5.35 32.40 -21.66
CA SER A 829 -4.62 33.62 -21.34
C SER A 829 -3.63 33.98 -22.43
N TYR A 830 -3.03 32.98 -23.06
CA TYR A 830 -1.97 33.27 -24.06
C TYR A 830 -2.60 33.82 -25.35
N TYR A 831 -3.82 33.39 -25.67
CA TYR A 831 -4.52 33.91 -26.86
C TYR A 831 -4.74 35.40 -26.66
N THR A 832 -5.18 35.77 -25.46
CA THR A 832 -5.42 37.20 -25.16
C THR A 832 -4.09 37.93 -25.28
N PHE A 833 -3.01 37.32 -24.81
CA PHE A 833 -1.70 38.00 -24.83
C PHE A 833 -1.30 38.27 -26.28
N PHE A 834 -1.55 37.32 -27.18
CA PHE A 834 -1.07 37.48 -28.59
C PHE A 834 -1.99 38.43 -29.38
N LYS A 835 -3.28 38.44 -29.07
CA LYS A 835 -4.19 39.42 -29.73
C LYS A 835 -3.76 40.83 -29.33
N GLU A 836 -3.39 41.04 -28.07
CA GLU A 836 -2.88 42.37 -27.66
C GLU A 836 -1.60 42.66 -28.44
N ILE A 837 -0.73 41.65 -28.59
CA ILE A 837 0.54 41.82 -29.34
C ILE A 837 0.21 42.10 -30.80
N SER A 838 -0.82 41.45 -31.34
CA SER A 838 -1.18 41.61 -32.77
C SER A 838 -1.52 43.08 -33.01
N ASP A 839 -2.19 43.70 -32.05
CA ASP A 839 -2.60 45.12 -32.22
C ASP A 839 -1.32 45.95 -32.36
N LYS A 840 -0.30 45.67 -31.56
CA LYS A 840 1.00 46.39 -31.65
C LYS A 840 1.71 46.10 -32.98
N SER A 841 1.76 44.84 -33.42
CA SER A 841 2.56 44.54 -34.66
C SER A 841 1.81 43.63 -35.64
N ARG A 842 1.83 44.00 -36.91
CA ARG A 842 1.20 43.17 -37.98
C ARG A 842 1.96 41.85 -38.12
N SER A 843 3.28 41.87 -37.89
CA SER A 843 4.03 40.61 -37.95
C SER A 843 3.47 39.69 -36.88
N SER A 844 3.24 40.23 -35.68
CA SER A 844 2.64 39.43 -34.60
C SER A 844 1.29 38.93 -35.08
N ALA A 845 0.64 39.68 -35.99
CA ALA A 845 -0.70 39.30 -36.47
C ALA A 845 -0.60 38.17 -37.49
N LEU A 846 0.40 38.23 -38.36
CA LEU A 846 0.58 37.19 -39.41
C LEU A 846 0.85 35.86 -38.72
N LEU A 847 1.64 35.87 -37.65
CA LEU A 847 1.99 34.59 -36.99
C LEU A 847 0.69 33.95 -36.50
N PHE A 848 -0.19 34.76 -35.91
CA PHE A 848 -1.47 34.23 -35.38
C PHE A 848 -2.32 33.71 -36.54
N THR A 849 -2.35 34.47 -37.64
CA THR A 849 -3.23 34.05 -38.76
C THR A 849 -2.73 32.70 -39.28
N THR A 850 -1.42 32.58 -39.45
CA THR A 850 -0.85 31.31 -39.99
C THR A 850 -1.13 30.19 -38.98
N LEU A 851 -0.97 30.50 -37.71
CA LEU A 851 -1.19 29.48 -36.65
C LEU A 851 -2.64 29.02 -36.68
N LYS A 852 -3.57 29.97 -36.75
CA LYS A 852 -5.01 29.59 -36.68
C LYS A 852 -5.36 28.72 -37.88
N ASN A 853 -4.90 29.13 -39.05
CA ASN A 853 -5.26 28.38 -40.27
C ASN A 853 -4.66 26.98 -40.21
N ARG A 854 -3.42 26.87 -39.75
CA ARG A 854 -2.73 25.56 -39.70
C ARG A 854 -3.50 24.66 -38.73
N ILE A 855 -3.95 25.22 -37.62
CA ILE A 855 -4.66 24.41 -36.59
C ILE A 855 -5.91 23.84 -37.24
N GLY A 856 -6.57 24.64 -38.08
CA GLY A 856 -7.82 24.19 -38.74
C GLY A 856 -7.54 23.06 -39.70
N GLU A 857 -6.40 23.11 -40.40
CA GLU A 857 -6.03 22.01 -41.33
C GLU A 857 -5.86 20.73 -40.51
N VAL A 858 -5.22 20.83 -39.35
CA VAL A 858 -4.97 19.63 -38.48
C VAL A 858 -6.32 19.06 -37.99
N GLU A 859 -7.27 19.92 -37.65
CA GLU A 859 -8.59 19.46 -37.19
C GLU A 859 -9.26 18.68 -38.32
N LYS A 860 -9.15 19.19 -39.55
CA LYS A 860 -9.81 18.53 -40.68
C LYS A 860 -9.21 17.14 -40.80
N GLU A 861 -7.89 17.05 -40.63
CA GLU A 861 -7.21 15.72 -40.68
C GLU A 861 -7.71 14.84 -39.54
N TYR A 862 -7.89 15.42 -38.35
CA TYR A 862 -8.31 14.63 -37.18
C TYR A 862 -9.70 14.04 -37.44
N GLY A 863 -10.58 14.85 -38.03
CA GLY A 863 -11.93 14.37 -38.37
C GLY A 863 -11.86 13.27 -39.41
N ARG A 864 -10.98 13.43 -40.41
CA ARG A 864 -10.79 12.36 -41.41
C ARG A 864 -10.17 11.12 -40.78
N LEU A 865 -9.19 11.28 -39.89
CA LEU A 865 -8.47 10.08 -39.34
C LEU A 865 -8.94 9.76 -37.93
N ASP A 876 -3.79 1.02 -41.05
CA ASP A 876 -3.47 2.16 -40.14
C ASP A 876 -4.44 2.15 -38.95
N PRO A 877 -4.04 1.62 -37.78
CA PRO A 877 -4.89 1.62 -36.59
C PRO A 877 -5.02 3.01 -35.94
N TYR A 878 -5.87 3.14 -34.91
CA TYR A 878 -6.14 4.46 -34.28
C TYR A 878 -4.88 5.13 -33.73
N PRO A 879 -3.95 4.46 -33.01
CA PRO A 879 -2.79 5.17 -32.49
C PRO A 879 -1.96 5.81 -33.61
N VAL A 880 -1.73 5.10 -34.70
CA VAL A 880 -0.85 5.63 -35.78
C VAL A 880 -1.52 6.87 -36.39
N ARG A 881 -2.84 6.83 -36.51
CA ARG A 881 -3.58 7.99 -37.06
C ARG A 881 -3.36 9.16 -36.11
N VAL A 882 -3.44 8.92 -34.80
CA VAL A 882 -3.31 10.05 -33.82
C VAL A 882 -1.90 10.63 -33.95
N ASN A 883 -0.90 9.78 -34.04
CA ASN A 883 0.51 10.24 -34.15
C ASN A 883 0.66 11.02 -35.47
N GLN A 884 -0.01 10.54 -36.52
CA GLN A 884 0.08 11.21 -37.85
C GLN A 884 -0.49 12.62 -37.74
N VAL A 885 -1.57 12.77 -37.00
CA VAL A 885 -2.15 14.12 -36.79
C VAL A 885 -1.23 14.89 -35.83
N TYR A 886 -0.65 14.20 -34.86
CA TYR A 886 0.20 14.90 -33.90
C TYR A 886 1.44 15.48 -34.57
N GLU A 887 2.05 14.74 -35.49
CA GLU A 887 3.22 15.25 -36.20
C GLU A 887 2.88 16.52 -36.95
N LYS A 888 1.71 16.57 -37.59
CA LYS A 888 1.25 17.80 -38.22
C LYS A 888 1.02 18.90 -37.18
N TRP A 889 0.53 18.52 -36.00
CA TRP A 889 0.33 19.49 -34.93
C TRP A 889 1.65 20.09 -34.47
N CYS A 890 2.62 19.21 -34.19
CA CYS A 890 3.93 19.68 -33.70
C CYS A 890 4.66 20.39 -34.84
N ALA A 891 4.22 20.15 -36.07
CA ALA A 891 4.84 20.80 -37.25
C ALA A 891 4.62 22.31 -37.16
N ILE A 892 3.45 22.72 -36.65
CA ILE A 892 3.20 24.18 -36.64
C ILE A 892 4.36 24.78 -35.85
N THR A 893 5.08 25.73 -36.44
CA THR A 893 6.30 26.26 -35.79
C THR A 893 6.34 27.77 -36.01
N PRO A 894 7.07 28.53 -35.18
CA PRO A 894 7.17 29.96 -35.39
C PRO A 894 7.42 30.33 -36.85
N GLU A 895 8.08 29.45 -37.63
CA GLU A 895 8.29 29.71 -39.05
C GLU A 895 8.60 28.41 -39.79
N SER A 906 11.98 38.55 -35.05
CA SER A 906 13.08 37.62 -34.68
C SER A 906 13.21 37.56 -33.17
N LYS A 907 13.28 38.72 -32.50
CA LYS A 907 13.48 38.73 -31.04
C LYS A 907 12.28 38.02 -30.41
N VAL A 908 11.08 38.36 -30.87
CA VAL A 908 9.86 37.68 -30.36
C VAL A 908 9.92 36.20 -30.75
N ILE A 909 10.36 35.91 -31.98
CA ILE A 909 10.36 34.50 -32.46
C ILE A 909 11.33 33.71 -31.57
N ARG A 910 12.46 34.31 -31.24
CA ARG A 910 13.46 33.62 -30.38
C ARG A 910 12.84 33.39 -29.01
N LEU A 911 12.16 34.40 -28.46
CA LEU A 911 11.53 34.27 -27.13
C LEU A 911 10.43 33.21 -27.19
N LEU A 912 9.68 33.18 -28.28
CA LEU A 912 8.63 32.14 -28.46
C LEU A 912 9.24 30.76 -28.66
N GLU A 913 10.33 30.65 -29.44
CA GLU A 913 10.86 29.31 -29.79
C GLU A 913 11.82 28.77 -28.74
N LEU A 914 12.56 29.63 -28.05
CA LEU A 914 13.45 29.15 -26.96
C LEU A 914 14.15 27.89 -27.44
N SER A 915 14.85 27.95 -28.58
CA SER A 915 15.44 26.74 -29.23
C SER A 915 16.55 26.09 -28.39
N PHE A 916 17.04 26.74 -27.36
CA PHE A 916 18.05 26.09 -26.47
C PHE A 916 17.41 24.83 -25.88
N LEU A 917 16.11 24.87 -25.62
CA LEU A 917 15.40 23.68 -25.10
C LEU A 917 15.25 22.65 -26.22
N ALA A 918 15.63 21.40 -25.94
CA ALA A 918 15.57 20.33 -26.97
C ALA A 918 14.12 19.99 -27.32
N ASP A 919 13.25 19.88 -26.33
CA ASP A 919 11.83 19.59 -26.61
C ASP A 919 11.17 20.93 -26.90
N ARG A 920 10.67 21.10 -28.13
CA ARG A 920 10.03 22.37 -28.52
C ARG A 920 8.67 22.42 -27.84
N GLU A 921 8.18 21.26 -27.42
CA GLU A 921 6.92 21.22 -26.69
C GLU A 921 7.06 21.78 -25.28
N MET A 922 8.22 22.33 -24.95
CA MET A 922 8.43 22.94 -23.62
C MET A 922 8.71 24.42 -23.79
N ASN A 923 8.38 24.98 -24.96
CA ASN A 923 8.63 26.42 -25.24
C ASN A 923 7.34 27.24 -25.10
N THR A 924 7.48 28.56 -25.01
CA THR A 924 6.31 29.47 -24.89
C THR A 924 5.44 29.37 -26.16
N TRP A 925 6.03 29.16 -27.31
CA TRP A 925 5.24 29.12 -28.57
C TRP A 925 4.22 28.01 -28.49
N ALA A 926 4.61 26.86 -27.94
CA ALA A 926 3.69 25.70 -27.84
C ALA A 926 2.51 26.11 -26.96
N LEU A 927 2.78 26.91 -25.94
CA LEU A 927 1.72 27.39 -25.04
C LEU A 927 0.75 28.30 -25.81
N LEU A 928 1.27 29.30 -26.52
CA LEU A 928 0.37 30.14 -27.31
C LEU A 928 -0.38 29.32 -28.35
N ARG A 929 0.31 28.39 -29.01
CA ARG A 929 -0.35 27.54 -29.99
C ARG A 929 -1.49 26.73 -29.36
N ALA A 930 -1.35 26.37 -28.08
CA ALA A 930 -2.38 25.58 -27.43
C ALA A 930 -3.53 26.46 -26.96
N SER A 931 -3.24 27.64 -26.40
CA SER A 931 -4.29 28.54 -25.94
C SER A 931 -5.19 28.94 -27.11
N THR A 932 -4.58 29.30 -28.24
CA THR A 932 -5.37 29.72 -29.40
C THR A 932 -6.25 28.58 -29.89
N ALA A 933 -5.71 27.37 -29.96
CA ALA A 933 -6.52 26.22 -30.37
C ALA A 933 -7.72 26.04 -29.46
N PHE A 934 -7.54 26.30 -28.16
CA PHE A 934 -8.65 26.19 -27.21
C PHE A 934 -9.74 27.21 -27.54
N LYS A 935 -9.35 28.47 -27.69
CA LYS A 935 -10.31 29.50 -28.05
C LYS A 935 -10.99 29.17 -29.38
N LEU A 936 -10.25 28.57 -30.31
CA LEU A 936 -10.80 28.31 -31.64
C LEU A 936 -11.80 27.16 -31.63
N TYR A 937 -11.56 26.13 -30.81
CA TYR A 937 -12.30 24.88 -30.93
C TYR A 937 -12.82 24.36 -29.59
N TYR A 938 -12.92 25.19 -28.55
CA TYR A 938 -13.39 24.64 -27.28
C TYR A 938 -14.85 24.18 -27.39
N HIS A 939 -15.66 24.92 -28.14
CA HIS A 939 -17.03 24.50 -28.40
C HIS A 939 -17.15 23.68 -29.68
N LYS A 940 -16.43 24.07 -30.72
CA LYS A 940 -16.52 23.41 -32.02
C LYS A 940 -16.09 21.95 -31.94
N SER A 941 -14.80 21.71 -31.71
CA SER A 941 -14.26 20.35 -31.63
C SER A 941 -13.50 20.19 -30.32
N PRO A 942 -14.07 19.49 -29.34
CA PRO A 942 -13.40 19.37 -28.04
C PRO A 942 -12.19 18.44 -28.04
N LYS A 943 -12.38 17.21 -28.55
CA LYS A 943 -11.32 16.21 -28.46
C LYS A 943 -10.04 16.65 -29.17
N PHE A 944 -10.16 17.54 -30.16
CA PHE A 944 -8.98 17.98 -30.90
C PHE A 944 -8.01 18.74 -29.99
N VAL A 945 -8.52 19.77 -29.31
CA VAL A 945 -7.66 20.60 -28.47
C VAL A 945 -6.97 19.76 -27.39
N TRP A 946 -7.72 18.80 -26.82
CA TRP A 946 -7.17 18.03 -25.70
C TRP A 946 -6.22 16.94 -26.18
N GLN A 947 -6.66 16.12 -27.14
CA GLN A 947 -5.81 15.05 -27.64
C GLN A 947 -4.48 15.58 -28.16
N MET A 948 -4.47 16.82 -28.68
CA MET A 948 -3.28 17.39 -29.28
C MET A 948 -2.47 18.21 -28.26
N ALA A 949 -3.11 19.19 -27.64
CA ALA A 949 -2.42 20.14 -26.77
C ALA A 949 -2.77 19.97 -25.29
N GLY A 950 -3.32 18.82 -24.92
CA GLY A 950 -3.64 18.60 -23.51
C GLY A 950 -2.45 18.84 -22.59
N ARG A 951 -1.26 18.49 -23.03
CA ARG A 951 -0.06 18.63 -22.14
C ARG A 951 0.19 20.11 -21.88
N GLN A 952 0.25 20.91 -22.93
CA GLN A 952 0.57 22.35 -22.78
C GLN A 952 -0.57 23.06 -22.06
N LEU A 953 -1.82 22.63 -22.26
CA LEU A 953 -2.93 23.23 -21.53
C LEU A 953 -2.76 23.03 -20.03
N ALA A 954 -2.27 21.85 -19.63
CA ALA A 954 -2.03 21.61 -18.21
C ALA A 954 -0.94 22.53 -17.66
N TYR A 955 0.10 22.78 -18.45
CA TYR A 955 1.10 23.77 -18.06
C TYR A 955 0.44 25.11 -17.76
N ILE A 956 -0.44 25.55 -18.67
CA ILE A 956 -1.07 26.86 -18.54
C ILE A 956 -1.90 26.91 -17.26
N LYS A 957 -2.72 25.88 -17.02
CA LYS A 957 -3.55 25.86 -15.82
C LYS A 957 -2.70 25.92 -14.56
N ALA A 958 -1.69 25.05 -14.47
CA ALA A 958 -0.81 25.07 -13.30
C ALA A 958 -0.14 26.42 -13.12
N GLN A 959 0.16 27.11 -14.22
CA GLN A 959 0.72 28.45 -14.11
C GLN A 959 -0.32 29.45 -13.60
N MET A 960 -1.55 29.33 -14.07
CA MET A 960 -2.60 30.27 -13.71
C MET A 960 -3.12 30.04 -12.29
N THR A 961 -3.25 28.78 -11.88
CA THR A 961 -3.79 28.49 -10.55
C THR A 961 -2.84 28.87 -9.43
N SER A 962 -1.53 28.90 -9.70
CA SER A 962 -0.58 29.29 -8.67
C SER A 962 -0.82 30.73 -8.24
N ARG A 963 -0.74 30.98 -6.94
CA ARG A 963 -1.03 32.30 -6.40
C ARG A 963 0.04 32.68 -5.37
N PRO A 964 0.44 33.95 -5.34
CA PRO A 964 1.66 34.32 -4.60
C PRO A 964 1.60 33.91 -3.14
N GLY A 965 2.76 33.49 -2.62
CA GLY A 965 2.91 33.12 -1.24
C GLY A 965 2.28 31.80 -0.85
N GLU A 966 1.67 31.07 -1.79
CA GLU A 966 0.95 29.84 -1.49
C GLU A 966 1.70 28.66 -2.11
N GLY A 967 2.87 28.36 -1.54
CA GLY A 967 3.65 27.23 -2.02
C GLY A 967 4.22 27.49 -3.41
N ALA A 968 4.64 26.40 -4.05
CA ALA A 968 5.23 26.48 -5.36
C ALA A 968 4.84 25.26 -6.19
N PRO A 969 4.33 25.44 -7.40
CA PRO A 969 4.14 24.29 -8.30
C PRO A 969 5.47 23.65 -8.64
N ALA A 970 5.43 22.37 -9.00
CA ALA A 970 6.61 21.58 -9.26
C ALA A 970 6.54 21.01 -10.67
N LEU A 971 7.54 21.34 -11.49
CA LEU A 971 7.70 20.73 -12.81
C LEU A 971 8.47 19.43 -12.64
N MET A 972 7.75 18.31 -12.70
CA MET A 972 8.34 17.00 -12.49
C MET A 972 8.80 16.42 -13.82
N THR A 973 10.03 15.88 -13.83
CA THR A 973 10.47 15.12 -14.98
C THR A 973 9.55 13.93 -15.21
N ALA A 974 9.41 13.52 -16.47
CA ALA A 974 8.54 12.40 -16.80
C ALA A 974 8.83 11.20 -15.89
N PHE A 975 10.09 10.80 -15.79
CA PHE A 975 10.44 9.61 -15.03
C PHE A 975 10.08 9.77 -13.56
N MET A 976 10.40 10.93 -12.98
CA MET A 976 10.17 11.10 -11.52
C MET A 976 8.67 11.17 -11.23
N TYR A 977 7.88 11.67 -12.18
CA TYR A 977 6.41 11.75 -12.00
C TYR A 977 5.81 10.35 -11.88
N ALA A 978 6.30 9.42 -12.69
CA ALA A 978 5.78 8.04 -12.69
C ALA A 978 6.04 7.37 -11.33
N GLY A 979 7.13 7.72 -10.68
CA GLY A 979 7.49 7.05 -9.42
C GLY A 979 6.57 7.44 -8.29
N LEU A 980 6.02 8.65 -8.34
CA LEU A 980 5.19 9.13 -7.21
C LEU A 980 3.80 8.47 -7.26
N MET A 981 3.18 8.26 -6.10
CA MET A 981 1.83 7.63 -6.01
C MET A 981 0.99 8.43 -5.02
N PRO A 982 -0.36 8.47 -5.13
CA PRO A 982 -1.17 9.18 -4.15
C PRO A 982 -1.05 8.62 -2.72
N ASP A 983 -0.95 9.49 -1.72
CA ASP A 983 -0.90 9.03 -0.32
C ASP A 983 -2.32 9.06 0.25
N LYS A 984 -2.89 7.88 0.52
CA LYS A 984 -4.28 7.80 1.02
C LYS A 984 -4.36 8.53 2.37
N LYS A 985 -3.31 8.38 3.18
CA LYS A 985 -3.34 9.00 4.53
C LYS A 985 -3.49 10.52 4.40
N PHE A 986 -2.78 11.12 3.44
CA PHE A 986 -2.86 12.59 3.26
C PHE A 986 -4.30 12.95 2.91
N THR A 987 -4.92 12.14 2.05
CA THR A 987 -6.29 12.49 1.57
C THR A 987 -7.23 12.53 2.78
N LYS A 988 -7.24 11.50 3.61
CA LYS A 988 -8.20 11.47 4.72
C LYS A 988 -7.97 12.67 5.64
N GLN A 989 -6.72 12.92 6.00
CA GLN A 989 -6.40 14.02 6.96
C GLN A 989 -6.75 15.41 6.41
N TYR A 990 -6.43 15.66 5.14
CA TYR A 990 -6.79 16.96 4.53
C TYR A 990 -8.32 17.08 4.51
N VAL A 991 -8.98 15.99 4.17
CA VAL A 991 -10.47 16.00 4.11
C VAL A 991 -10.98 16.29 5.52
N ALA A 992 -10.37 15.69 6.53
CA ALA A 992 -10.80 15.88 7.92
C ALA A 992 -10.66 17.34 8.33
N ARG A 993 -9.58 18.00 7.91
CA ARG A 993 -9.35 19.40 8.33
C ARG A 993 -10.48 20.29 7.83
N LEU A 994 -10.88 20.11 6.57
CA LEU A 994 -12.04 20.86 6.02
C LEU A 994 -13.33 20.39 6.70
N GLU A 995 -13.47 19.07 6.90
CA GLU A 995 -14.73 18.52 7.48
C GLU A 995 -14.61 18.45 9.00
N VAL B 18 0.59 35.16 51.02
CA VAL B 18 0.40 36.24 50.02
C VAL B 18 -1.10 36.44 49.79
N ALA B 19 -1.89 36.42 50.87
CA ALA B 19 -3.35 36.51 50.74
C ALA B 19 -3.73 37.83 50.09
N ALA B 20 -3.06 38.91 50.45
CA ALA B 20 -3.45 40.23 49.91
C ALA B 20 -3.26 40.23 48.39
N ARG B 21 -2.19 39.60 47.91
CA ARG B 21 -1.97 39.48 46.45
C ARG B 21 -3.09 38.63 45.84
N LEU B 22 -3.54 37.61 46.56
CA LEU B 22 -4.57 36.67 46.05
C LEU B 22 -5.94 37.34 45.90
N ARG B 23 -6.16 38.49 46.54
CA ARG B 23 -7.51 39.12 46.54
C ARG B 23 -7.96 39.43 45.10
N ASN B 24 -7.06 39.92 44.24
CA ASN B 24 -7.48 40.32 42.88
C ASN B 24 -6.61 39.59 41.84
N ILE B 25 -6.78 38.27 41.73
CA ILE B 25 -5.98 37.47 40.76
C ILE B 25 -6.70 37.44 39.43
N TRP B 26 -8.02 37.23 39.46
CA TRP B 26 -8.77 37.06 38.19
C TRP B 26 -9.20 38.37 37.53
N PRO B 27 -9.27 38.43 36.19
CA PRO B 27 -9.73 39.62 35.49
C PRO B 27 -11.17 39.94 35.90
N LYS B 28 -11.49 41.22 36.09
CA LYS B 28 -12.84 41.62 36.57
C LYS B 28 -13.89 41.63 35.46
N PHE B 29 -15.16 41.44 35.83
CA PHE B 29 -16.27 41.47 34.85
C PHE B 29 -17.17 42.66 35.21
N PRO B 30 -17.37 43.64 34.31
CA PRO B 30 -18.16 44.82 34.62
C PRO B 30 -19.60 44.78 34.08
N LYS B 31 -20.45 45.71 34.54
CA LYS B 31 -21.86 45.69 34.15
C LYS B 31 -22.02 45.70 32.63
N TRP B 32 -21.14 46.40 31.93
CA TRP B 32 -21.31 46.51 30.47
C TRP B 32 -21.17 45.17 29.77
N LEU B 33 -20.51 44.19 30.39
CA LEU B 33 -20.37 42.86 29.82
C LEU B 33 -21.31 41.85 30.45
N HIS B 34 -22.08 42.25 31.45
CA HIS B 34 -23.00 41.31 32.15
C HIS B 34 -23.95 40.66 31.15
N GLU B 35 -24.48 41.44 30.21
CA GLU B 35 -25.47 40.91 29.23
C GLU B 35 -24.71 40.43 27.99
N ALA B 36 -23.87 39.41 28.11
CA ALA B 36 -23.08 39.01 26.94
C ALA B 36 -22.96 37.49 26.86
N PRO B 37 -22.83 36.91 25.65
CA PRO B 37 -22.62 35.48 25.52
C PRO B 37 -21.27 35.11 26.14
N LEU B 38 -21.17 33.92 26.74
CA LEU B 38 -19.94 33.51 27.44
C LEU B 38 -18.76 33.49 26.45
N ALA B 39 -19.00 32.98 25.25
CA ALA B 39 -17.89 32.85 24.29
C ALA B 39 -17.33 34.22 23.95
N VAL B 40 -18.20 35.19 23.69
CA VAL B 40 -17.74 36.57 23.39
C VAL B 40 -17.06 37.11 24.64
N ALA B 41 -17.61 36.86 25.82
CA ALA B 41 -17.02 37.45 27.03
C ALA B 41 -15.59 36.94 27.16
N TRP B 42 -15.40 35.65 26.92
CA TRP B 42 -14.05 35.07 27.10
C TRP B 42 -13.10 35.71 26.09
N GLU B 43 -13.54 35.82 24.84
CA GLU B 43 -12.63 36.35 23.80
C GLU B 43 -12.35 37.83 24.02
N VAL B 44 -13.38 38.60 24.37
CA VAL B 44 -13.18 40.06 24.57
C VAL B 44 -12.29 40.29 25.79
N THR B 45 -12.49 39.50 26.84
CA THR B 45 -11.62 39.61 28.04
C THR B 45 -10.20 39.32 27.57
N ARG B 46 -10.04 38.32 26.72
CA ARG B 46 -8.67 37.94 26.29
C ARG B 46 -8.04 39.11 25.53
N LEU B 47 -8.82 39.77 24.66
CA LEU B 47 -8.28 40.86 23.81
C LEU B 47 -7.97 42.09 24.67
N PHE B 48 -8.82 42.39 25.65
CA PHE B 48 -8.56 43.54 26.54
C PHE B 48 -7.25 43.29 27.25
N MET B 49 -7.01 42.05 27.66
CA MET B 49 -5.77 41.71 28.42
C MET B 49 -4.54 41.93 27.54
N HIS B 50 -4.62 41.52 26.28
CA HIS B 50 -3.46 41.68 25.36
C HIS B 50 -3.19 43.17 25.18
N CYS B 51 -4.25 43.98 25.10
CA CYS B 51 -4.10 45.44 24.88
C CYS B 51 -3.97 46.16 26.22
N LYS B 52 -4.07 45.43 27.32
CA LYS B 52 -3.92 46.00 28.69
C LYS B 52 -4.96 47.11 28.90
N VAL B 53 -6.18 46.92 28.39
CA VAL B 53 -7.26 47.92 28.65
C VAL B 53 -8.06 47.44 29.86
N ASP B 54 -8.09 48.24 30.93
CA ASP B 54 -8.80 47.81 32.18
C ASP B 54 -10.28 47.66 31.86
N LEU B 55 -10.89 46.57 32.32
CA LEU B 55 -12.32 46.32 32.02
C LEU B 55 -13.17 47.41 32.68
N GLU B 56 -12.84 47.78 33.92
CA GLU B 56 -13.64 48.80 34.65
C GLU B 56 -13.31 50.19 34.10
N LEU B 62 -18.34 52.09 28.42
CA LEU B 62 -19.46 51.15 28.65
C LEU B 62 -20.15 50.86 27.31
N LYS B 63 -19.37 50.48 26.29
CA LYS B 63 -19.97 50.28 24.94
C LYS B 63 -20.11 48.79 24.65
N TYR B 64 -21.33 48.27 24.57
CA TYR B 64 -21.55 46.84 24.25
C TYR B 64 -22.14 46.73 22.83
N ASP B 65 -21.43 46.10 21.92
CA ASP B 65 -21.90 46.00 20.51
C ASP B 65 -22.74 44.73 20.35
N PRO B 66 -24.03 44.85 19.97
CA PRO B 66 -24.91 43.70 19.84
C PRO B 66 -24.56 42.85 18.62
N SER B 67 -23.68 43.36 17.76
CA SER B 67 -23.25 42.61 16.56
C SER B 67 -22.59 41.31 17.02
N TRP B 68 -21.97 41.32 18.19
CA TRP B 68 -21.24 40.15 18.73
C TRP B 68 -22.15 38.94 18.96
N SER B 69 -23.37 39.16 19.45
CA SER B 69 -24.23 38.01 19.83
C SER B 69 -24.51 37.09 18.63
N THR B 70 -24.56 37.65 17.43
CA THR B 70 -24.90 36.81 16.24
C THR B 70 -23.65 36.60 15.39
N ALA B 71 -22.48 36.93 15.92
CA ALA B 71 -21.23 36.79 15.15
C ALA B 71 -20.85 35.32 14.95
N ARG B 72 -20.38 34.97 13.76
CA ARG B 72 -19.91 33.58 13.51
C ARG B 72 -18.38 33.57 13.36
N ASP B 73 -17.72 34.72 13.49
CA ASP B 73 -16.24 34.75 13.46
C ASP B 73 -15.75 35.80 14.45
N VAL B 74 -14.70 35.49 15.21
CA VAL B 74 -14.19 36.44 16.23
C VAL B 74 -13.65 37.68 15.53
N THR B 75 -12.99 37.47 14.38
CA THR B 75 -12.36 38.60 13.67
C THR B 75 -13.37 39.74 13.54
N ASP B 76 -14.62 39.41 13.23
CA ASP B 76 -15.69 40.43 13.03
C ASP B 76 -16.00 41.12 14.37
N ILE B 77 -16.09 40.35 15.45
CA ILE B 77 -16.34 40.92 16.80
C ILE B 77 -15.14 41.81 17.13
N TRP B 78 -13.95 41.30 16.89
CA TRP B 78 -12.73 42.05 17.28
C TRP B 78 -12.63 43.35 16.48
N LYS B 79 -13.15 43.36 15.24
CA LYS B 79 -13.02 44.55 14.37
C LYS B 79 -13.68 45.74 15.06
N THR B 80 -14.76 45.49 15.78
CA THR B 80 -15.50 46.60 16.44
C THR B 80 -14.53 47.32 17.37
N LEU B 81 -13.62 46.58 18.01
CA LEU B 81 -12.61 47.25 18.87
C LEU B 81 -11.45 47.73 18.01
N TYR B 82 -11.68 48.73 17.14
CA TYR B 82 -10.60 49.33 16.33
C TYR B 82 -10.16 50.66 16.96
N ARG B 83 -10.74 51.02 18.11
CA ARG B 83 -10.43 52.32 18.75
C ARG B 83 -8.96 52.39 19.16
N LEU B 84 -8.42 51.32 19.71
CA LEU B 84 -7.01 51.32 20.20
C LEU B 84 -6.27 50.15 19.55
N GLU B 94 -2.98 32.74 18.21
CA GLU B 94 -3.52 33.06 19.56
C GLU B 94 -4.99 33.49 19.42
N LYS B 95 -5.63 33.17 18.30
CA LYS B 95 -7.05 33.52 18.07
C LYS B 95 -7.85 32.24 17.81
N PRO B 96 -9.10 32.11 18.30
CA PRO B 96 -9.84 30.85 18.15
C PRO B 96 -10.15 30.47 16.71
N PRO B 97 -10.05 29.19 16.30
CA PRO B 97 -10.46 28.78 14.96
C PRO B 97 -11.96 29.09 14.79
N ASN B 98 -12.39 29.29 13.54
CA ASN B 98 -13.80 29.68 13.32
C ASN B 98 -14.72 28.58 13.83
N ASP B 99 -14.35 27.32 13.62
CA ASP B 99 -15.27 26.20 13.99
C ASP B 99 -15.56 26.25 15.49
N VAL B 100 -14.55 26.49 16.31
CA VAL B 100 -14.74 26.46 17.78
C VAL B 100 -15.72 27.56 18.19
N PHE B 101 -15.54 28.77 17.64
CA PHE B 101 -16.40 29.90 18.07
C PHE B 101 -17.85 29.60 17.69
N VAL B 102 -18.06 29.08 16.47
CA VAL B 102 -19.43 28.74 16.02
C VAL B 102 -20.03 27.76 17.02
N THR B 103 -19.27 26.71 17.35
CA THR B 103 -19.80 25.66 18.26
C THR B 103 -20.13 26.32 19.60
N ALA B 104 -19.28 27.23 20.05
CA ALA B 104 -19.53 27.85 21.36
C ALA B 104 -20.79 28.69 21.30
N MET B 105 -20.94 29.48 20.22
CA MET B 105 -22.13 30.37 20.07
C MET B 105 -23.43 29.61 19.81
N THR B 106 -23.44 28.65 18.89
CA THR B 106 -24.73 28.01 18.51
C THR B 106 -24.74 26.49 18.72
N GLY B 107 -23.61 25.88 19.05
CA GLY B 107 -23.55 24.42 19.18
C GLY B 107 -23.60 23.93 20.61
N ASN B 108 -23.82 24.84 21.56
CA ASN B 108 -23.94 24.46 22.99
C ASN B 108 -22.60 23.95 23.52
N PHE B 109 -21.49 24.39 22.93
CA PHE B 109 -20.13 24.07 23.45
C PHE B 109 -19.75 22.63 23.09
N GLU B 110 -20.59 21.92 22.35
CA GLU B 110 -20.29 20.51 21.98
C GLU B 110 -20.47 20.29 20.48
N SER B 111 -19.45 19.78 19.81
CA SER B 111 -19.57 19.44 18.37
C SER B 111 -18.84 18.14 18.09
N LYS B 112 -19.44 17.23 17.33
CA LYS B 112 -18.76 15.97 16.94
C LYS B 112 -17.99 15.39 18.12
N GLY B 113 -18.66 15.22 19.26
CA GLY B 113 -18.02 14.66 20.44
C GLY B 113 -17.10 15.63 21.15
N SER B 114 -16.38 16.44 20.38
CA SER B 114 -15.46 17.41 20.97
C SER B 114 -16.22 18.41 21.83
N ALA B 115 -15.61 18.80 22.94
CA ALA B 115 -16.11 19.87 23.78
C ALA B 115 -15.09 21.00 23.80
N VAL B 116 -15.57 22.23 23.68
CA VAL B 116 -14.68 23.37 23.79
C VAL B 116 -14.29 23.55 25.24
N VAL B 117 -13.08 24.06 25.47
CA VAL B 117 -12.46 24.04 26.79
C VAL B 117 -11.97 25.44 27.14
N LEU B 118 -12.32 25.91 28.34
CA LEU B 118 -11.85 27.19 28.86
C LEU B 118 -10.62 26.89 29.72
N SER B 119 -9.46 26.98 29.09
CA SER B 119 -8.18 26.70 29.80
C SER B 119 -7.44 28.00 30.09
N ALA B 120 -6.71 28.04 31.21
CA ALA B 120 -5.91 29.23 31.55
C ALA B 120 -4.54 28.78 32.05
N VAL B 121 -3.52 29.61 31.86
CA VAL B 121 -2.18 29.30 32.44
C VAL B 121 -1.81 30.41 33.41
N LEU B 122 -1.37 30.06 34.62
CA LEU B 122 -1.04 31.06 35.66
C LEU B 122 0.47 31.06 35.85
N ASP B 123 1.08 32.22 36.04
CA ASP B 123 2.53 32.27 36.34
C ASP B 123 2.79 33.29 37.44
N TYR B 124 3.84 33.10 38.25
CA TYR B 124 4.13 34.01 39.38
C TYR B 124 4.41 35.42 38.84
N ASN B 125 3.91 36.46 39.52
CA ASN B 125 4.13 37.85 39.08
C ASN B 125 5.59 38.25 39.37
N PRO B 126 6.28 38.93 38.45
CA PRO B 126 7.65 39.37 38.70
C PRO B 126 7.74 40.34 39.87
N ASP B 127 6.81 41.30 39.96
CA ASP B 127 6.86 42.32 41.05
C ASP B 127 6.60 41.63 42.39
N ASN B 128 7.31 42.08 43.44
CA ASN B 128 7.12 41.47 44.79
C ASN B 128 6.25 42.42 45.62
N SER B 129 5.68 43.43 44.98
CA SER B 129 4.85 44.42 45.72
C SER B 129 3.67 43.68 46.34
N PRO B 130 3.35 43.90 47.64
CA PRO B 130 2.25 43.17 48.29
C PRO B 130 0.91 43.50 47.63
N ALA B 132 0.33 44.22 44.52
CA ALA B 132 0.23 43.56 43.20
C ALA B 132 -0.16 42.08 43.38
N PRO B 133 -0.81 41.45 42.38
CA PRO B 133 -1.19 40.03 42.46
C PRO B 133 -0.02 39.03 42.44
N LEU B 134 -0.16 37.91 43.15
CA LEU B 134 0.88 36.86 43.18
C LEU B 134 1.03 36.22 41.79
N TYR B 135 -0.09 36.00 41.09
CA TYR B 135 -0.01 35.28 39.80
C TYR B 135 -0.48 36.16 38.64
N LEU B 136 -0.02 35.84 37.43
CA LEU B 136 -0.47 36.57 36.22
C LEU B 136 -1.31 35.57 35.41
N VAL B 137 -2.45 36.01 34.87
CA VAL B 137 -3.37 35.05 34.21
C VAL B 137 -3.38 35.24 32.71
N LYS B 138 -3.20 34.16 31.95
CA LYS B 138 -3.36 34.25 30.48
C LYS B 138 -4.46 33.26 30.12
N LEU B 139 -5.57 33.74 29.59
CA LEU B 139 -6.70 32.84 29.26
C LEU B 139 -6.42 32.30 27.87
N LYS B 140 -6.30 30.99 27.74
CA LYS B 140 -5.94 30.41 26.43
C LYS B 140 -7.16 30.53 25.51
N PRO B 141 -6.97 30.59 24.18
CA PRO B 141 -8.10 30.75 23.28
C PRO B 141 -9.01 29.53 23.36
N LEU B 142 -10.29 29.72 23.04
CA LEU B 142 -11.24 28.59 23.06
C LEU B 142 -10.70 27.51 22.12
N MET B 143 -10.79 26.24 22.52
CA MET B 143 -10.20 25.16 21.69
C MET B 143 -10.99 23.87 21.85
N PHE B 144 -10.89 22.98 20.86
CA PHE B 144 -11.65 21.71 20.90
C PHE B 144 -10.84 20.65 21.63
N GLU B 145 -11.47 19.92 22.52
CA GLU B 145 -10.81 18.79 23.21
C GLU B 145 -11.84 17.66 23.27
N GLN B 146 -11.38 16.42 23.42
CA GLN B 146 -12.31 15.27 23.46
C GLN B 146 -13.16 15.41 24.71
N GLY B 147 -14.43 15.04 24.63
CA GLY B 147 -15.34 15.19 25.77
C GLY B 147 -15.18 14.13 26.83
N CYS B 148 -15.70 14.40 28.03
CA CYS B 148 -15.66 13.42 29.12
C CYS B 148 -17.11 13.17 29.58
N ARG B 149 -17.29 12.24 30.52
CA ARG B 149 -18.66 11.97 31.03
C ARG B 149 -19.17 13.23 31.70
N LEU B 150 -18.33 13.91 32.47
CA LEU B 150 -18.78 15.10 33.23
C LEU B 150 -19.18 16.24 32.28
N THR B 151 -18.42 16.48 31.23
CA THR B 151 -18.75 17.53 30.24
C THR B 151 -20.04 17.18 29.51
N ARG B 152 -20.21 15.91 29.16
CA ARG B 152 -21.44 15.48 28.48
C ARG B 152 -22.66 15.64 29.38
N ARG B 153 -22.58 15.21 30.63
CA ARG B 153 -23.73 15.29 31.57
C ARG B 153 -24.03 16.70 32.06
N PHE B 154 -23.01 17.46 32.46
CA PHE B 154 -23.31 18.78 33.10
C PHE B 154 -22.97 19.95 32.18
N GLY B 155 -22.35 19.70 31.03
CA GLY B 155 -22.06 20.77 30.07
C GLY B 155 -20.63 21.22 30.08
N PRO B 156 -19.95 21.38 28.91
CA PRO B 156 -18.54 21.74 28.87
C PRO B 156 -18.35 23.16 29.40
N ASP B 157 -19.39 23.99 29.28
CA ASP B 157 -19.34 25.40 29.72
C ASP B 157 -19.16 25.46 31.23
N ARG B 158 -19.49 24.38 31.93
CA ARG B 158 -19.44 24.37 33.41
C ARG B 158 -18.07 23.91 33.89
N PHE B 159 -17.11 23.74 32.97
CA PHE B 159 -15.78 23.21 33.35
C PHE B 159 -14.65 24.18 32.95
N PHE B 160 -13.77 24.50 33.90
CA PHE B 160 -12.64 25.44 33.66
C PHE B 160 -11.35 24.81 34.19
N GLU B 161 -10.28 24.84 33.41
CA GLU B 161 -9.01 24.18 33.83
C GLU B 161 -7.86 25.20 33.83
N ILE B 162 -6.97 25.11 34.83
CA ILE B 162 -5.83 26.06 34.95
C ILE B 162 -4.54 25.30 35.20
N LEU B 163 -3.40 25.90 34.87
CA LEU B 163 -2.08 25.30 35.20
C LEU B 163 -1.42 26.28 36.18
N ILE B 164 -1.28 25.90 37.45
CA ILE B 164 -0.79 26.88 38.47
C ILE B 164 0.57 26.42 38.98
N PRO B 165 1.52 27.34 39.20
CA PRO B 165 2.80 26.95 39.78
C PRO B 165 2.54 26.35 41.16
N SER B 166 3.19 25.23 41.46
CA SER B 166 2.92 24.50 42.73
C SER B 166 3.43 25.29 43.92
N PRO B 167 2.64 25.38 45.00
CA PRO B 167 3.10 26.02 46.23
C PRO B 167 4.26 25.29 46.90
N THR B 168 4.39 23.97 46.69
CA THR B 168 5.42 23.18 47.39
C THR B 168 6.73 23.24 46.61
N SER B 169 6.82 24.15 45.63
CA SER B 169 8.01 24.26 44.77
C SER B 169 9.28 24.56 45.56
N THR B 170 10.37 23.86 45.24
CA THR B 170 11.67 24.10 45.90
C THR B 170 12.53 25.00 45.00
N SER B 171 12.03 25.38 43.83
CA SER B 171 12.83 26.15 42.86
C SER B 171 13.16 27.54 43.42
N PRO B 172 14.32 28.13 43.06
CA PRO B 172 14.67 29.48 43.50
C PRO B 172 13.69 30.54 43.02
N SER B 173 13.13 30.38 41.81
CA SER B 173 12.27 31.43 41.22
C SER B 173 10.99 31.66 42.03
N VAL B 174 10.65 30.75 42.95
CA VAL B 174 9.45 31.03 43.77
C VAL B 174 9.64 32.40 44.43
N PRO B 175 8.64 33.31 44.36
CA PRO B 175 8.76 34.63 44.95
C PRO B 175 8.93 34.54 46.46
N PRO B 176 9.81 35.37 47.04
CA PRO B 176 10.09 35.31 48.46
C PRO B 176 8.78 35.32 49.26
N VAL B 177 7.74 35.94 48.69
CA VAL B 177 6.46 36.07 49.45
C VAL B 177 6.05 34.65 49.86
N VAL B 178 6.23 33.67 48.97
CA VAL B 178 5.88 32.26 49.31
C VAL B 178 7.14 31.49 49.74
N SER B 179 8.32 31.92 49.33
CA SER B 179 9.56 31.17 49.65
C SER B 179 9.78 31.16 51.15
N LYS B 180 9.44 32.26 51.82
CA LYS B 180 9.57 32.34 53.31
C LYS B 180 8.70 31.26 53.92
N GLN B 181 7.59 30.92 53.25
CA GLN B 181 6.68 29.87 53.74
C GLN B 181 6.22 30.19 55.16
N PRO B 182 5.68 31.40 55.45
CA PRO B 182 5.14 31.67 56.77
C PRO B 182 3.72 31.11 56.73
N ALA B 184 2.49 29.82 54.11
CA ALA B 184 1.99 30.21 52.76
C ALA B 184 1.32 29.03 52.04
N VAL B 185 1.87 27.83 52.16
CA VAL B 185 1.31 26.69 51.36
C VAL B 185 -0.14 26.49 51.78
N GLU B 186 -0.42 26.54 53.08
CA GLU B 186 -1.79 26.27 53.54
C GLU B 186 -2.72 27.34 52.96
N GLU B 187 -2.27 28.59 52.95
CA GLU B 187 -3.13 29.71 52.47
C GLU B 187 -3.47 29.55 50.99
N VAL B 188 -2.48 29.21 50.16
CA VAL B 188 -2.77 29.15 48.70
C VAL B 188 -3.74 28.00 48.43
N ILE B 189 -3.59 26.90 49.14
CA ILE B 189 -4.51 25.74 48.98
C ILE B 189 -5.90 26.22 49.39
N GLN B 190 -5.96 27.02 50.45
CA GLN B 190 -7.27 27.56 50.92
C GLN B 190 -7.85 28.44 49.81
N TRP B 191 -7.02 29.24 49.16
CA TRP B 191 -7.57 30.16 48.14
C TRP B 191 -8.21 29.31 47.05
N LEU B 192 -7.53 28.24 46.65
CA LEU B 192 -8.04 27.36 45.58
C LEU B 192 -9.30 26.60 46.00
N THR B 193 -9.40 26.12 47.24
CA THR B 193 -10.51 25.22 47.62
C THR B 193 -11.58 25.79 48.56
N MET B 194 -11.26 26.78 49.40
CA MET B 194 -12.25 27.24 50.41
C MET B 194 -13.49 27.85 49.77
N GLY B 195 -13.34 28.56 48.66
CA GLY B 195 -14.51 29.29 48.11
C GLY B 195 -14.52 29.43 46.60
N GLN B 196 -15.56 30.06 46.08
CA GLN B 196 -15.73 30.18 44.60
C GLN B 196 -14.81 31.26 44.02
N HIS B 197 -14.66 31.25 42.70
CA HIS B 197 -13.83 32.26 42.00
C HIS B 197 -14.65 32.80 40.84
N SER B 198 -14.51 34.08 40.50
CA SER B 198 -15.35 34.68 39.44
C SER B 198 -14.46 35.13 38.28
N LEU B 199 -14.76 34.69 37.06
CA LEU B 199 -13.88 35.01 35.91
C LEU B 199 -14.70 35.64 34.78
N VAL B 200 -15.73 34.93 34.29
CA VAL B 200 -16.51 35.44 33.13
C VAL B 200 -17.99 35.44 33.48
N GLY B 201 -18.33 35.77 34.73
CA GLY B 201 -19.74 35.85 35.14
C GLY B 201 -20.23 34.59 35.83
N ARG B 202 -19.35 33.62 36.04
CA ARG B 202 -19.76 32.35 36.66
C ARG B 202 -18.95 32.10 37.94
N GLN B 203 -19.55 31.47 38.92
CA GLN B 203 -18.80 31.11 40.14
C GLN B 203 -18.13 29.75 39.93
N TRP B 204 -16.81 29.66 40.15
CA TRP B 204 -16.06 28.42 39.87
C TRP B 204 -15.49 27.83 41.16
N ARG B 205 -15.74 26.54 41.42
CA ARG B 205 -15.21 25.85 42.63
C ARG B 205 -14.35 24.67 42.19
N ALA B 206 -13.19 24.48 42.83
CA ALA B 206 -12.28 23.38 42.46
C ALA B 206 -12.81 22.02 42.92
N PHE B 207 -12.66 21.00 42.07
CA PHE B 207 -13.09 19.63 42.44
C PHE B 207 -11.94 18.63 42.30
N PHE B 208 -10.96 18.91 41.45
CA PHE B 208 -9.89 17.90 41.20
C PHE B 208 -8.55 18.58 40.88
N ALA B 209 -7.45 17.89 41.19
CA ALA B 209 -6.12 18.41 40.80
C ALA B 209 -5.17 17.27 40.46
N LYS B 210 -4.27 17.50 39.51
CA LYS B 210 -3.31 16.45 39.10
C LYS B 210 -2.01 17.14 38.66
N ASP B 211 -0.89 16.41 38.61
CA ASP B 211 0.42 17.06 38.31
C ASP B 211 0.57 17.31 36.82
N ALA B 212 0.93 18.53 36.45
CA ALA B 212 1.14 18.86 35.02
C ALA B 212 2.63 18.82 34.68
N GLY B 213 3.48 18.57 35.68
CA GLY B 213 4.93 18.44 35.44
C GLY B 213 5.62 19.79 35.42
N TYR B 214 6.92 19.78 35.11
CA TYR B 214 7.70 21.04 35.16
C TYR B 214 7.43 21.79 33.86
N ARG B 215 6.81 22.95 33.96
CA ARG B 215 6.42 23.69 32.73
C ARG B 215 7.13 25.05 32.72
N LYS B 216 7.69 25.42 31.58
CA LYS B 216 8.37 26.73 31.48
C LYS B 216 7.34 27.83 31.71
N PRO B 217 7.64 28.85 32.52
CA PRO B 217 6.72 29.98 32.70
C PRO B 217 6.54 30.69 31.35
N LEU B 218 5.30 31.09 31.05
CA LEU B 218 5.03 31.77 29.77
C LEU B 218 5.69 33.15 29.78
N ARG B 219 6.19 33.61 28.63
CA ARG B 219 6.92 34.90 28.59
C ARG B 219 5.90 36.04 28.50
N PRO B 230 12.40 26.70 34.62
CA PRO B 230 11.23 25.84 34.56
C PRO B 230 10.74 25.46 35.96
N ILE B 231 9.42 25.51 36.20
CA ILE B 231 8.85 25.20 37.54
C ILE B 231 7.71 24.19 37.41
N ILE B 232 7.55 23.32 38.40
CA ILE B 232 6.45 22.31 38.39
C ILE B 232 5.11 23.04 38.45
N LYS B 233 4.10 22.51 37.77
CA LYS B 233 2.76 23.13 37.81
C LYS B 233 1.73 22.06 38.14
N GLU B 234 0.59 22.46 38.71
CA GLU B 234 -0.49 21.50 38.99
C GLU B 234 -1.71 21.92 38.18
N ARG B 235 -2.36 20.96 37.51
CA ARG B 235 -3.60 21.27 36.80
C ARG B 235 -4.72 21.21 37.82
N VAL B 236 -5.52 22.26 37.91
CA VAL B 236 -6.67 22.29 38.86
C VAL B 236 -7.92 22.44 38.01
N HIS B 237 -8.95 21.67 38.33
CA HIS B 237 -10.21 21.72 37.54
C HIS B 237 -11.29 22.41 38.36
N PHE B 238 -12.01 23.34 37.75
CA PHE B 238 -13.08 24.10 38.45
C PHE B 238 -14.44 23.84 37.79
N PHE B 239 -15.51 23.85 38.57
CA PHE B 239 -16.88 23.63 38.05
C PHE B 239 -17.74 24.85 38.34
N ALA B 240 -18.63 25.22 37.42
CA ALA B 240 -19.45 26.44 37.59
C ALA B 240 -20.71 26.13 38.39
N GLU B 241 -20.65 26.29 39.71
CA GLU B 241 -21.82 26.05 40.59
C GLU B 241 -22.92 27.09 40.36
N THR B 242 -22.55 28.36 40.21
CA THR B 242 -23.55 29.45 40.09
C THR B 242 -23.06 30.44 39.03
N GLY B 243 -23.95 31.31 38.55
CA GLY B 243 -23.60 32.29 37.51
C GLY B 243 -24.64 33.39 37.43
N ILE B 244 -24.41 34.39 36.59
CA ILE B 244 -25.37 35.53 36.48
C ILE B 244 -26.62 35.04 35.75
N THR B 245 -26.46 34.07 34.85
CA THR B 245 -27.60 33.57 34.04
C THR B 245 -28.17 32.29 34.65
N PHE B 246 -27.66 31.87 35.81
CA PHE B 246 -28.07 30.58 36.40
C PHE B 246 -29.45 30.65 37.05
N ARG B 247 -30.13 29.50 37.17
CA ARG B 247 -31.50 29.45 37.72
C ARG B 247 -31.48 28.67 39.03
N PRO B 248 -32.16 29.15 40.09
CA PRO B 248 -32.16 28.48 41.38
C PRO B 248 -32.94 27.16 41.35
N ASP B 249 -32.69 26.27 42.32
CA ASP B 249 -33.38 24.95 42.42
C ASP B 249 -32.86 24.01 41.33
N GLU B 261 -30.12 21.46 28.83
CA GLU B 261 -30.29 22.89 29.21
C GLU B 261 -29.33 23.74 28.38
N PRO B 262 -29.69 24.99 28.01
CA PRO B 262 -28.81 25.88 27.27
C PRO B 262 -27.60 26.37 28.09
N VAL B 263 -26.51 26.73 27.40
CA VAL B 263 -25.27 27.19 28.09
C VAL B 263 -25.58 28.46 28.88
N GLU B 264 -26.42 29.34 28.32
CA GLU B 264 -26.72 30.63 29.00
C GLU B 264 -27.91 30.45 29.94
N GLN B 265 -28.46 29.24 30.02
CA GLN B 265 -29.55 28.99 30.99
C GLN B 265 -29.20 27.71 31.77
N ARG B 266 -28.20 27.79 32.64
CA ARG B 266 -27.82 26.62 33.47
C ARG B 266 -28.60 26.66 34.78
N THR B 267 -28.63 25.54 35.50
CA THR B 267 -29.30 25.48 36.81
C THR B 267 -28.22 25.35 37.88
N GLU B 268 -28.35 26.06 38.99
CA GLU B 268 -27.27 26.04 40.00
C GLU B 268 -27.06 24.62 40.49
N PHE B 269 -25.81 24.18 40.56
CA PHE B 269 -25.47 22.83 41.04
C PHE B 269 -24.11 22.91 41.75
N LYS B 270 -24.06 22.50 43.01
CA LYS B 270 -22.81 22.57 43.79
C LYS B 270 -21.86 21.43 43.36
N VAL B 271 -20.57 21.61 43.57
CA VAL B 271 -19.56 20.58 43.19
C VAL B 271 -19.87 19.30 43.98
N SER B 272 -20.30 19.45 45.22
CA SER B 272 -20.55 18.27 46.07
C SER B 272 -21.60 17.40 45.40
N GLN B 273 -22.61 18.04 44.82
CA GLN B 273 -23.69 17.30 44.13
C GLN B 273 -23.13 16.60 42.90
N MET B 274 -22.28 17.28 42.14
CA MET B 274 -21.74 16.70 40.89
C MET B 274 -20.91 15.46 41.23
N LEU B 275 -20.11 15.57 42.28
CA LEU B 275 -19.30 14.42 42.71
C LEU B 275 -20.23 13.32 43.19
N ASP B 276 -21.32 13.69 43.85
CA ASP B 276 -22.29 12.68 44.37
C ASP B 276 -22.92 11.95 43.18
N TRP B 277 -23.17 12.65 42.09
CA TRP B 277 -23.69 11.96 40.88
C TRP B 277 -22.65 10.96 40.36
N LEU B 278 -21.40 11.38 40.27
CA LEU B 278 -20.35 10.49 39.68
C LEU B 278 -20.01 9.31 40.58
N LEU B 279 -19.79 9.53 41.87
CA LEU B 279 -19.26 8.46 42.74
C LEU B 279 -20.32 7.81 43.64
N GLN B 280 -21.53 8.34 43.70
CA GLN B 280 -22.54 7.78 44.63
C GLN B 280 -21.92 7.64 46.02
N LEU B 281 -21.48 8.76 46.61
CA LEU B 281 -20.72 8.72 47.88
C LEU B 281 -21.52 8.06 49.00
N ASP B 282 -22.84 8.13 48.94
CA ASP B 282 -23.66 7.56 50.03
C ASP B 282 -23.32 6.07 50.14
N ASN B 283 -23.14 5.41 49.00
CA ASN B 283 -22.87 3.96 48.99
C ASN B 283 -21.36 3.69 48.93
N ASN B 284 -20.53 4.73 48.98
CA ASN B 284 -19.06 4.55 48.83
C ASN B 284 -18.30 5.14 50.01
N THR B 285 -18.92 5.30 51.18
CA THR B 285 -18.27 5.93 52.36
C THR B 285 -17.10 5.09 52.84
N TRP B 286 -17.18 3.77 52.64
CA TRP B 286 -16.13 2.82 53.09
C TRP B 286 -14.80 3.13 52.41
N GLN B 287 -14.83 3.55 51.15
CA GLN B 287 -13.58 3.77 50.40
C GLN B 287 -12.73 4.84 51.06
N PRO B 288 -11.40 4.68 51.06
CA PRO B 288 -10.53 5.73 51.58
C PRO B 288 -10.76 6.97 50.73
N HIS B 289 -10.82 8.15 51.37
CA HIS B 289 -11.17 9.39 50.65
C HIS B 289 -10.19 9.70 49.53
N LEU B 290 -8.91 9.39 49.73
CA LEU B 290 -7.90 9.75 48.72
C LEU B 290 -8.16 8.96 47.42
N LYS B 291 -8.58 7.71 47.53
CA LYS B 291 -8.87 6.89 46.33
C LYS B 291 -10.15 7.39 45.66
N LEU B 292 -11.13 7.80 46.45
CA LEU B 292 -12.39 8.33 45.89
C LEU B 292 -12.08 9.61 45.11
N PHE B 293 -11.19 10.44 45.65
CA PHE B 293 -10.80 11.68 44.95
C PHE B 293 -10.14 11.28 43.64
N SER B 294 -9.36 10.20 43.69
CA SER B 294 -8.67 9.72 42.48
C SER B 294 -9.69 9.31 41.42
N ARG B 295 -10.81 8.71 41.81
CA ARG B 295 -11.80 8.19 40.84
C ARG B 295 -12.46 9.30 40.02
N ILE B 296 -12.34 10.55 40.46
CA ILE B 296 -12.89 11.70 39.67
C ILE B 296 -12.29 11.70 38.27
N GLN B 297 -11.05 11.24 38.11
CA GLN B 297 -10.37 11.25 36.78
C GLN B 297 -11.18 10.45 35.77
N LEU B 298 -11.83 9.38 36.20
CA LEU B 298 -12.63 8.53 35.28
C LEU B 298 -13.73 9.38 34.66
N GLY B 299 -14.32 10.29 35.43
CA GLY B 299 -15.30 11.24 34.89
C GLY B 299 -14.69 12.22 33.92
N LEU B 300 -13.42 12.57 34.13
CA LEU B 300 -12.72 13.58 33.28
C LEU B 300 -11.90 12.91 32.18
N SER B 301 -11.92 11.58 32.11
CA SER B 301 -11.17 10.86 31.05
C SER B 301 -11.72 11.25 29.69
N LYS B 302 -10.84 11.44 28.71
CA LYS B 302 -11.32 11.88 27.38
C LYS B 302 -11.71 10.61 26.64
N THR B 303 -13.02 10.37 26.51
CA THR B 303 -13.48 9.10 25.93
C THR B 303 -14.56 9.36 24.88
N TYR B 304 -14.53 8.61 23.78
CA TYR B 304 -15.59 8.71 22.75
C TYR B 304 -16.82 7.91 23.20
N ALA B 305 -17.98 8.55 23.20
CA ALA B 305 -19.22 7.89 23.57
C ALA B 305 -19.73 7.05 22.40
N ILE B 306 -19.98 5.77 22.67
CA ILE B 306 -20.38 4.83 21.63
C ILE B 306 -21.88 4.56 21.70
N MET B 307 -22.35 4.09 22.84
CA MET B 307 -23.74 3.65 22.96
C MET B 307 -24.16 3.65 24.42
N THR B 308 -25.47 3.72 24.62
CA THR B 308 -26.09 3.60 25.93
C THR B 308 -26.82 2.27 26.00
N LEU B 309 -26.42 1.42 26.94
CA LEU B 309 -26.96 0.08 27.07
C LEU B 309 -28.07 0.06 28.12
N GLU B 310 -29.11 -0.73 27.86
CA GLU B 310 -30.22 -0.80 28.79
C GLU B 310 -29.91 -1.75 29.94
N PRO B 311 -30.51 -1.53 31.11
CA PRO B 311 -30.18 -2.37 32.28
C PRO B 311 -30.21 -3.86 32.01
N HIS B 312 -31.11 -4.31 31.14
CA HIS B 312 -31.24 -5.76 30.84
C HIS B 312 -30.06 -6.25 30.01
N GLN B 313 -29.29 -5.34 29.40
CA GLN B 313 -28.17 -5.72 28.52
C GLN B 313 -26.85 -5.63 29.29
N ILE B 314 -26.91 -5.41 30.60
CA ILE B 314 -25.67 -5.22 31.40
C ILE B 314 -25.51 -6.38 32.37
N ARG B 315 -24.41 -7.12 32.26
CA ARG B 315 -24.18 -8.30 33.12
C ARG B 315 -23.17 -7.93 34.20
N HIS B 316 -23.62 -7.89 35.45
CA HIS B 316 -22.73 -7.51 36.57
C HIS B 316 -22.29 -8.76 37.30
N HIS B 317 -21.00 -8.90 37.55
CA HIS B 317 -20.49 -10.14 38.17
C HIS B 317 -20.13 -9.87 39.62
N LYS B 318 -20.51 -10.76 40.53
CA LYS B 318 -20.27 -10.52 41.97
C LYS B 318 -18.89 -11.06 42.36
N THR B 319 -18.32 -11.89 41.50
CA THR B 319 -16.99 -12.42 41.77
C THR B 319 -16.15 -12.38 40.50
N ASP B 320 -14.87 -12.05 40.66
CA ASP B 320 -13.94 -12.08 39.55
C ASP B 320 -13.57 -13.52 39.22
N LEU B 321 -12.83 -13.68 38.11
CA LEU B 321 -12.24 -14.97 37.80
C LEU B 321 -11.05 -15.19 38.70
N LEU B 322 -11.10 -16.25 39.53
CA LEU B 322 -10.06 -16.53 40.49
C LEU B 322 -9.19 -17.70 40.03
N SER B 323 -8.09 -17.89 40.73
CA SER B 323 -7.16 -18.95 40.39
C SER B 323 -7.82 -20.31 40.61
N PRO B 324 -7.80 -21.20 39.62
CA PRO B 324 -8.35 -22.55 39.85
C PRO B 324 -7.62 -23.32 40.94
N SER B 325 -6.38 -22.93 41.28
CA SER B 325 -5.59 -23.64 42.26
C SER B 325 -5.72 -23.06 43.67
N GLY B 326 -6.91 -22.56 44.02
CA GLY B 326 -7.28 -22.13 45.37
C GLY B 326 -6.78 -20.80 45.94
N THR B 327 -5.61 -20.35 45.48
CA THR B 327 -4.96 -19.12 46.01
C THR B 327 -5.95 -17.96 46.16
N GLY B 328 -6.97 -17.90 45.31
CA GLY B 328 -7.91 -16.77 45.35
C GLY B 328 -7.37 -15.51 44.70
N GLU B 329 -6.32 -15.63 43.90
CA GLU B 329 -5.81 -14.46 43.15
C GLU B 329 -6.77 -14.14 42.01
N VAL B 330 -6.77 -12.90 41.51
CA VAL B 330 -7.73 -12.47 40.46
C VAL B 330 -7.05 -12.60 39.10
N MET B 331 -7.72 -13.24 38.14
CA MET B 331 -7.09 -13.51 36.83
C MET B 331 -7.62 -12.60 35.72
N ASN B 332 -8.68 -11.85 35.97
CA ASN B 332 -9.29 -11.01 34.91
C ASN B 332 -9.31 -9.53 35.33
N ASP B 333 -8.32 -9.08 36.09
CA ASP B 333 -8.37 -7.70 36.62
C ASP B 333 -8.49 -6.71 35.48
N GLY B 334 -9.56 -5.91 35.47
CA GLY B 334 -9.73 -4.83 34.48
C GLY B 334 -10.33 -5.26 33.17
N VAL B 335 -10.59 -6.55 32.98
CA VAL B 335 -11.06 -6.99 31.64
C VAL B 335 -12.37 -7.76 31.71
N GLY B 336 -13.28 -7.46 30.79
CA GLY B 336 -14.50 -8.24 30.67
C GLY B 336 -14.85 -8.46 29.21
N ARG B 337 -15.99 -9.08 28.99
CA ARG B 337 -16.42 -9.43 27.64
C ARG B 337 -17.54 -8.52 27.17
N MET B 338 -17.64 -8.37 25.85
CA MET B 338 -18.71 -7.62 25.22
C MET B 338 -19.23 -8.41 24.03
N SER B 339 -20.32 -7.93 23.45
CA SER B 339 -20.93 -8.60 22.31
C SER B 339 -20.22 -8.21 21.02
N ARG B 340 -20.30 -9.10 20.03
CA ARG B 340 -19.85 -8.73 18.69
C ARG B 340 -20.64 -7.54 18.16
N SER B 341 -21.88 -7.40 18.62
CA SER B 341 -22.74 -6.29 18.18
C SER B 341 -22.28 -4.98 18.81
N VAL B 342 -21.92 -5.02 20.09
CA VAL B 342 -21.42 -3.81 20.79
C VAL B 342 -20.13 -3.38 20.11
N ALA B 343 -19.28 -4.34 19.75
CA ALA B 343 -17.99 -4.04 19.09
C ALA B 343 -18.23 -3.46 17.70
N LYS B 344 -19.26 -3.95 17.01
CA LYS B 344 -19.53 -3.49 15.63
C LYS B 344 -19.90 -2.01 15.65
N ARG B 345 -20.66 -1.58 16.67
CA ARG B 345 -21.05 -0.16 16.77
C ARG B 345 -19.81 0.69 17.10
N ILE B 346 -18.87 0.15 17.88
CA ILE B 346 -17.62 0.91 18.12
C ILE B 346 -16.96 1.17 16.77
N ARG B 347 -16.93 0.16 15.90
CA ARG B 347 -16.34 0.34 14.55
C ARG B 347 -17.15 1.36 13.76
N ASP B 348 -18.48 1.25 13.80
CA ASP B 348 -19.36 2.13 13.00
C ASP B 348 -19.27 3.59 13.46
N VAL B 349 -19.22 3.83 14.76
CA VAL B 349 -19.23 5.23 15.27
C VAL B 349 -17.81 5.80 15.21
N LEU B 350 -16.80 4.93 15.21
CA LEU B 350 -15.41 5.44 15.24
C LEU B 350 -14.74 5.39 13.86
N GLY B 351 -15.41 4.88 12.84
CA GLY B 351 -14.85 4.93 11.47
C GLY B 351 -13.80 3.88 11.22
N LEU B 352 -13.73 2.86 12.06
CA LEU B 352 -12.70 1.80 11.90
C LEU B 352 -13.02 0.96 10.66
N GLY B 353 -11.98 0.41 10.03
CA GLY B 353 -12.16 -0.41 8.81
C GLY B 353 -12.37 -1.86 9.14
N ASP B 354 -12.28 -2.20 10.40
CA ASP B 354 -12.52 -3.59 10.84
C ASP B 354 -13.11 -3.51 12.26
N VAL B 355 -13.87 -4.52 12.66
CA VAL B 355 -14.41 -4.54 14.04
C VAL B 355 -13.24 -4.70 15.00
N PRO B 356 -13.16 -3.88 16.07
CA PRO B 356 -12.12 -4.07 17.07
C PRO B 356 -12.33 -5.33 17.91
N SER B 357 -11.24 -6.00 18.29
CA SER B 357 -11.34 -7.24 19.08
C SER B 357 -11.32 -6.90 20.57
N ALA B 358 -10.69 -5.78 20.92
CA ALA B 358 -10.65 -5.33 22.30
C ALA B 358 -10.58 -3.81 22.33
N VAL B 359 -11.16 -3.23 23.37
CA VAL B 359 -11.20 -1.78 23.52
C VAL B 359 -10.90 -1.41 24.96
N GLN B 360 -10.33 -0.22 25.14
CA GLN B 360 -10.07 0.36 26.45
C GLN B 360 -11.07 1.48 26.67
N GLY B 361 -11.82 1.37 27.77
CA GLY B 361 -12.83 2.38 28.03
C GLY B 361 -13.41 2.36 29.42
N ARG B 362 -14.52 3.08 29.59
CA ARG B 362 -15.16 3.18 30.92
C ARG B 362 -16.67 2.99 30.76
N PHE B 363 -17.26 2.16 31.62
CA PHE B 363 -18.73 2.00 31.64
C PHE B 363 -19.13 2.19 33.09
N GLY B 364 -19.69 3.34 33.42
CA GLY B 364 -20.02 3.63 34.83
C GLY B 364 -18.81 3.54 35.71
N SER B 365 -18.92 2.82 36.81
CA SER B 365 -17.80 2.62 37.75
C SER B 365 -16.67 1.87 37.06
N ALA B 366 -17.01 1.00 36.11
CA ALA B 366 -16.00 0.14 35.47
C ALA B 366 -14.98 0.92 34.64
N LYS B 367 -13.71 0.56 34.81
CA LYS B 367 -12.62 1.16 34.00
C LYS B 367 -11.77 -0.02 33.55
N GLY B 368 -11.45 -0.10 32.27
CA GLY B 368 -10.61 -1.23 31.85
C GLY B 368 -10.79 -1.64 30.41
N MET B 369 -10.60 -2.92 30.13
CA MET B 369 -10.64 -3.40 28.73
C MET B 369 -11.83 -4.35 28.53
N TRP B 370 -12.42 -4.32 27.33
CA TRP B 370 -13.51 -5.27 26.99
C TRP B 370 -13.15 -6.02 25.72
N VAL B 371 -13.33 -7.34 25.72
CA VAL B 371 -12.95 -8.18 24.56
C VAL B 371 -14.22 -8.86 24.03
N ILE B 372 -14.28 -9.10 22.73
CA ILE B 372 -15.46 -9.78 22.11
C ILE B 372 -15.54 -11.19 22.64
N ASP B 373 -16.75 -11.69 22.86
CA ASP B 373 -16.92 -13.10 23.25
C ASP B 373 -16.77 -13.91 21.97
N VAL B 374 -15.81 -14.83 21.94
CA VAL B 374 -15.57 -15.69 20.75
C VAL B 374 -16.75 -16.66 20.65
N ASP B 375 -17.48 -16.85 21.75
CA ASP B 375 -18.60 -17.80 21.78
C ASP B 375 -19.92 -17.08 21.49
N ASP B 376 -19.89 -15.81 21.11
CA ASP B 376 -21.16 -15.07 20.91
C ASP B 376 -21.65 -15.25 19.48
N THR B 377 -22.80 -15.90 19.31
CA THR B 377 -23.37 -16.13 17.95
C THR B 377 -24.63 -15.27 17.78
N GLY B 378 -24.92 -14.41 18.75
CA GLY B 378 -26.17 -13.62 18.71
C GLY B 378 -26.04 -12.26 18.06
N ASP B 379 -27.16 -11.56 17.88
CA ASP B 379 -27.12 -10.17 17.34
C ASP B 379 -27.57 -9.19 18.42
N GLU B 380 -27.60 -9.61 19.68
CA GLU B 380 -28.15 -8.74 20.75
C GLU B 380 -27.03 -8.08 21.55
N ASP B 381 -27.17 -6.78 21.83
CA ASP B 381 -26.13 -6.02 22.56
C ASP B 381 -26.05 -6.45 24.03
N TRP B 382 -24.85 -6.75 24.54
CA TRP B 382 -24.66 -7.05 25.98
C TRP B 382 -23.23 -6.68 26.38
N ILE B 383 -23.00 -6.36 27.65
CA ILE B 383 -21.65 -6.04 28.16
C ILE B 383 -21.49 -6.70 29.54
N GLU B 384 -20.25 -6.95 29.96
CA GLU B 384 -20.01 -7.64 31.24
C GLU B 384 -19.24 -6.69 32.15
N THR B 385 -19.53 -6.73 33.44
CA THR B 385 -18.77 -5.91 34.42
C THR B 385 -18.22 -6.85 35.48
N TYR B 386 -17.04 -6.55 35.99
CA TYR B 386 -16.40 -7.44 36.96
C TYR B 386 -15.98 -6.59 38.15
N PRO B 387 -15.86 -7.15 39.36
CA PRO B 387 -15.54 -6.35 40.52
C PRO B 387 -14.22 -5.58 40.34
N SER B 388 -13.25 -6.19 39.66
CA SER B 388 -11.92 -5.55 39.46
C SER B 388 -12.07 -4.26 38.67
N GLN B 389 -12.87 -4.29 37.61
CA GLN B 389 -13.06 -3.09 36.76
C GLN B 389 -13.76 -1.98 37.53
N ARG B 390 -14.74 -2.32 38.37
CA ARG B 390 -15.54 -1.29 39.07
C ARG B 390 -14.73 -0.63 40.18
N LYS B 391 -14.62 0.69 40.16
CA LYS B 391 -13.79 1.43 41.14
C LYS B 391 -14.69 2.07 42.21
N TRP B 392 -16.01 1.97 42.06
CA TRP B 392 -16.96 2.47 43.08
C TRP B 392 -18.27 1.71 42.88
N GLU B 393 -19.21 1.82 43.81
CA GLU B 393 -20.51 1.18 43.60
C GLU B 393 -21.41 2.12 42.80
N CYS B 394 -21.92 1.66 41.66
CA CYS B 394 -22.77 2.50 40.79
C CYS B 394 -24.13 1.81 40.56
N ASP B 395 -25.21 2.57 40.57
CA ASP B 395 -26.56 2.03 40.28
C ASP B 395 -26.67 1.71 38.80
N PHE B 396 -25.90 2.40 37.97
CA PHE B 396 -26.03 2.24 36.51
C PHE B 396 -27.47 2.55 36.11
N VAL B 397 -28.01 3.67 36.61
CA VAL B 397 -29.41 4.07 36.28
C VAL B 397 -29.34 5.16 35.22
N ASP B 398 -28.47 6.15 35.43
CA ASP B 398 -28.34 7.28 34.48
C ASP B 398 -27.77 6.76 33.17
N LYS B 399 -28.20 7.34 32.04
CA LYS B 399 -27.65 6.94 30.73
C LYS B 399 -26.16 7.26 30.70
N HIS B 400 -25.77 8.41 31.24
CA HIS B 400 -24.35 8.83 31.21
C HIS B 400 -23.51 7.85 32.02
N GLN B 401 -24.12 7.14 32.97
CA GLN B 401 -23.40 6.10 33.74
C GLN B 401 -23.62 4.71 33.13
N ARG B 402 -24.39 4.62 32.04
CA ARG B 402 -24.55 3.33 31.32
C ARG B 402 -24.02 3.48 29.90
N THR B 403 -23.33 4.57 29.62
CA THR B 403 -22.81 4.82 28.25
C THR B 403 -21.40 4.24 28.12
N LEU B 404 -21.18 3.36 27.14
CA LEU B 404 -19.84 2.82 26.90
C LEU B 404 -18.97 3.93 26.33
N GLU B 405 -17.85 4.18 26.99
CA GLU B 405 -16.95 5.24 26.57
C GLU B 405 -15.60 4.61 26.22
N VAL B 406 -15.19 4.76 24.97
CA VAL B 406 -13.96 4.17 24.45
C VAL B 406 -12.91 5.26 24.33
N ARG B 407 -11.74 5.03 24.93
CA ARG B 407 -10.59 5.90 24.73
C ARG B 407 -9.64 5.40 23.67
N SER B 408 -9.52 4.07 23.50
CA SER B 408 -8.56 3.49 22.58
C SER B 408 -9.05 2.13 22.12
N VAL B 409 -8.64 1.75 20.92
CA VAL B 409 -8.96 0.43 20.36
C VAL B 409 -7.66 -0.27 20.00
N ALA B 410 -7.69 -1.60 20.08
CA ALA B 410 -6.56 -2.39 19.62
C ALA B 410 -6.40 -2.23 18.11
N SER B 411 -5.29 -1.64 17.69
CA SER B 411 -5.02 -1.35 16.29
C SER B 411 -3.78 -2.10 15.83
N GLU B 412 -3.38 -1.86 14.58
CA GLU B 412 -2.21 -2.54 14.00
C GLU B 412 -0.97 -2.31 14.86
N LEU B 413 -0.24 -3.37 15.14
CA LEU B 413 0.96 -3.30 16.00
C LEU B 413 2.17 -2.82 15.22
N LYS B 414 3.18 -2.29 15.91
CA LYS B 414 4.43 -1.82 15.26
C LYS B 414 5.61 -2.31 16.10
N SER B 415 6.80 -2.37 15.50
CA SER B 415 8.02 -2.85 16.22
C SER B 415 8.37 -1.91 17.36
N ALA B 416 8.82 -2.46 18.49
CA ALA B 416 9.05 -1.63 19.69
C ALA B 416 10.52 -1.33 19.96
N GLY B 417 11.40 -2.32 19.89
CA GLY B 417 12.80 -2.08 20.27
C GLY B 417 13.11 -2.40 21.73
N LEU B 418 14.39 -2.31 22.11
CA LEU B 418 14.82 -2.69 23.48
C LEU B 418 15.00 -1.45 24.35
N ASN B 419 14.30 -1.41 25.48
CA ASN B 419 14.42 -0.32 26.44
C ASN B 419 15.67 -0.51 27.29
N LEU B 420 16.27 0.61 27.69
CA LEU B 420 17.46 0.54 28.54
C LEU B 420 17.17 -0.17 29.86
N GLN B 421 15.96 0.02 30.39
CA GLN B 421 15.58 -0.67 31.62
C GLN B 421 15.62 -2.18 31.44
N LEU B 422 15.24 -2.67 30.26
CA LEU B 422 15.17 -4.11 30.04
C LEU B 422 16.56 -4.75 29.98
N LEU B 423 17.58 -3.98 29.58
CA LEU B 423 18.89 -4.58 29.36
C LEU B 423 19.50 -5.13 30.64
N PRO B 424 19.57 -4.39 31.75
CA PRO B 424 20.11 -4.99 32.98
C PRO B 424 19.36 -6.23 33.43
N VAL B 425 18.03 -6.23 33.34
CA VAL B 425 17.27 -7.40 33.73
C VAL B 425 17.59 -8.58 32.83
N LEU B 426 17.81 -8.32 31.54
CA LEU B 426 18.13 -9.39 30.60
C LEU B 426 19.47 -10.05 30.95
N GLU B 427 20.48 -9.23 31.24
CA GLU B 427 21.79 -9.78 31.62
C GLU B 427 21.72 -10.50 32.96
N ASP B 428 20.91 -9.99 33.89
CA ASP B 428 20.79 -10.60 35.21
C ASP B 428 20.14 -11.97 35.15
N ARG B 429 19.30 -12.19 34.13
CA ARG B 429 18.52 -13.45 34.10
C ARG B 429 18.91 -14.30 32.89
N ALA B 430 20.17 -14.19 32.46
CA ALA B 430 20.66 -14.97 31.29
C ALA B 430 21.49 -16.16 31.77
N ARG B 431 21.31 -17.34 31.17
CA ARG B 431 22.14 -18.50 31.55
C ARG B 431 23.60 -18.18 31.23
N ASP B 432 23.85 -17.59 30.07
CA ASP B 432 25.24 -17.15 29.75
C ASP B 432 25.19 -15.66 29.47
N LYS B 433 25.88 -14.88 30.29
CA LYS B 433 25.83 -13.41 30.15
C LYS B 433 26.65 -13.01 28.94
N VAL B 434 27.80 -13.65 28.76
CA VAL B 434 28.70 -13.27 27.63
C VAL B 434 27.98 -13.53 26.31
N LYS B 435 27.24 -14.63 26.23
CA LYS B 435 26.46 -14.93 25.01
C LYS B 435 25.42 -13.83 24.78
N MET B 436 24.70 -13.44 25.83
CA MET B 436 23.64 -12.42 25.68
C MET B 436 24.29 -11.12 25.20
N ARG B 437 25.43 -10.78 25.78
CA ARG B 437 26.11 -9.52 25.41
C ARG B 437 26.54 -9.59 23.96
N GLN B 438 27.04 -10.74 23.52
CA GLN B 438 27.57 -10.85 22.14
C GLN B 438 26.40 -10.83 21.15
N ALA B 439 25.29 -11.46 21.51
CA ALA B 439 24.13 -11.54 20.59
C ALA B 439 23.58 -10.14 20.34
N ILE B 440 23.15 -9.45 21.38
CA ILE B 440 22.51 -8.12 21.20
C ILE B 440 23.53 -7.20 20.53
N GLY B 441 24.79 -7.29 20.94
CA GLY B 441 25.82 -6.41 20.37
C GLY B 441 26.03 -6.66 18.90
N ASP B 442 26.08 -7.94 18.51
CA ASP B 442 26.28 -8.30 17.07
C ASP B 442 25.07 -7.83 16.27
N ARG B 443 23.89 -7.96 16.85
CA ARG B 443 22.66 -7.51 16.15
C ARG B 443 22.79 -6.00 15.93
N LEU B 444 23.27 -5.28 16.93
CA LEU B 444 23.40 -3.81 16.79
C LEU B 444 24.39 -3.53 15.68
N ILE B 445 25.50 -4.27 15.66
CA ILE B 445 26.56 -4.02 14.64
C ILE B 445 25.95 -4.30 13.27
N ASN B 446 25.21 -5.39 13.15
CA ASN B 446 24.60 -5.75 11.85
C ASN B 446 23.56 -4.69 11.47
N ASP B 447 22.74 -4.24 12.42
CA ASP B 447 21.68 -3.27 12.10
C ASP B 447 22.31 -1.96 11.65
N LEU B 448 23.35 -1.51 12.36
CA LEU B 448 23.94 -0.18 12.01
C LEU B 448 24.53 -0.27 10.61
N GLN B 449 25.18 -1.39 10.31
CA GLN B 449 25.84 -1.54 8.98
C GLN B 449 24.76 -1.51 7.90
N ARG B 450 23.63 -2.16 8.15
CA ARG B 450 22.55 -2.20 7.14
C ARG B 450 22.05 -0.78 6.90
N GLN B 451 21.88 0.01 7.95
CA GLN B 451 21.30 1.36 7.71
C GLN B 451 22.25 2.13 6.81
N PHE B 452 23.55 2.07 7.12
CA PHE B 452 24.54 2.84 6.33
C PHE B 452 24.62 2.26 4.92
N SER B 453 24.60 0.93 4.80
CA SER B 453 24.79 0.32 3.46
C SER B 453 23.64 0.75 2.55
N GLU B 454 22.42 0.78 3.10
CA GLU B 454 21.25 1.14 2.28
C GLU B 454 21.41 2.58 1.81
N GLN B 455 21.86 3.46 2.69
CA GLN B 455 21.97 4.90 2.32
C GLN B 455 22.99 5.04 1.19
N LYS B 456 24.14 4.36 1.29
CA LYS B 456 25.20 4.57 0.27
C LYS B 456 24.70 4.11 -1.10
N HIS B 457 24.06 2.95 -1.15
CA HIS B 457 23.52 2.42 -2.43
C HIS B 457 22.42 3.36 -2.92
N ALA B 458 21.61 3.86 -2.01
CA ALA B 458 20.46 4.72 -2.41
C ALA B 458 20.94 6.00 -3.08
N LEU B 459 21.99 6.62 -2.57
CA LEU B 459 22.42 7.93 -3.11
C LEU B 459 22.86 7.75 -4.56
N ASN B 460 23.31 6.56 -4.92
CA ASN B 460 23.83 6.35 -6.29
C ASN B 460 22.74 6.62 -7.33
N ARG B 461 21.51 6.20 -7.05
CA ARG B 461 20.40 6.41 -8.03
C ARG B 461 19.38 7.36 -7.41
N PRO B 462 18.99 8.44 -8.10
CA PRO B 462 17.95 9.34 -7.59
C PRO B 462 16.68 8.63 -7.10
N VAL B 463 15.98 7.94 -7.98
CA VAL B 463 14.69 7.29 -7.60
C VAL B 463 14.87 6.62 -6.22
N GLU B 464 15.94 5.85 -6.05
CA GLU B 464 16.17 5.12 -4.77
C GLU B 464 16.36 6.10 -3.62
N PHE B 465 17.12 7.16 -3.83
CA PHE B 465 17.41 8.10 -2.72
C PHE B 465 16.11 8.77 -2.27
N ARG B 466 15.21 9.07 -3.21
CA ARG B 466 13.95 9.76 -2.83
C ARG B 466 13.21 8.89 -1.82
N GLN B 467 13.16 7.58 -2.07
CA GLN B 467 12.40 6.67 -1.18
C GLN B 467 13.03 6.71 0.21
N TRP B 468 14.36 6.68 0.26
CA TRP B 468 15.07 6.69 1.56
C TRP B 468 14.75 8.00 2.28
N VAL B 469 14.73 9.10 1.54
CA VAL B 469 14.50 10.43 2.19
C VAL B 469 13.10 10.44 2.82
N TYR B 470 12.11 9.87 2.11
CA TYR B 470 10.75 9.81 2.68
C TYR B 470 10.77 8.94 3.94
N GLU B 471 11.50 7.83 3.87
CA GLU B 471 11.58 6.92 5.03
C GLU B 471 12.24 7.66 6.20
N SER B 472 13.27 8.46 5.92
CA SER B 472 14.03 9.12 7.01
C SER B 472 13.13 10.04 7.83
N TYR B 473 12.29 10.83 7.16
CA TYR B 473 11.37 11.76 7.88
C TYR B 473 10.04 11.84 7.13
N SER B 474 8.93 11.94 7.87
CA SER B 474 7.61 12.09 7.21
C SER B 474 7.13 13.54 7.34
N SER B 475 6.68 14.12 6.22
CA SER B 475 6.22 15.53 6.25
C SER B 475 4.69 15.59 6.11
N ARG B 476 4.02 14.44 6.21
CA ARG B 476 2.56 14.43 5.99
C ARG B 476 1.88 15.35 6.99
N ALA B 477 2.33 15.32 8.24
CA ALA B 477 1.73 16.18 9.28
C ALA B 477 1.85 17.65 8.85
N THR B 478 3.02 18.04 8.35
CA THR B 478 3.24 19.44 7.90
C THR B 478 2.43 19.69 6.63
N ARG B 479 2.40 18.72 5.71
CA ARG B 479 1.71 18.92 4.43
C ARG B 479 0.21 19.10 4.65
N VAL B 480 -0.42 18.21 5.43
CA VAL B 480 -1.90 18.31 5.56
C VAL B 480 -2.24 19.66 6.18
N SER B 481 -1.47 20.10 7.15
CA SER B 481 -1.74 21.39 7.84
C SER B 481 -1.59 22.58 6.90
N HIS B 482 -0.57 22.58 6.03
CA HIS B 482 -0.33 23.75 5.16
C HIS B 482 -1.07 23.58 3.82
N GLY B 483 -1.35 22.34 3.42
CA GLY B 483 -2.00 22.08 2.13
C GLY B 483 -0.97 22.12 1.02
N ARG B 484 0.30 22.31 1.37
CA ARG B 484 1.38 22.46 0.38
C ARG B 484 2.68 22.13 1.09
N VAL B 485 3.78 21.98 0.35
CA VAL B 485 5.10 21.78 1.01
C VAL B 485 5.54 23.17 1.45
N PRO B 486 5.79 23.41 2.75
CA PRO B 486 6.13 24.75 3.22
C PRO B 486 7.42 25.23 2.55
N PHE B 487 7.43 26.47 2.09
CA PHE B 487 8.60 26.97 1.33
C PHE B 487 9.18 28.23 1.97
N LEU B 488 10.49 28.26 2.21
CA LEU B 488 11.12 29.51 2.72
C LEU B 488 11.89 30.08 1.53
N ALA B 489 11.59 31.32 1.16
CA ALA B 489 12.21 31.95 -0.02
C ALA B 489 11.91 31.10 -1.26
N GLY B 490 12.94 30.61 -1.95
CA GLY B 490 12.73 29.89 -3.22
C GLY B 490 12.87 28.39 -3.07
N LEU B 491 13.04 27.89 -1.85
CA LEU B 491 13.26 26.43 -1.69
C LEU B 491 12.34 25.92 -0.59
N PRO B 492 12.01 24.61 -0.54
CA PRO B 492 11.21 24.08 0.53
C PRO B 492 11.88 24.31 1.88
N ASP B 493 11.09 24.55 2.93
CA ASP B 493 11.64 24.85 4.28
C ASP B 493 12.47 23.67 4.79
N SER B 494 11.98 22.44 4.64
CA SER B 494 12.69 21.25 5.15
C SER B 494 13.74 20.82 4.13
N GLN B 495 14.94 20.52 4.59
CA GLN B 495 16.05 20.11 3.68
C GLN B 495 15.67 18.79 3.00
N GLU B 496 15.06 17.88 3.75
CA GLU B 496 14.68 16.56 3.18
C GLU B 496 13.67 16.79 2.05
N GLU B 497 12.73 17.71 2.25
CA GLU B 497 11.74 18.02 1.20
C GLU B 497 12.46 18.70 0.04
N THR B 498 13.42 19.56 0.36
CA THR B 498 14.20 20.27 -0.70
C THR B 498 14.87 19.24 -1.59
N LEU B 499 15.47 18.22 -0.99
CA LEU B 499 16.19 17.23 -1.80
C LEU B 499 15.20 16.55 -2.74
N ASN B 500 14.04 16.18 -2.24
CA ASN B 500 13.03 15.48 -3.07
C ASN B 500 12.53 16.42 -4.18
N PHE B 501 12.29 17.68 -3.84
CA PHE B 501 11.76 18.65 -4.84
C PHE B 501 12.76 18.79 -5.97
N LEU B 502 14.04 18.90 -5.64
CA LEU B 502 15.05 19.12 -6.67
C LEU B 502 15.32 17.86 -7.46
N MET B 503 15.28 16.71 -6.81
CA MET B 503 15.42 15.45 -7.55
C MET B 503 14.22 15.20 -8.44
N ASN B 504 13.04 15.68 -8.03
CA ASN B 504 11.86 15.50 -8.86
C ASN B 504 11.96 16.31 -10.14
N SER B 505 12.69 17.42 -10.12
CA SER B 505 12.92 18.23 -11.31
C SER B 505 14.12 17.77 -12.12
N GLY B 506 14.88 16.78 -11.63
CA GLY B 506 15.93 16.16 -12.42
C GLY B 506 17.33 16.31 -11.89
N PHE B 507 17.53 16.95 -10.75
CA PHE B 507 18.85 17.10 -10.18
C PHE B 507 19.28 15.80 -9.50
N ASP B 508 20.56 15.45 -9.69
CA ASP B 508 21.14 14.24 -9.13
C ASP B 508 22.04 14.59 -7.96
N PRO B 509 21.83 14.00 -6.78
CA PRO B 509 22.70 14.33 -5.65
C PRO B 509 24.16 13.99 -5.91
N LYS B 510 24.43 12.89 -6.60
CA LYS B 510 25.81 12.52 -6.89
C LYS B 510 26.47 13.51 -7.85
N LYS B 511 25.70 14.14 -8.71
CA LYS B 511 26.24 15.03 -9.73
C LYS B 511 26.09 16.50 -9.40
N GLN B 512 25.31 16.85 -8.38
CA GLN B 512 25.09 18.24 -7.98
C GLN B 512 25.61 18.47 -6.58
N LYS B 513 26.44 19.49 -6.41
CA LYS B 513 27.07 19.73 -5.09
C LYS B 513 26.03 20.14 -4.05
N TYR B 514 25.10 21.01 -4.41
CA TYR B 514 24.11 21.51 -3.41
C TYR B 514 23.43 20.30 -2.79
N LEU B 515 22.93 19.41 -3.63
CA LEU B 515 22.16 18.26 -3.11
C LEU B 515 23.09 17.40 -2.26
N GLN B 516 24.32 17.19 -2.71
CA GLN B 516 25.25 16.29 -1.98
C GLN B 516 25.52 16.85 -0.59
N ASP B 517 25.78 18.16 -0.49
CA ASP B 517 26.13 18.75 0.82
C ASP B 517 24.96 18.52 1.79
N ILE B 518 23.74 18.80 1.34
CA ILE B 518 22.53 18.67 2.20
C ILE B 518 22.40 17.21 2.62
N ALA B 519 22.56 16.29 1.69
CA ALA B 519 22.40 14.86 2.02
C ALA B 519 23.43 14.44 3.04
N TRP B 520 24.65 14.92 2.89
CA TRP B 520 25.74 14.57 3.84
C TRP B 520 25.35 15.10 5.22
N ASP B 521 24.80 16.31 5.27
CA ASP B 521 24.42 16.91 6.56
C ASP B 521 23.35 16.04 7.20
N LEU B 522 22.41 15.55 6.40
CA LEU B 522 21.28 14.77 6.98
C LEU B 522 21.80 13.49 7.64
N GLN B 523 22.71 12.80 6.98
CA GLN B 523 23.30 11.59 7.60
C GLN B 523 24.12 11.97 8.82
N LYS B 524 24.84 13.08 8.74
CA LYS B 524 25.71 13.47 9.86
C LYS B 524 24.80 13.68 11.07
N ARG B 525 23.68 14.33 10.86
CA ARG B 525 22.72 14.57 11.97
C ARG B 525 22.19 13.23 12.48
N LYS B 526 21.84 12.32 11.58
CA LYS B 526 21.25 11.04 12.03
C LYS B 526 22.29 10.25 12.82
N CYS B 527 23.53 10.26 12.35
CA CYS B 527 24.62 9.52 13.04
C CYS B 527 24.85 10.17 14.41
N ASP B 528 24.78 11.51 14.48
CA ASP B 528 24.95 12.20 15.77
C ASP B 528 23.82 11.78 16.71
N THR B 529 22.60 11.67 16.19
CA THR B 529 21.44 11.24 17.02
C THR B 529 21.72 9.85 17.56
N LEU B 530 22.32 9.00 16.72
CA LEU B 530 22.62 7.61 17.14
C LEU B 530 23.62 7.63 18.30
N LYS B 531 24.60 8.53 18.24
CA LYS B 531 25.62 8.62 19.31
C LYS B 531 24.97 9.03 20.64
N SER B 532 24.06 10.00 20.61
CA SER B 532 23.48 10.51 21.87
C SER B 532 22.67 9.43 22.58
N LYS B 533 21.89 8.65 21.85
CA LYS B 533 21.00 7.67 22.52
C LYS B 533 21.19 6.28 21.93
N LEU B 534 21.31 5.27 22.78
CA LEU B 534 21.46 3.87 22.30
C LEU B 534 20.08 3.25 22.19
N ASN B 535 19.50 3.27 20.99
CA ASN B 535 18.21 2.57 20.81
C ASN B 535 18.49 1.27 20.06
N ILE B 536 18.47 0.14 20.75
CA ILE B 536 18.60 -1.14 20.02
C ILE B 536 17.20 -1.45 19.53
N ARG B 537 17.06 -1.78 18.26
CA ARG B 537 15.71 -2.02 17.69
C ARG B 537 15.58 -3.49 17.34
N VAL B 538 14.52 -4.14 17.80
CA VAL B 538 14.26 -5.55 17.43
C VAL B 538 12.99 -5.55 16.59
N GLY B 539 13.08 -6.03 15.35
CA GLY B 539 11.91 -6.07 14.47
C GLY B 539 10.87 -7.03 14.99
N ARG B 540 11.32 -8.17 15.49
CA ARG B 540 10.38 -9.17 16.04
C ARG B 540 10.02 -8.76 17.47
N SER B 541 9.55 -7.53 17.63
CA SER B 541 9.13 -7.02 18.95
C SER B 541 7.94 -6.10 18.76
N ALA B 542 7.01 -6.08 19.71
CA ALA B 542 5.89 -5.13 19.63
C ALA B 542 5.28 -4.89 21.00
N TYR B 543 4.62 -3.75 21.19
CA TYR B 543 3.89 -3.49 22.45
C TYR B 543 2.43 -3.83 22.16
N ILE B 544 1.86 -4.78 22.89
CA ILE B 544 0.49 -5.28 22.58
C ILE B 544 -0.39 -5.19 23.83
N TYR B 545 -1.66 -4.86 23.64
CA TYR B 545 -2.62 -4.80 24.76
C TYR B 545 -2.79 -6.20 25.33
N MET B 546 -2.89 -6.31 26.65
CA MET B 546 -2.99 -7.63 27.30
C MET B 546 -4.44 -7.94 27.67
N ILE B 547 -4.92 -9.12 27.32
CA ILE B 547 -6.30 -9.56 27.62
C ILE B 547 -6.15 -10.92 28.31
N ALA B 548 -7.18 -11.37 29.00
CA ALA B 548 -7.12 -12.65 29.74
C ALA B 548 -8.01 -13.69 29.07
N ASP B 549 -7.70 -14.98 29.26
CA ASP B 549 -8.46 -16.08 28.65
C ASP B 549 -9.71 -16.36 29.45
N PHE B 550 -10.87 -16.00 28.91
CA PHE B 550 -12.15 -16.19 29.63
C PHE B 550 -12.68 -17.56 29.23
N TRP B 551 -11.98 -18.21 28.30
CA TRP B 551 -12.50 -19.47 27.79
C TRP B 551 -11.66 -20.68 28.19
N GLY B 552 -10.60 -20.48 28.98
CA GLY B 552 -9.87 -21.57 29.59
C GLY B 552 -9.01 -22.40 28.68
N VAL B 553 -8.72 -21.94 27.46
CA VAL B 553 -7.97 -22.75 26.52
C VAL B 553 -6.50 -22.81 26.90
N LEU B 554 -5.93 -21.69 27.32
CA LEU B 554 -4.49 -21.60 27.52
C LEU B 554 -4.09 -22.19 28.86
N GLU B 555 -2.89 -22.76 28.90
CA GLU B 555 -2.29 -23.24 30.13
C GLU B 555 -1.41 -22.16 30.74
N GLU B 556 -0.81 -22.47 31.89
CA GLU B 556 -0.20 -21.43 32.71
C GLU B 556 0.91 -20.69 31.96
N ASN B 557 1.76 -21.40 31.24
CA ASN B 557 2.91 -20.81 30.59
C ASN B 557 2.66 -20.44 29.14
N GLU B 558 1.41 -20.46 28.69
CA GLU B 558 1.07 -20.29 27.29
C GLU B 558 0.39 -18.94 27.05
N VAL B 559 0.68 -18.34 25.90
CA VAL B 559 0.04 -17.11 25.45
C VAL B 559 -0.33 -17.26 23.99
N HIS B 560 -1.29 -16.46 23.55
CA HIS B 560 -1.82 -16.51 22.19
C HIS B 560 -1.76 -15.10 21.60
N VAL B 561 -1.20 -15.00 20.40
CA VAL B 561 -1.07 -13.72 19.70
C VAL B 561 -1.46 -13.91 18.24
N GLY B 562 -2.42 -13.11 17.78
CA GLY B 562 -2.77 -13.07 16.37
C GLY B 562 -2.82 -11.64 15.89
N PHE B 563 -2.36 -11.42 14.67
CA PHE B 563 -2.23 -10.08 14.10
C PHE B 563 -3.35 -9.80 13.13
N SER B 564 -3.79 -8.54 13.08
CA SER B 564 -4.83 -8.14 12.15
C SER B 564 -4.33 -8.19 10.71
N SER B 565 -3.02 -8.03 10.54
CA SER B 565 -2.42 -8.05 9.20
C SER B 565 -1.04 -8.70 9.29
N LYS B 566 -0.17 -8.39 8.33
CA LYS B 566 1.16 -9.03 8.33
C LYS B 566 2.16 -8.18 9.08
N PHE B 567 2.69 -8.70 10.19
CA PHE B 567 3.78 -8.00 10.89
C PHE B 567 5.02 -8.33 10.08
N ARG B 568 5.69 -7.32 9.54
CA ARG B 568 6.81 -7.60 8.62
C ARG B 568 8.17 -7.41 9.27
N ASP B 569 9.02 -8.44 9.26
CA ASP B 569 10.42 -8.27 9.71
C ASP B 569 11.24 -8.20 8.42
N GLU B 570 12.47 -7.69 8.49
CA GLU B 570 13.29 -7.49 7.28
C GLU B 570 13.10 -8.61 6.26
N GLU B 571 13.19 -9.88 6.68
CA GLU B 571 13.17 -10.97 5.67
C GLU B 571 11.96 -11.87 5.88
N GLU B 572 11.37 -11.85 7.06
CA GLU B 572 10.25 -12.79 7.35
C GLU B 572 8.99 -12.03 7.69
N SER B 573 7.83 -12.69 7.62
CA SER B 573 6.55 -12.04 7.95
C SER B 573 5.69 -12.93 8.83
N PHE B 574 4.86 -12.33 9.67
CA PHE B 574 3.99 -13.05 10.59
C PHE B 574 2.57 -12.51 10.52
N THR B 575 1.61 -13.42 10.61
CA THR B 575 0.23 -13.08 10.93
C THR B 575 -0.20 -13.64 12.27
N LEU B 576 0.61 -14.55 12.81
CA LEU B 576 0.30 -15.19 14.11
C LEU B 576 1.61 -15.66 14.73
N LEU B 577 1.62 -15.90 16.04
CA LEU B 577 2.81 -16.45 16.69
C LEU B 577 2.45 -17.85 17.19
N SER B 578 3.14 -18.89 16.71
CA SER B 578 2.89 -20.28 17.15
C SER B 578 4.20 -21.04 17.30
N ASP B 579 4.27 -21.96 18.27
CA ASP B 579 5.46 -22.83 18.45
C ASP B 579 6.74 -21.99 18.61
N CYS B 580 6.67 -20.89 19.35
CA CYS B 580 7.87 -20.07 19.62
C CYS B 580 7.87 -19.64 21.08
N ASP B 581 9.03 -19.32 21.62
CA ASP B 581 9.12 -18.84 23.02
C ASP B 581 9.19 -17.32 22.93
N VAL B 582 8.49 -16.63 23.83
CA VAL B 582 8.43 -15.15 23.74
C VAL B 582 8.84 -14.57 25.09
N LEU B 583 9.28 -13.31 25.10
CA LEU B 583 9.59 -12.63 26.38
C LEU B 583 8.51 -11.57 26.59
N VAL B 584 7.85 -11.61 27.75
CA VAL B 584 6.77 -10.64 28.09
C VAL B 584 7.28 -9.73 29.21
N ALA B 585 7.12 -8.43 29.06
CA ALA B 585 7.59 -7.47 30.06
C ALA B 585 6.73 -6.21 30.00
N ARG B 586 6.78 -5.41 31.06
CA ARG B 586 6.01 -4.15 31.08
C ARG B 586 6.91 -3.03 31.57
N SER B 587 6.58 -1.80 31.24
CA SER B 587 7.35 -0.63 31.75
C SER B 587 6.48 0.10 32.77
N PRO B 588 6.98 0.45 33.97
CA PRO B 588 8.39 0.36 34.31
C PRO B 588 8.84 -1.02 34.80
N ALA B 589 9.97 -1.51 34.27
CA ALA B 589 10.49 -2.84 34.67
C ALA B 589 11.77 -2.67 35.48
N HIS B 590 11.76 -3.09 36.74
CA HIS B 590 12.96 -2.88 37.59
C HIS B 590 13.34 -4.22 38.20
N PHE B 591 12.37 -4.93 38.74
CA PHE B 591 12.65 -6.21 39.43
C PHE B 591 13.14 -7.25 38.43
N PRO B 592 13.94 -8.23 38.88
CA PRO B 592 14.44 -9.31 38.01
C PRO B 592 13.31 -10.14 37.38
N SER B 593 12.16 -10.20 38.03
CA SER B 593 11.03 -11.01 37.54
C SER B 593 10.10 -10.21 36.61
N ASP B 594 10.38 -8.93 36.39
CA ASP B 594 9.45 -8.14 35.60
C ASP B 594 9.45 -8.52 34.13
N ILE B 595 10.47 -9.27 33.71
CA ILE B 595 10.49 -9.84 32.33
C ILE B 595 10.32 -11.34 32.54
N GLN B 596 9.43 -11.98 31.79
CA GLN B 596 9.18 -13.43 31.95
C GLN B 596 9.22 -14.10 30.58
N ARG B 597 9.53 -15.39 30.53
CA ARG B 597 9.57 -16.14 29.26
C ARG B 597 8.36 -17.06 29.22
N VAL B 598 7.68 -17.11 28.08
CA VAL B 598 6.42 -17.91 27.98
C VAL B 598 6.39 -18.59 26.62
N ARG B 599 5.53 -19.61 26.48
CA ARG B 599 5.39 -20.33 25.18
C ARG B 599 4.20 -19.72 24.43
N ALA B 600 4.37 -19.42 23.14
CA ALA B 600 3.26 -18.88 22.33
C ALA B 600 2.58 -20.02 21.60
N VAL B 601 1.31 -20.26 21.93
CA VAL B 601 0.53 -21.34 21.26
C VAL B 601 -0.68 -20.67 20.59
N PHE B 602 -0.88 -20.92 19.30
CA PHE B 602 -2.05 -20.36 18.60
C PHE B 602 -3.24 -21.28 18.78
N LYS B 603 -4.28 -20.80 19.45
CA LYS B 603 -5.48 -21.60 19.60
C LYS B 603 -6.54 -21.07 18.64
N PRO B 604 -7.05 -21.90 17.72
CA PRO B 604 -8.09 -21.43 16.80
C PRO B 604 -9.34 -20.94 17.51
N GLU B 605 -9.58 -21.38 18.74
CA GLU B 605 -10.72 -20.90 19.52
C GLU B 605 -10.63 -19.41 19.76
N LEU B 606 -9.41 -18.87 19.87
CA LEU B 606 -9.19 -17.45 20.11
C LEU B 606 -8.76 -16.72 18.84
N HIS B 607 -9.06 -17.29 17.66
CA HIS B 607 -8.51 -16.74 16.43
C HIS B 607 -9.12 -15.40 16.07
N SER B 608 -10.37 -15.16 16.45
CA SER B 608 -11.03 -13.89 16.09
C SER B 608 -10.51 -12.71 16.90
N LEU B 609 -9.75 -12.96 17.98
CA LEU B 609 -9.14 -11.91 18.77
C LEU B 609 -7.78 -11.58 18.19
N LYS B 610 -7.61 -10.36 17.70
CA LYS B 610 -6.44 -9.99 16.93
C LYS B 610 -5.86 -8.68 17.42
N ASP B 611 -4.54 -8.55 17.29
CA ASP B 611 -3.80 -7.40 17.80
C ASP B 611 -3.91 -7.32 19.33
N VAL B 612 -3.89 -8.50 19.97
CA VAL B 612 -3.94 -8.63 21.41
C VAL B 612 -3.15 -9.87 21.79
N ILE B 613 -2.52 -9.84 22.96
CA ILE B 613 -1.87 -11.01 23.54
C ILE B 613 -2.70 -11.47 24.72
N ILE B 614 -3.13 -12.73 24.66
CA ILE B 614 -4.02 -13.29 25.71
C ILE B 614 -3.20 -14.09 26.72
N PHE B 615 -3.35 -13.78 28.00
CA PHE B 615 -2.63 -14.51 29.07
C PHE B 615 -3.60 -15.52 29.68
N SER B 616 -3.08 -16.59 30.29
CA SER B 616 -3.92 -17.67 30.84
C SER B 616 -4.67 -17.28 32.11
N THR B 617 -5.86 -17.85 32.30
CA THR B 617 -6.63 -17.63 33.55
C THR B 617 -6.21 -18.72 34.54
N LYS B 618 -5.53 -19.76 34.07
CA LYS B 618 -5.04 -20.86 34.94
C LYS B 618 -3.75 -20.42 35.63
N GLY B 619 -3.41 -21.09 36.73
CA GLY B 619 -2.19 -20.74 37.47
C GLY B 619 -2.45 -20.05 38.80
N ASP B 620 -1.48 -20.09 39.69
CA ASP B 620 -1.63 -19.49 41.05
C ASP B 620 -1.69 -17.97 40.94
N VAL B 621 -0.74 -17.37 40.23
CA VAL B 621 -0.68 -15.89 40.14
C VAL B 621 -0.79 -15.52 38.65
N PRO B 622 -1.49 -14.44 38.28
CA PRO B 622 -1.60 -14.07 36.89
C PRO B 622 -0.26 -13.55 36.34
N LEU B 623 0.00 -13.79 35.06
CA LEU B 623 1.28 -13.37 34.44
C LEU B 623 1.39 -11.86 34.52
N ALA B 624 0.27 -11.16 34.39
CA ALA B 624 0.30 -9.70 34.37
C ALA B 624 0.92 -9.15 35.66
N LYS B 625 0.58 -9.74 36.80
CA LYS B 625 1.09 -9.24 38.10
C LYS B 625 2.61 -9.38 38.12
N LYS B 626 3.12 -10.46 37.55
CA LYS B 626 4.58 -10.66 37.46
C LYS B 626 5.19 -9.49 36.68
N LEU B 627 4.45 -8.92 35.73
CA LEU B 627 5.01 -7.86 34.89
C LEU B 627 4.80 -6.53 35.59
N SER B 628 5.66 -6.26 36.58
CA SER B 628 5.64 -4.99 37.31
C SER B 628 4.29 -4.75 37.97
N GLY B 629 3.64 -5.82 38.45
CA GLY B 629 2.32 -5.68 39.08
C GLY B 629 1.27 -5.23 38.10
N GLY B 630 1.23 -5.85 36.93
CA GLY B 630 0.33 -5.42 35.85
C GLY B 630 -1.08 -5.96 35.91
N ASP B 631 -1.92 -5.44 35.03
CA ASP B 631 -3.34 -5.87 34.97
C ASP B 631 -3.78 -5.94 33.52
N TYR B 632 -5.06 -6.20 33.29
CA TYR B 632 -5.64 -6.25 31.93
C TYR B 632 -6.56 -5.04 31.75
N ASP B 633 -6.23 -3.92 32.38
CA ASP B 633 -7.07 -2.70 32.31
C ASP B 633 -6.56 -1.71 31.26
N GLY B 634 -5.75 -2.15 30.31
CA GLY B 634 -5.16 -1.21 29.38
C GLY B 634 -3.66 -1.36 29.34
N ASP B 635 -3.13 -2.26 30.17
CA ASP B 635 -1.71 -2.52 30.18
C ASP B 635 -1.26 -3.10 28.84
N MET B 636 -0.11 -2.64 28.36
CA MET B 636 0.49 -3.15 27.13
C MET B 636 1.81 -3.82 27.45
N ALA B 637 1.99 -5.03 26.95
CA ALA B 637 3.19 -5.81 27.22
C ALA B 637 4.16 -5.69 26.05
N TRP B 638 5.44 -5.53 26.38
CA TRP B 638 6.51 -5.68 25.40
C TRP B 638 6.65 -7.17 25.09
N VAL B 639 6.32 -7.55 23.86
CA VAL B 639 6.35 -8.94 23.42
C VAL B 639 7.44 -9.09 22.39
N CYS B 640 8.42 -9.95 22.68
CA CYS B 640 9.59 -10.13 21.84
C CYS B 640 9.73 -11.60 21.48
N TRP B 641 9.70 -11.90 20.17
CA TRP B 641 9.87 -13.26 19.70
C TRP B 641 11.15 -13.43 18.88
N ASP B 642 12.12 -12.55 19.06
CA ASP B 642 13.42 -12.73 18.45
C ASP B 642 14.17 -13.83 19.20
N PRO B 643 14.45 -14.97 18.56
CA PRO B 643 15.14 -16.04 19.30
C PRO B 643 16.33 -15.54 20.09
N GLU B 644 17.34 -14.96 19.42
CA GLU B 644 18.60 -14.66 20.09
C GLU B 644 18.39 -13.87 21.38
N ILE B 645 17.36 -13.04 21.45
CA ILE B 645 17.07 -12.38 22.73
C ILE B 645 16.38 -13.34 23.70
N VAL B 646 15.54 -14.23 23.18
CA VAL B 646 14.67 -15.03 24.03
C VAL B 646 15.39 -16.26 24.59
N ASP B 647 16.26 -16.89 23.79
CA ASP B 647 16.75 -18.22 24.12
C ASP B 647 17.58 -18.22 25.41
N GLY B 648 18.40 -17.18 25.62
CA GLY B 648 19.26 -17.18 26.78
C GLY B 648 18.55 -16.95 28.10
N PHE B 649 17.31 -16.47 28.05
CA PHE B 649 16.59 -16.05 29.24
C PHE B 649 16.07 -17.26 30.03
N VAL B 650 16.16 -17.17 31.35
CA VAL B 650 15.54 -18.12 32.27
C VAL B 650 14.84 -17.35 33.37
N ASN B 651 13.67 -17.86 33.80
CA ASN B 651 12.75 -17.08 34.58
C ASN B 651 13.22 -16.90 36.03
N ALA B 652 12.71 -15.85 36.66
CA ALA B 652 12.94 -15.57 38.07
C ALA B 652 11.60 -15.37 38.77
N GLU B 653 11.45 -15.97 39.94
CA GLU B 653 10.20 -15.87 40.68
C GLU B 653 10.07 -14.50 41.34
N MET B 654 8.83 -14.12 41.64
CA MET B 654 8.56 -12.80 42.19
C MET B 654 9.32 -12.61 43.49
N PRO B 655 9.89 -11.42 43.71
CA PRO B 655 10.71 -11.21 44.91
C PRO B 655 9.88 -10.96 46.15
N LEU B 656 10.49 -11.21 47.30
CA LEU B 656 9.94 -10.84 48.59
C LEU B 656 10.39 -9.42 48.88
N GLU B 657 9.44 -8.47 48.83
CA GLU B 657 9.84 -7.08 48.88
C GLU B 657 9.90 -6.56 50.31
N PRO B 658 10.85 -5.66 50.58
CA PRO B 658 11.02 -5.17 51.96
C PRO B 658 9.88 -4.25 52.37
N ASP B 659 9.55 -4.32 53.65
CA ASP B 659 8.54 -3.43 54.24
C ASP B 659 9.20 -2.11 54.59
N LEU B 660 9.03 -1.11 53.73
CA LEU B 660 9.55 0.23 53.96
C LEU B 660 8.52 1.14 54.61
N SER B 661 7.54 0.58 55.32
CA SER B 661 6.51 1.38 55.96
C SER B 661 7.09 2.50 56.81
N ARG B 662 8.28 2.29 57.39
CA ARG B 662 8.88 3.32 58.22
C ARG B 662 9.00 4.64 57.48
N TYR B 663 9.29 4.57 56.18
CA TYR B 663 9.48 5.83 55.39
C TYR B 663 8.25 6.11 54.54
N LEU B 664 7.40 5.10 54.28
CA LEU B 664 6.23 5.28 53.39
C LEU B 664 4.98 5.03 54.22
N LYS B 665 4.22 6.08 54.49
CA LYS B 665 3.06 5.93 55.39
C LYS B 665 1.79 6.17 54.58
N LYS B 666 0.73 5.40 54.86
CA LYS B 666 -0.49 5.52 54.03
C LYS B 666 -1.60 6.22 54.81
N ASP B 667 -2.21 7.24 54.22
CA ASP B 667 -3.38 7.88 54.87
C ASP B 667 -4.59 7.09 54.40
N LYS B 668 -4.96 6.05 55.14
CA LYS B 668 -6.08 5.18 54.72
C LYS B 668 -7.36 5.72 55.35
N THR B 669 -7.39 7.01 55.68
CA THR B 669 -8.58 7.60 56.33
C THR B 669 -9.76 7.49 55.37
N THR B 670 -10.90 7.00 55.85
CA THR B 670 -12.09 6.79 54.99
C THR B 670 -12.98 8.04 54.96
N PHE B 671 -13.89 8.13 53.99
CA PHE B 671 -14.84 9.27 53.89
C PHE B 671 -15.73 9.28 55.13
N LYS B 672 -16.13 8.11 55.59
CA LYS B 672 -17.02 8.00 56.78
C LYS B 672 -16.29 8.62 57.97
N GLN B 673 -15.00 8.36 58.09
CA GLN B 673 -14.21 8.92 59.20
C GLN B 673 -14.23 10.44 59.08
N LEU B 674 -14.06 10.95 57.87
CA LEU B 674 -14.06 12.41 57.67
C LEU B 674 -15.47 12.95 58.00
N MET B 675 -16.51 12.19 57.69
CA MET B 675 -17.90 12.64 57.93
C MET B 675 -18.19 12.59 59.43
N ALA B 676 -17.57 11.66 60.14
CA ALA B 676 -17.85 11.51 61.59
C ALA B 676 -17.50 12.82 62.29
N SER B 677 -16.47 13.50 61.82
CA SER B 677 -16.13 14.82 62.39
C SER B 677 -17.30 15.78 62.17
N HIS B 678 -18.00 15.66 61.06
CA HIS B 678 -19.10 16.61 60.75
C HIS B 678 -20.47 16.11 61.21
N GLY B 679 -20.61 14.83 61.55
CA GLY B 679 -21.94 14.29 61.91
C GLY B 679 -22.64 13.59 60.78
N THR B 680 -23.98 13.49 60.84
CA THR B 680 -24.78 12.79 59.80
C THR B 680 -25.66 13.79 59.05
N GLY B 681 -26.09 13.45 57.83
CA GLY B 681 -26.98 14.32 57.05
C GLY B 681 -26.38 14.84 55.77
N SER B 682 -27.19 15.44 54.91
CA SER B 682 -26.73 15.95 53.60
C SER B 682 -25.69 17.04 53.79
N ALA B 683 -25.92 17.92 54.77
CA ALA B 683 -24.99 19.03 55.05
C ALA B 683 -23.65 18.45 55.49
N ALA B 684 -23.71 17.39 56.29
CA ALA B 684 -22.47 16.75 56.75
C ALA B 684 -21.73 16.14 55.55
N LYS B 685 -22.46 15.49 54.65
CA LYS B 685 -21.82 14.92 53.43
C LYS B 685 -21.23 16.06 52.61
N GLU B 686 -21.96 17.16 52.46
CA GLU B 686 -21.46 18.26 51.61
C GLU B 686 -20.15 18.72 52.23
N GLN B 687 -20.13 18.86 53.53
CA GLN B 687 -18.93 19.35 54.23
C GLN B 687 -17.81 18.32 54.07
N THR B 688 -18.13 17.04 54.19
CA THR B 688 -17.11 15.98 53.99
C THR B 688 -16.58 16.02 52.55
N THR B 689 -17.46 16.19 51.56
CA THR B 689 -17.00 16.13 50.16
C THR B 689 -16.01 17.27 49.92
N TYR B 690 -16.34 18.45 50.43
CA TYR B 690 -15.45 19.63 50.25
C TYR B 690 -14.14 19.43 51.02
N ASP B 691 -14.22 18.84 52.21
CA ASP B 691 -13.01 18.58 53.02
C ASP B 691 -12.10 17.62 52.26
N MET B 692 -12.69 16.60 51.62
CA MET B 692 -11.87 15.60 50.89
C MET B 692 -11.13 16.32 49.77
N ILE B 693 -11.80 17.23 49.07
CA ILE B 693 -11.14 18.00 47.99
C ILE B 693 -9.97 18.76 48.63
N GLN B 694 -10.20 19.40 49.77
CA GLN B 694 -9.14 20.24 50.36
C GLN B 694 -7.98 19.37 50.84
N LYS B 695 -8.29 18.30 51.57
CA LYS B 695 -7.22 17.44 52.11
C LYS B 695 -6.49 16.77 50.96
N SER B 696 -7.23 16.30 49.96
CA SER B 696 -6.64 15.60 48.79
C SER B 696 -5.74 16.55 47.99
N PHE B 697 -6.13 17.81 47.90
CA PHE B 697 -5.33 18.80 47.16
C PHE B 697 -3.97 18.94 47.83
N HIS B 698 -3.96 18.94 49.16
CA HIS B 698 -2.68 19.02 49.91
C HIS B 698 -1.85 17.78 49.61
N PHE B 699 -2.45 16.61 49.70
CA PHE B 699 -1.73 15.34 49.43
C PHE B 699 -1.12 15.40 48.03
N ALA B 700 -1.91 15.81 47.05
CA ALA B 700 -1.45 15.83 45.65
C ALA B 700 -0.34 16.84 45.45
N LEU B 701 -0.43 17.99 46.11
CA LEU B 701 0.57 19.05 45.86
C LEU B 701 1.91 18.67 46.51
N GLN B 702 1.89 17.65 47.36
CA GLN B 702 3.15 17.19 48.02
C GLN B 702 4.11 16.76 46.92
N PRO B 703 5.40 17.13 47.01
CA PRO B 703 6.35 16.82 45.94
C PRO B 703 6.52 15.32 45.71
N ASN B 704 6.67 14.91 44.45
CA ASN B 704 6.85 13.48 44.09
C ASN B 704 8.34 13.17 44.01
N PHE B 705 8.76 12.06 44.61
CA PHE B 705 10.20 11.73 44.63
C PHE B 705 10.49 10.57 43.67
N LEU B 706 9.51 10.14 42.88
CA LEU B 706 9.73 8.93 42.04
C LEU B 706 10.87 9.21 41.06
N GLY B 707 10.89 10.39 40.46
CA GLY B 707 11.94 10.69 39.48
C GLY B 707 13.32 10.71 40.08
N MET B 708 13.47 11.36 41.24
CA MET B 708 14.77 11.38 41.93
C MET B 708 15.12 9.98 42.42
N CYS B 709 14.15 9.26 42.98
CA CYS B 709 14.41 7.91 43.53
C CYS B 709 14.79 6.94 42.42
N THR B 710 14.17 7.07 41.26
CA THR B 710 14.46 6.16 40.12
C THR B 710 15.86 6.48 39.62
N ASN B 711 16.17 7.76 39.48
CA ASN B 711 17.50 8.16 38.94
C ASN B 711 18.57 7.67 39.92
N TYR B 712 18.28 7.67 41.22
CA TYR B 712 19.23 7.17 42.25
C TYR B 712 19.41 5.67 42.08
N LYS B 713 18.32 4.93 41.88
CA LYS B 713 18.42 3.46 41.71
C LYS B 713 19.28 3.20 40.49
N GLU B 714 19.07 3.98 39.43
CA GLU B 714 19.84 3.77 38.18
C GLU B 714 21.31 4.01 38.49
N ARG B 715 21.63 5.09 39.21
CA ARG B 715 23.04 5.44 39.48
C ARG B 715 23.70 4.39 40.39
N LEU B 716 23.03 4.00 41.46
CA LEU B 716 23.62 3.02 42.42
C LEU B 716 23.74 1.66 41.76
N CYS B 717 22.70 1.24 41.05
CA CYS B 717 22.70 -0.10 40.42
C CYS B 717 23.81 -0.16 39.37
N TYR B 718 24.07 0.96 38.71
CA TYR B 718 25.16 1.02 37.71
C TYR B 718 26.49 0.81 38.45
N ILE B 719 26.68 1.49 39.57
CA ILE B 719 27.96 1.38 40.32
C ILE B 719 28.13 -0.06 40.82
N ASN B 720 27.07 -0.64 41.37
CA ASN B 720 27.11 -2.04 41.85
C ASN B 720 27.19 -3.01 40.68
N ASN B 721 26.61 -2.65 39.53
CA ASN B 721 26.52 -3.58 38.37
C ASN B 721 25.66 -4.77 38.79
N SER B 722 24.71 -4.54 39.69
CA SER B 722 23.76 -5.61 40.07
C SER B 722 22.34 -5.05 40.20
N VAL B 723 21.36 -5.77 39.67
CA VAL B 723 19.94 -5.35 39.81
C VAL B 723 19.25 -6.41 40.69
N SER B 724 19.99 -7.42 41.13
CA SER B 724 19.41 -8.49 41.97
C SER B 724 19.84 -8.33 43.43
N ASN B 725 20.65 -7.32 43.75
CA ASN B 725 21.19 -7.16 45.12
C ASN B 725 20.15 -6.53 46.05
N LYS B 726 20.41 -6.56 47.36
CA LYS B 726 19.45 -6.03 48.35
C LYS B 726 19.19 -4.54 48.12
N PRO B 727 20.18 -3.67 47.81
CA PRO B 727 19.86 -2.27 47.53
C PRO B 727 18.88 -2.11 46.36
N ALA B 728 19.10 -2.86 45.27
CA ALA B 728 18.23 -2.76 44.08
C ALA B 728 16.81 -3.21 44.42
N ILE B 729 16.64 -4.32 45.14
CA ILE B 729 15.25 -4.81 45.38
C ILE B 729 14.53 -3.76 46.22
N ILE B 730 15.23 -3.15 47.19
CA ILE B 730 14.61 -2.12 48.07
C ILE B 730 14.23 -0.90 47.23
N LEU B 731 15.15 -0.47 46.37
CA LEU B 731 14.87 0.72 45.53
C LEU B 731 13.72 0.40 44.60
N SER B 732 13.66 -0.83 44.10
CA SER B 732 12.60 -1.23 43.15
C SER B 732 11.24 -1.20 43.85
N SER B 733 11.16 -1.70 45.08
CA SER B 733 9.89 -1.68 45.84
C SER B 733 9.47 -0.24 46.10
N LEU B 734 10.43 0.62 46.44
CA LEU B 734 10.11 2.03 46.75
C LEU B 734 9.56 2.69 45.49
N VAL B 735 10.18 2.43 44.33
CA VAL B 735 9.75 3.12 43.09
C VAL B 735 8.46 2.47 42.59
N GLY B 736 8.26 1.19 42.87
CA GLY B 736 6.99 0.55 42.52
C GLY B 736 5.85 1.10 43.34
N ASN B 737 6.06 1.27 44.64
CA ASN B 737 5.03 1.85 45.54
C ASN B 737 4.79 3.31 45.20
N LEU B 738 5.84 4.05 44.85
CA LEU B 738 5.68 5.51 44.63
C LEU B 738 4.83 5.78 43.40
N VAL B 739 4.87 4.91 42.39
CA VAL B 739 4.09 5.19 41.15
C VAL B 739 2.60 5.14 41.52
N ASP B 740 2.22 4.22 42.40
CA ASP B 740 0.81 4.09 42.83
C ASP B 740 0.54 4.92 44.09
N GLN B 741 1.31 5.99 44.30
CA GLN B 741 1.16 6.83 45.51
C GLN B 741 -0.23 7.45 45.62
N SER B 742 -0.76 8.00 44.54
CA SER B 742 -2.05 8.72 44.64
C SER B 742 -3.16 7.77 45.10
N LYS B 743 -3.25 6.59 44.51
CA LYS B 743 -4.29 5.61 44.89
C LYS B 743 -4.04 5.07 46.30
N GLN B 744 -2.78 4.88 46.68
CA GLN B 744 -2.49 4.21 47.99
C GLN B 744 -2.28 5.20 49.14
N GLY B 745 -2.38 6.50 48.89
CA GLY B 745 -2.26 7.51 49.96
C GLY B 745 -0.90 7.54 50.59
N ILE B 746 0.15 7.24 49.82
CA ILE B 746 1.52 7.17 50.38
C ILE B 746 2.02 8.58 50.68
N VAL B 747 2.59 8.79 51.86
CA VAL B 747 3.20 10.11 52.18
C VAL B 747 4.71 9.92 52.25
N PHE B 748 5.47 10.68 51.44
CA PHE B 748 6.94 10.57 51.40
C PHE B 748 7.51 11.99 51.37
N ASN B 749 8.52 12.25 52.20
CA ASN B 749 9.09 13.61 52.30
C ASN B 749 10.60 13.52 52.13
N GLU B 750 11.26 14.66 51.96
CA GLU B 750 12.73 14.68 51.79
C GLU B 750 13.34 14.01 53.02
N ALA B 751 12.72 14.25 54.17
CA ALA B 751 13.20 13.61 55.42
C ALA B 751 13.07 12.09 55.29
N SER B 752 11.94 11.62 54.77
CA SER B 752 11.73 10.16 54.60
C SER B 752 12.78 9.65 53.62
N TRP B 753 13.05 10.42 52.57
CA TRP B 753 14.07 10.02 51.57
C TRP B 753 15.45 10.01 52.21
N ALA B 754 15.77 11.03 53.01
CA ALA B 754 17.13 11.14 53.59
C ALA B 754 17.33 10.04 54.62
N GLN B 755 16.24 9.62 55.28
CA GLN B 755 16.35 8.51 56.26
C GLN B 755 16.66 7.22 55.51
N LEU B 756 15.95 6.96 54.42
CA LEU B 756 16.15 5.70 53.67
C LEU B 756 17.57 5.68 53.13
N ARG B 757 18.03 6.81 52.59
CA ARG B 757 19.39 6.91 52.04
C ARG B 757 20.42 6.72 53.16
N ARG B 758 20.21 7.34 54.31
CA ARG B 758 21.18 7.23 55.42
C ARG B 758 21.21 5.80 55.93
N GLU B 759 20.06 5.15 56.02
CA GLU B 759 20.03 3.82 56.66
C GLU B 759 20.11 2.69 55.65
N LEU B 760 19.01 2.39 54.98
CA LEU B 760 18.99 1.19 54.10
C LEU B 760 19.91 1.34 52.88
N LEU B 761 19.63 2.29 52.00
CA LEU B 761 20.41 2.39 50.73
C LEU B 761 21.88 2.70 51.00
N GLY B 762 22.15 3.56 51.97
CA GLY B 762 23.54 4.00 52.17
C GLY B 762 23.80 5.11 51.19
N GLY B 763 25.00 5.68 51.17
CA GLY B 763 25.31 6.69 50.16
C GLY B 763 24.38 7.91 50.18
N ALA B 764 24.22 8.57 51.34
CA ALA B 764 23.44 9.83 51.36
C ALA B 764 24.36 10.92 50.82
N LEU B 765 24.83 10.76 49.59
CA LEU B 765 25.78 11.70 48.96
C LEU B 765 25.43 11.77 47.48
N SER B 766 25.87 12.81 46.78
CA SER B 766 25.48 12.92 45.37
C SER B 766 26.10 11.74 44.65
N LEU B 767 25.27 10.93 44.01
CA LEU B 767 25.77 9.74 43.29
C LEU B 767 26.15 10.19 41.88
N PRO B 768 27.32 9.84 41.29
CA PRO B 768 27.67 10.38 39.99
C PRO B 768 26.77 9.81 38.88
N ASP B 769 26.65 10.53 37.77
CA ASP B 769 25.83 10.08 36.62
C ASP B 769 26.54 8.91 35.92
N PRO B 770 25.84 7.90 35.33
CA PRO B 770 26.52 6.83 34.59
C PRO B 770 27.29 7.37 33.38
N MET B 771 28.29 6.63 32.93
CA MET B 771 29.11 7.04 31.76
C MET B 771 28.23 7.08 30.52
N TYR B 772 27.27 6.15 30.43
CA TYR B 772 26.38 6.08 29.24
C TYR B 772 25.55 7.35 29.14
N LYS B 773 25.41 8.10 30.22
CA LYS B 773 24.67 9.38 30.19
C LYS B 773 25.49 10.43 29.45
N SER B 774 26.74 10.13 29.15
CA SER B 774 27.62 11.09 28.43
C SER B 774 27.96 10.55 27.03
N ASP B 775 28.32 11.43 26.11
CA ASP B 775 28.61 11.04 24.70
C ASP B 775 29.82 10.11 24.61
N SER B 776 30.84 10.31 25.44
CA SER B 776 32.07 9.50 25.30
C SER B 776 32.45 8.71 26.55
N TRP B 777 33.39 7.76 26.43
CA TRP B 777 33.84 6.89 27.51
C TRP B 777 35.03 7.54 28.20
N LEU B 778 34.81 8.11 29.37
CA LEU B 778 35.88 8.67 30.19
C LEU B 778 36.30 7.74 31.32
N GLY B 779 35.72 6.54 31.39
CA GLY B 779 36.06 5.59 32.42
C GLY B 779 37.37 4.88 32.16
N ARG B 780 37.74 4.00 33.10
CA ARG B 780 39.03 3.29 32.97
C ARG B 780 38.80 1.89 32.40
N GLY B 781 39.64 1.49 31.44
CA GLY B 781 39.57 0.12 30.90
C GLY B 781 38.52 -0.01 29.83
N GLU B 782 38.40 -1.20 29.24
CA GLU B 782 37.31 -1.39 28.27
C GLU B 782 35.99 -1.35 29.05
N PRO B 783 34.94 -0.68 28.55
CA PRO B 783 33.68 -0.58 29.29
C PRO B 783 33.12 -1.94 29.70
N THR B 784 32.58 -2.06 30.92
CA THR B 784 32.13 -3.38 31.43
C THR B 784 30.61 -3.44 31.66
N HIS B 785 29.96 -2.29 31.84
CA HIS B 785 28.48 -2.27 32.00
C HIS B 785 27.82 -2.54 30.65
N ILE B 786 26.72 -3.29 30.63
CA ILE B 786 26.06 -3.66 29.35
C ILE B 786 25.81 -2.39 28.54
N ILE B 787 25.23 -1.37 29.15
CA ILE B 787 24.87 -0.16 28.36
C ILE B 787 26.16 0.51 27.90
N ASP B 788 27.15 0.57 28.78
CA ASP B 788 28.42 1.27 28.45
C ASP B 788 29.11 0.52 27.31
N TYR B 789 29.11 -0.81 27.38
CA TYR B 789 29.75 -1.64 26.33
C TYR B 789 29.03 -1.40 25.02
N LEU B 790 27.70 -1.41 25.05
CA LEU B 790 26.95 -1.26 23.80
C LEU B 790 27.10 0.14 23.23
N LYS B 791 27.03 1.18 24.06
CA LYS B 791 27.16 2.58 23.57
C LYS B 791 28.58 2.92 23.15
N PHE B 792 29.58 2.50 23.92
CA PHE B 792 30.97 2.94 23.64
C PHE B 792 31.82 1.83 23.02
N SER B 793 31.65 0.59 23.44
CA SER B 793 32.55 -0.47 22.92
C SER B 793 31.99 -1.10 21.63
N ILE B 794 30.72 -0.85 21.30
CA ILE B 794 30.11 -1.48 20.10
C ILE B 794 29.60 -0.41 19.14
N ALA B 795 28.66 0.42 19.57
CA ALA B 795 28.04 1.42 18.66
C ALA B 795 28.99 2.54 18.23
N ARG B 796 29.62 3.21 19.18
CA ARG B 796 30.48 4.39 18.83
C ARG B 796 31.53 4.00 17.80
N PRO B 797 32.31 2.90 17.93
CA PRO B 797 33.31 2.61 16.94
C PRO B 797 32.67 2.38 15.57
N ALA B 798 31.57 1.65 15.53
CA ALA B 798 30.92 1.36 14.24
C ALA B 798 30.44 2.67 13.63
N ILE B 799 29.83 3.53 14.44
CA ILE B 799 29.35 4.84 13.93
C ILE B 799 30.56 5.65 13.47
N ASP B 800 31.63 5.64 14.27
CA ASP B 800 32.85 6.44 13.94
C ASP B 800 33.44 5.92 12.63
N LYS B 801 33.43 4.61 12.43
CA LYS B 801 34.05 4.05 11.21
C LYS B 801 33.31 4.61 9.99
N GLU B 802 31.98 4.62 10.03
CA GLU B 802 31.21 5.20 8.91
C GLU B 802 31.48 6.71 8.82
N LEU B 803 31.56 7.38 9.97
CA LEU B 803 31.75 8.86 9.96
C LEU B 803 33.11 9.18 9.34
N GLU B 804 34.12 8.40 9.70
CA GLU B 804 35.46 8.61 9.10
C GLU B 804 35.33 8.36 7.60
N ALA B 805 34.57 7.34 7.21
CA ALA B 805 34.47 7.00 5.78
C ALA B 805 33.84 8.17 5.05
N PHE B 806 32.78 8.76 5.62
CA PHE B 806 32.14 9.94 4.98
C PHE B 806 33.12 11.14 4.99
N HIS B 807 33.80 11.36 6.11
CA HIS B 807 34.73 12.50 6.24
C HIS B 807 35.91 12.34 5.28
N ASN B 808 36.35 11.09 5.09
CA ASN B 808 37.52 10.83 4.22
C ASN B 808 37.20 11.31 2.80
N ALA B 809 35.98 11.09 2.33
CA ALA B 809 35.60 11.60 0.99
C ALA B 809 34.74 12.87 1.14
N GLU B 817 37.68 14.95 -10.00
CA GLU B 817 36.97 15.58 -11.14
C GLU B 817 35.72 14.75 -11.44
N ASP B 818 35.78 13.44 -11.20
CA ASP B 818 34.57 12.60 -11.37
C ASP B 818 33.77 12.69 -10.07
N GLY B 819 33.09 13.81 -9.84
CA GLY B 819 32.39 14.02 -8.56
C GLY B 819 31.37 15.13 -8.64
N ALA B 820 30.71 15.43 -7.52
CA ALA B 820 29.68 16.48 -7.49
C ALA B 820 30.29 17.83 -7.84
N HIS B 821 29.64 18.57 -8.72
CA HIS B 821 30.11 19.93 -9.07
C HIS B 821 28.90 20.86 -8.99
N PHE B 822 29.13 22.09 -8.55
CA PHE B 822 28.03 23.10 -8.49
C PHE B 822 27.54 23.42 -9.90
N TRP B 823 28.46 23.48 -10.86
CA TRP B 823 28.10 23.92 -12.23
C TRP B 823 27.14 23.00 -12.95
N ASP B 824 26.14 23.58 -13.62
CA ASP B 824 25.27 22.80 -14.51
C ASP B 824 25.14 23.66 -15.76
N PRO B 825 25.57 23.18 -16.94
CA PRO B 825 25.39 23.96 -18.15
C PRO B 825 23.90 24.18 -18.42
N ASP B 826 23.03 23.32 -17.88
CA ASP B 826 21.60 23.40 -18.12
C ASP B 826 21.00 24.61 -17.40
N LEU B 827 21.61 25.05 -16.31
CA LEU B 827 21.05 26.14 -15.52
C LEU B 827 21.44 27.52 -16.03
N ALA B 828 22.44 27.60 -16.90
CA ALA B 828 22.82 28.87 -17.52
C ALA B 828 22.19 29.07 -18.88
N SER B 829 21.19 28.25 -19.23
CA SER B 829 20.64 28.28 -20.58
C SER B 829 20.02 29.62 -20.92
N TYR B 830 19.26 30.20 -19.99
CA TYR B 830 18.56 31.45 -20.29
C TYR B 830 19.51 32.62 -20.38
N TYR B 831 20.53 32.66 -19.51
CA TYR B 831 21.55 33.71 -19.60
C TYR B 831 22.17 33.74 -20.99
N THR B 832 22.63 32.58 -21.48
CA THR B 832 23.26 32.53 -22.79
C THR B 832 22.28 32.87 -23.91
N PHE B 833 21.00 32.53 -23.73
CA PHE B 833 19.99 32.87 -24.73
C PHE B 833 19.87 34.38 -24.88
N PHE B 834 19.77 35.09 -23.75
CA PHE B 834 19.59 36.54 -23.80
C PHE B 834 20.89 37.29 -24.00
N LYS B 835 22.04 36.63 -23.79
CA LYS B 835 23.31 37.26 -24.16
C LYS B 835 23.39 37.41 -25.67
N GLU B 836 23.05 36.36 -26.41
CA GLU B 836 23.05 36.45 -27.87
C GLU B 836 22.10 37.54 -28.36
N ILE B 837 20.98 37.74 -27.66
CA ILE B 837 20.08 38.84 -28.02
C ILE B 837 20.69 40.17 -27.61
N SER B 838 21.31 40.23 -26.42
CA SER B 838 21.87 41.48 -25.93
C SER B 838 23.07 41.92 -26.76
N ASP B 839 23.83 40.97 -27.31
CA ASP B 839 24.97 41.35 -28.14
C ASP B 839 24.54 42.06 -29.42
N LYS B 840 23.35 41.73 -29.95
CA LYS B 840 22.82 42.37 -31.14
C LYS B 840 21.67 43.32 -30.82
N SER B 841 21.60 43.79 -29.58
CA SER B 841 20.53 44.73 -29.16
C SER B 841 20.91 45.41 -27.85
N ARG B 842 21.31 46.68 -27.92
CA ARG B 842 21.66 47.47 -26.70
C ARG B 842 20.41 47.62 -25.84
N SER B 843 19.24 47.71 -26.47
CA SER B 843 17.99 47.96 -25.69
C SER B 843 17.80 46.81 -24.70
N SER B 844 17.94 45.57 -25.16
CA SER B 844 17.88 44.41 -24.25
C SER B 844 19.08 44.43 -23.33
N ALA B 845 20.23 44.85 -23.85
CA ALA B 845 21.48 44.84 -23.06
C ALA B 845 21.35 45.75 -21.85
N LEU B 846 20.68 46.89 -22.00
CA LEU B 846 20.47 47.78 -20.84
C LEU B 846 19.66 47.02 -19.78
N LEU B 847 18.60 46.33 -20.21
CA LEU B 847 17.76 45.55 -19.26
C LEU B 847 18.63 44.46 -18.66
N PHE B 848 19.44 43.81 -19.48
CA PHE B 848 20.28 42.70 -18.99
C PHE B 848 21.27 43.24 -17.96
N THR B 849 21.89 44.37 -18.27
CA THR B 849 22.92 44.90 -17.35
C THR B 849 22.26 45.29 -16.03
N THR B 850 21.09 45.91 -16.10
CA THR B 850 20.43 46.37 -14.86
C THR B 850 20.12 45.15 -13.99
N LEU B 851 19.58 44.09 -14.59
CA LEU B 851 19.20 42.90 -13.81
C LEU B 851 20.46 42.34 -13.15
N LYS B 852 21.56 42.28 -13.89
CA LYS B 852 22.80 41.66 -13.35
C LYS B 852 23.29 42.50 -12.17
N ASN B 853 23.31 43.81 -12.34
CA ASN B 853 23.74 44.70 -11.22
C ASN B 853 22.73 44.63 -10.07
N ARG B 854 21.43 44.61 -10.42
CA ARG B 854 20.39 44.60 -9.36
C ARG B 854 20.54 43.32 -8.55
N ILE B 855 20.80 42.20 -9.22
CA ILE B 855 21.06 40.93 -8.48
C ILE B 855 22.28 41.16 -7.59
N GLY B 856 23.28 41.87 -8.13
CA GLY B 856 24.49 42.15 -7.33
C GLY B 856 24.15 42.91 -6.06
N GLU B 857 23.25 43.88 -6.16
CA GLU B 857 22.80 44.61 -4.95
C GLU B 857 22.17 43.59 -4.00
N VAL B 858 21.31 42.72 -4.51
CA VAL B 858 20.61 41.72 -3.65
C VAL B 858 21.67 40.77 -3.07
N GLU B 859 22.67 40.42 -3.87
CA GLU B 859 23.73 39.51 -3.39
C GLU B 859 24.43 40.20 -2.21
N LYS B 860 24.67 41.50 -2.34
CA LYS B 860 25.29 42.26 -1.22
C LYS B 860 24.32 42.24 -0.04
N GLU B 861 23.03 42.36 -0.31
CA GLU B 861 22.01 42.38 0.79
C GLU B 861 22.03 41.03 1.49
N TYR B 862 22.30 39.96 0.76
CA TYR B 862 22.22 38.61 1.36
C TYR B 862 23.18 38.51 2.54
N GLY B 863 24.41 39.03 2.38
CA GLY B 863 25.35 39.02 3.51
C GLY B 863 25.49 37.59 4.01
N ARG B 864 25.34 37.37 5.32
CA ARG B 864 25.34 35.99 5.88
C ARG B 864 26.39 35.15 5.15
N PRO B 879 15.10 33.31 9.59
CA PRO B 879 14.00 33.04 8.69
C PRO B 879 13.46 34.38 8.17
N VAL B 880 13.25 35.33 9.07
CA VAL B 880 12.67 36.64 8.66
C VAL B 880 13.65 37.31 7.70
N ARG B 881 14.95 37.20 7.99
CA ARG B 881 15.97 37.88 7.14
C ARG B 881 15.93 37.29 5.73
N VAL B 882 15.78 35.98 5.64
CA VAL B 882 15.79 35.31 4.30
C VAL B 882 14.64 35.88 3.50
N ASN B 883 13.49 36.08 4.15
CA ASN B 883 12.29 36.60 3.44
C ASN B 883 12.58 38.01 2.93
N GLN B 884 13.29 38.81 3.72
CA GLN B 884 13.56 40.21 3.32
C GLN B 884 14.38 40.19 2.04
N VAL B 885 15.39 39.34 1.98
CA VAL B 885 16.23 39.22 0.76
C VAL B 885 15.35 38.71 -0.39
N TYR B 886 14.47 37.75 -0.11
CA TYR B 886 13.60 37.18 -1.17
C TYR B 886 12.73 38.30 -1.74
N GLU B 887 12.27 39.18 -0.87
CA GLU B 887 11.38 40.29 -1.32
C GLU B 887 12.15 41.19 -2.28
N LYS B 888 13.41 41.49 -1.96
CA LYS B 888 14.23 42.32 -2.87
C LYS B 888 14.45 41.54 -4.16
N TRP B 889 14.64 40.23 -4.04
CA TRP B 889 14.90 39.38 -5.24
C TRP B 889 13.68 39.41 -6.15
N CYS B 890 12.48 39.31 -5.57
CA CYS B 890 11.23 39.33 -6.36
C CYS B 890 11.05 40.72 -6.96
N ALA B 891 11.56 41.73 -6.27
CA ALA B 891 11.40 43.13 -6.76
C ALA B 891 12.09 43.28 -8.11
N ILE B 892 13.26 42.67 -8.28
CA ILE B 892 13.91 42.72 -9.62
C ILE B 892 12.84 42.35 -10.64
N THR B 893 12.45 43.30 -11.48
CA THR B 893 11.36 43.08 -12.47
C THR B 893 11.67 44.00 -13.63
N PRO B 894 11.09 43.85 -14.82
CA PRO B 894 11.32 44.82 -15.87
C PRO B 894 10.95 46.16 -15.23
N GLU B 895 11.84 47.15 -15.31
CA GLU B 895 11.60 48.47 -14.64
C GLU B 895 11.18 48.23 -13.19
N SER B 906 9.67 46.67 -25.86
CA SER B 906 8.38 46.67 -25.18
C SER B 906 7.67 45.32 -25.36
N LYS B 907 7.59 44.87 -26.61
CA LYS B 907 7.07 43.52 -26.85
C LYS B 907 7.89 42.47 -26.13
N VAL B 908 9.17 42.76 -25.92
CA VAL B 908 10.07 41.79 -25.26
C VAL B 908 9.80 41.82 -23.76
N ILE B 909 9.65 43.01 -23.18
CA ILE B 909 9.48 43.12 -21.72
C ILE B 909 8.17 42.42 -21.32
N ARG B 910 7.13 42.56 -22.14
CA ARG B 910 5.84 41.88 -21.87
C ARG B 910 6.01 40.35 -21.94
N LEU B 911 6.78 39.86 -22.91
CA LEU B 911 7.02 38.40 -22.98
C LEU B 911 7.79 37.94 -21.73
N LEU B 912 8.78 38.71 -21.31
CA LEU B 912 9.58 38.31 -20.14
C LEU B 912 8.72 38.29 -18.89
N GLU B 913 7.89 39.33 -18.71
CA GLU B 913 7.08 39.42 -17.46
C GLU B 913 5.62 39.21 -17.84
N LEU B 914 5.03 38.12 -17.37
CA LEU B 914 3.65 37.84 -17.83
C LEU B 914 2.67 38.40 -16.81
N SER B 915 1.91 39.43 -17.20
CA SER B 915 0.91 40.05 -16.31
C SER B 915 -0.22 39.06 -16.02
N PHE B 916 -0.59 38.25 -17.01
CA PHE B 916 -1.74 37.33 -16.83
C PHE B 916 -1.47 36.40 -15.65
N LEU B 917 -0.20 36.03 -15.49
CA LEU B 917 0.14 35.15 -14.37
C LEU B 917 0.09 35.94 -13.07
N ALA B 918 -0.76 35.51 -12.13
CA ALA B 918 -0.86 36.17 -10.82
C ALA B 918 0.46 35.97 -10.06
N ASP B 919 1.03 34.77 -10.15
CA ASP B 919 2.35 34.50 -9.51
C ASP B 919 3.40 34.86 -10.54
N ARG B 920 4.17 35.91 -10.28
CA ARG B 920 5.17 36.37 -11.27
C ARG B 920 6.41 35.51 -11.06
N GLU B 921 6.39 34.69 -10.02
CA GLU B 921 7.51 33.74 -9.81
C GLU B 921 7.35 32.61 -10.84
N MET B 922 6.23 32.59 -11.56
CA MET B 922 5.98 31.55 -12.61
C MET B 922 6.24 32.15 -13.99
N ASN B 923 6.81 33.35 -14.05
CA ASN B 923 7.03 34.03 -15.36
C ASN B 923 8.40 33.73 -15.96
N THR B 924 8.59 34.04 -17.24
CA THR B 924 9.88 33.79 -17.94
C THR B 924 11.00 34.60 -17.28
N TRP B 925 10.70 35.81 -16.80
CA TRP B 925 11.73 36.70 -16.21
C TRP B 925 12.38 36.03 -15.01
N ALA B 926 11.59 35.33 -14.21
CA ALA B 926 12.13 34.68 -13.00
C ALA B 926 13.17 33.65 -13.40
N LEU B 927 12.90 32.93 -14.49
CA LEU B 927 13.86 31.93 -14.99
C LEU B 927 15.15 32.64 -15.42
N LEU B 928 15.04 33.77 -16.11
CA LEU B 928 16.23 34.50 -16.60
C LEU B 928 17.04 34.99 -15.41
N ARG B 929 16.37 35.51 -14.40
CA ARG B 929 17.07 36.04 -13.21
C ARG B 929 17.78 34.90 -12.49
N ALA B 930 17.12 33.76 -12.40
CA ALA B 930 17.76 32.59 -11.76
C ALA B 930 18.98 32.13 -12.57
N SER B 931 18.87 32.10 -13.90
CA SER B 931 20.00 31.67 -14.77
C SER B 931 21.16 32.67 -14.66
N THR B 932 20.85 33.96 -14.70
CA THR B 932 21.90 35.01 -14.61
C THR B 932 22.52 34.94 -13.22
N ALA B 933 21.71 34.71 -12.21
CA ALA B 933 22.21 34.61 -10.82
C ALA B 933 23.06 33.35 -10.68
N PHE B 934 22.71 32.28 -11.38
CA PHE B 934 23.48 31.03 -11.21
C PHE B 934 24.87 31.23 -11.82
N LYS B 935 24.93 31.77 -13.04
CA LYS B 935 26.23 31.89 -13.74
C LYS B 935 27.13 32.84 -12.96
N LEU B 936 26.57 33.96 -12.50
CA LEU B 936 27.37 34.98 -11.78
C LEU B 936 27.81 34.50 -10.40
N TYR B 937 26.97 33.76 -9.69
CA TYR B 937 27.33 33.43 -8.28
C TYR B 937 27.49 31.94 -7.97
N TYR B 938 27.50 31.04 -8.95
CA TYR B 938 27.65 29.62 -8.53
C TYR B 938 29.00 29.46 -7.84
N HIS B 939 30.04 30.09 -8.38
CA HIS B 939 31.39 30.03 -7.77
C HIS B 939 31.50 30.84 -6.49
N LYS B 940 30.94 32.05 -6.44
CA LYS B 940 31.18 32.96 -5.29
C LYS B 940 30.08 32.84 -4.23
N SER B 941 28.83 32.98 -4.64
CA SER B 941 27.72 32.98 -3.68
C SER B 941 26.78 31.84 -4.00
N PRO B 942 27.19 30.60 -3.75
CA PRO B 942 26.33 29.46 -4.09
C PRO B 942 25.00 29.46 -3.34
N LYS B 943 25.04 29.62 -2.01
CA LYS B 943 23.82 29.54 -1.22
C LYS B 943 22.80 30.59 -1.66
N PHE B 944 23.28 31.78 -2.06
CA PHE B 944 22.36 32.85 -2.43
C PHE B 944 21.47 32.45 -3.59
N VAL B 945 22.03 31.76 -4.60
CA VAL B 945 21.25 31.43 -5.78
C VAL B 945 20.18 30.39 -5.47
N TRP B 946 20.53 29.38 -4.67
CA TRP B 946 19.59 28.29 -4.43
C TRP B 946 18.47 28.69 -3.49
N GLN B 947 18.78 29.48 -2.46
CA GLN B 947 17.74 29.96 -1.56
C GLN B 947 16.76 30.87 -2.30
N MET B 948 17.27 31.71 -3.21
CA MET B 948 16.42 32.67 -3.90
C MET B 948 15.73 32.05 -5.11
N ALA B 949 16.40 31.13 -5.82
CA ALA B 949 15.91 30.67 -7.11
C ALA B 949 15.87 29.15 -7.27
N GLY B 950 16.09 28.38 -6.20
CA GLY B 950 15.94 26.94 -6.29
C GLY B 950 14.67 26.53 -7.01
N ARG B 951 13.59 27.29 -6.80
CA ARG B 951 12.33 27.02 -7.47
C ARG B 951 12.49 27.11 -8.98
N GLN B 952 13.03 28.21 -9.49
CA GLN B 952 13.17 28.38 -10.93
C GLN B 952 14.23 27.46 -11.51
N LEU B 953 15.35 27.29 -10.80
CA LEU B 953 16.37 26.36 -11.27
C LEU B 953 15.79 24.97 -11.50
N ALA B 954 14.86 24.55 -10.64
CA ALA B 954 14.20 23.27 -10.85
C ALA B 954 13.38 23.28 -12.13
N TYR B 955 12.63 24.36 -12.37
CA TYR B 955 11.90 24.48 -13.62
C TYR B 955 12.85 24.38 -14.81
N ILE B 956 13.92 25.18 -14.78
CA ILE B 956 14.89 25.17 -15.88
C ILE B 956 15.44 23.77 -16.09
N LYS B 957 15.78 23.08 -15.01
CA LYS B 957 16.31 21.72 -15.14
C LYS B 957 15.29 20.80 -15.77
N ALA B 958 14.05 20.80 -15.26
CA ALA B 958 13.02 19.96 -15.83
C ALA B 958 12.79 20.27 -17.30
N GLN B 959 12.83 21.56 -17.67
CA GLN B 959 12.68 21.94 -19.07
C GLN B 959 13.82 21.40 -19.92
N MET B 960 15.05 21.69 -19.50
CA MET B 960 16.22 21.32 -20.31
C MET B 960 16.38 19.81 -20.42
N THR B 961 16.04 19.07 -19.37
CA THR B 961 16.26 17.63 -19.37
C THR B 961 15.26 16.86 -20.22
N SER B 962 14.09 17.44 -20.49
CA SER B 962 13.12 16.76 -21.33
C SER B 962 13.65 16.60 -22.75
N ARG B 963 13.39 15.43 -23.34
CA ARG B 963 13.81 15.15 -24.70
C ARG B 963 12.61 14.86 -25.59
N PRO B 964 12.62 15.33 -26.83
CA PRO B 964 11.45 15.15 -27.70
C PRO B 964 11.01 13.70 -27.77
N GLY B 965 9.71 13.48 -27.55
CA GLY B 965 9.13 12.16 -27.70
C GLY B 965 9.66 11.12 -26.73
N GLU B 966 10.09 11.53 -25.54
CA GLU B 966 10.54 10.60 -24.50
C GLU B 966 9.81 10.88 -23.20
N GLY B 967 8.51 11.12 -23.28
CA GLY B 967 7.70 11.47 -22.13
C GLY B 967 7.40 12.96 -22.07
N ALA B 968 6.58 13.32 -21.08
CA ALA B 968 6.14 14.70 -20.90
C ALA B 968 6.29 15.09 -19.44
N PRO B 969 7.07 16.12 -19.12
CA PRO B 969 7.10 16.60 -17.74
C PRO B 969 5.79 17.22 -17.33
N ALA B 970 5.43 17.04 -16.07
CA ALA B 970 4.15 17.48 -15.53
C ALA B 970 4.35 18.65 -14.58
N LEU B 971 3.50 19.66 -14.69
CA LEU B 971 3.53 20.83 -13.82
C LEU B 971 2.44 20.67 -12.77
N MET B 972 2.81 20.13 -11.62
CA MET B 972 1.87 19.94 -10.53
C MET B 972 1.57 21.26 -9.83
N THR B 973 0.35 21.37 -9.32
CA THR B 973 0.05 22.48 -8.42
C THR B 973 0.67 22.21 -7.06
N ALA B 974 0.84 23.28 -6.29
CA ALA B 974 1.43 23.15 -4.96
C ALA B 974 0.66 22.12 -4.13
N PHE B 975 -0.67 22.19 -4.16
CA PHE B 975 -1.47 21.28 -3.35
C PHE B 975 -1.38 19.85 -3.84
N MET B 976 -1.66 19.62 -5.13
CA MET B 976 -1.63 18.26 -5.65
C MET B 976 -0.25 17.64 -5.53
N TYR B 977 0.80 18.46 -5.52
CA TYR B 977 2.15 17.92 -5.34
C TYR B 977 2.33 17.35 -3.94
N ALA B 978 1.89 18.08 -2.92
CA ALA B 978 2.08 17.63 -1.55
C ALA B 978 1.32 16.36 -1.23
N GLY B 979 0.39 15.98 -2.10
CA GLY B 979 -0.45 14.79 -1.84
C GLY B 979 0.08 13.53 -2.49
N LEU B 980 1.30 13.58 -3.02
CA LEU B 980 1.87 12.42 -3.74
C LEU B 980 3.03 11.86 -2.93
N MET B 981 3.15 10.52 -2.87
CA MET B 981 4.22 9.86 -2.07
C MET B 981 4.98 8.87 -2.95
N PRO B 982 6.28 8.59 -2.73
CA PRO B 982 7.00 7.68 -3.61
C PRO B 982 6.43 6.27 -3.55
N ASP B 983 6.22 5.65 -4.71
CA ASP B 983 5.74 4.24 -4.75
C ASP B 983 6.95 3.35 -4.53
N LYS B 984 7.01 2.68 -3.38
CA LYS B 984 8.18 1.81 -3.05
C LYS B 984 8.25 0.70 -4.10
N LYS B 985 7.10 0.21 -4.55
CA LYS B 985 7.09 -0.88 -5.55
C LYS B 985 7.75 -0.38 -6.84
N PHE B 986 7.50 0.87 -7.24
CA PHE B 986 8.16 1.42 -8.46
C PHE B 986 9.67 1.42 -8.27
N THR B 987 10.14 1.91 -7.12
CA THR B 987 11.60 2.04 -6.94
C THR B 987 12.24 0.66 -7.09
N LYS B 988 11.68 -0.34 -6.42
CA LYS B 988 12.27 -1.70 -6.46
C LYS B 988 12.20 -2.26 -7.89
N GLN B 989 11.06 -2.14 -8.53
CA GLN B 989 10.90 -2.78 -9.87
C GLN B 989 11.82 -2.07 -10.87
N TYR B 990 11.88 -0.74 -10.82
CA TYR B 990 12.68 -0.02 -11.84
C TYR B 990 14.15 -0.39 -11.66
N VAL B 991 14.62 -0.47 -10.41
CA VAL B 991 16.07 -0.73 -10.19
C VAL B 991 16.39 -2.11 -10.76
N ALA B 992 15.47 -3.05 -10.61
CA ALA B 992 15.69 -4.41 -11.16
C ALA B 992 15.85 -4.33 -12.68
N ARG B 993 15.04 -3.50 -13.34
CA ARG B 993 15.12 -3.35 -14.82
C ARG B 993 16.58 -3.24 -15.25
#